data_4NYG
# 
_entry.id   4NYG 
# 
_audit_conform.dict_name       mmcif_pdbx.dic 
_audit_conform.dict_version    5.379 
_audit_conform.dict_location   http://mmcif.pdb.org/dictionaries/ascii/mmcif_pdbx.dic 
# 
loop_
_database_2.database_id 
_database_2.database_code 
_database_2.pdbx_database_accession 
_database_2.pdbx_DOI 
PDB   4NYG         pdb_00004nyg 10.2210/pdb4nyg/pdb 
NDB   NA2830       ?            ?                   
RCSB  RCSB083813   ?            ?                   
WWPDB D_1000083813 ?            ?                   
# 
loop_
_pdbx_database_related.db_name 
_pdbx_database_related.db_id 
_pdbx_database_related.details 
_pdbx_database_related.content_type 
PDB 4NYA 'Crystal structure of the E. coli thiM riboswitch in complex with 5-(azidomethyl)-2-methylpyrimidin-4-amine'    
unspecified 
PDB 4NYB 'Crystal structure of the E. coli thiM riboswitch in complex with (4-(1,2,3-thiadiazol-4-yl)phenyl)methanamine' 
unspecified 
PDB 4NYC 'Crystal structure of the E. coli thiM riboswitch in complex with thieno[2,3-b]pyrazin-7-amine'                 
unspecified 
PDB 4NYD 'Crystal structure of the E. coli thiM riboswitch in complex with hypoxanthine'                                 
unspecified 
# 
_pdbx_database_status.entry_id                        4NYG 
_pdbx_database_status.deposit_site                    RCSB 
_pdbx_database_status.process_site                    RCSB 
_pdbx_database_status.recvd_initial_deposition_date   2013-12-10 
_pdbx_database_status.status_code                     REL 
_pdbx_database_status.status_code_sf                  REL 
_pdbx_database_status.status_code_mr                  ? 
_pdbx_database_status.SG_entry                        ? 
_pdbx_database_status.status_code_cs                  ? 
_pdbx_database_status.methods_development_category    ? 
_pdbx_database_status.pdb_format_compatible           Y 
_pdbx_database_status.status_code_nmr_data            ? 
# 
loop_
_audit_author.name 
_audit_author.pdbx_ordinal 
'Warner, K.D.'        1 
'Homan, P.'           2 
'Weeks, K.M.'         3 
'Smith, A.G.'         4 
'Abell, C.'           5 
;Ferre-D'Amare, A.R.
;
6 
# 
_citation.id                        primary 
_citation.title                     
'Validating Fragment-Based Drug Discovery for Biological RNAs: Lead Fragments Bind and Remodel the TPP Riboswitch Specifically.' 
_citation.journal_abbrev            Chem.Biol. 
_citation.journal_volume            21 
_citation.page_first                591 
_citation.page_last                 595 
_citation.year                      2014 
_citation.journal_id_ASTM           CBOLE2 
_citation.country                   UK 
_citation.journal_id_ISSN           1074-5521 
_citation.journal_id_CSD            2050 
_citation.book_publisher            ? 
_citation.pdbx_database_id_PubMed   24768306 
_citation.pdbx_database_id_DOI      10.1016/j.chembiol.2014.03.007 
# 
loop_
_citation_author.citation_id 
_citation_author.name 
_citation_author.ordinal 
_citation_author.identifier_ORCID 
primary 'Warner, K.D.'        1 ? 
primary 'Homan, P.'           2 ? 
primary 'Weeks, K.M.'         3 ? 
primary 'Smith, A.G.'         4 ? 
primary 'Abell, C.'           5 ? 
primary 
;Ferre-D'Amare, A.R.
;
6 ? 
# 
_cell.length_a           61.503 
_cell.length_b           61.503 
_cell.length_c           103.935 
_cell.angle_alpha        90.000 
_cell.angle_beta         90.000 
_cell.angle_gamma        120.000 
_cell.entry_id           4NYG 
_cell.pdbx_unique_axis   ? 
_cell.Z_PDB              6 
_cell.length_a_esd       ? 
_cell.length_b_esd       ? 
_cell.length_c_esd       ? 
_cell.angle_alpha_esd    ? 
_cell.angle_beta_esd     ? 
_cell.angle_gamma_esd    ? 
# 
_symmetry.space_group_name_H-M             'P 32 1 2' 
_symmetry.entry_id                         4NYG 
_symmetry.Int_Tables_number                153 
_symmetry.pdbx_full_space_group_name_H-M   ? 
_symmetry.cell_setting                     ? 
_symmetry.space_group_name_Hall            ? 
# 
loop_
_entity.id 
_entity.type 
_entity.src_method 
_entity.pdbx_description 
_entity.formula_weight 
_entity.pdbx_number_of_molecules 
_entity.pdbx_ec 
_entity.pdbx_mutation 
_entity.pdbx_fragment 
_entity.details 
1 polymer     syn 'thiM TPP riboswitch'                                                                  26860.900 1 ? ? ? ? 
2 non-polymer syn '3-(4-AMINO-2-METHYL-PYRIMIDIN-5-YLMETHYL)-5-(2-HYDROXY-ETHYL)-4-METHYL-THIAZOL-3-IUM' 265.355   1 ? ? ? ? 
3 non-polymer syn 'MAGNESIUM ION'                                                                        24.305    6 ? ? ? ? 
4 water       nat water                                                                                  18.015    4 ? ? ? ? 
# 
_entity_poly.entity_id                      1 
_entity_poly.type                           polyribonucleotide 
_entity_poly.nstd_linkage                   no 
_entity_poly.nstd_monomer                   yes 
_entity_poly.pdbx_seq_one_letter_code       
;GCGACUCGGGGUGCCCUUCUGCGUGAAGGCUGAGAAAUACCCGUAUCACCUGAUCUGGAUAAUGCCAGCGUAGGGAAGUC
GC(A23)
;
_entity_poly.pdbx_seq_one_letter_code_can   
;GCGACUCGGGGUGCCCUUCUGCGUGAAGGCUGAGAAAUACCCGUAUCACCUGAUCUGGAUAAUGCCAGCGUAGGGAAGUC
GCA
;
_entity_poly.pdbx_strand_id                 A 
_entity_poly.pdbx_target_identifier         ? 
# 
loop_
_entity_poly_seq.entity_id 
_entity_poly_seq.num 
_entity_poly_seq.mon_id 
_entity_poly_seq.hetero 
1 1  G   n 
1 2  C   n 
1 3  G   n 
1 4  A   n 
1 5  C   n 
1 6  U   n 
1 7  C   n 
1 8  G   n 
1 9  G   n 
1 10 G   n 
1 11 G   n 
1 12 U   n 
1 13 G   n 
1 14 C   n 
1 15 C   n 
1 16 C   n 
1 17 U   n 
1 18 U   n 
1 19 C   n 
1 20 U   n 
1 21 G   n 
1 22 C   n 
1 23 G   n 
1 24 U   n 
1 25 G   n 
1 26 A   n 
1 27 A   n 
1 28 G   n 
1 29 G   n 
1 30 C   n 
1 31 U   n 
1 32 G   n 
1 33 A   n 
1 34 G   n 
1 35 A   n 
1 36 A   n 
1 37 A   n 
1 38 U   n 
1 39 A   n 
1 40 C   n 
1 41 C   n 
1 42 C   n 
1 43 G   n 
1 44 U   n 
1 45 A   n 
1 46 U   n 
1 47 C   n 
1 48 A   n 
1 49 C   n 
1 50 C   n 
1 51 U   n 
1 52 G   n 
1 53 A   n 
1 54 U   n 
1 55 C   n 
1 56 U   n 
1 57 G   n 
1 58 G   n 
1 59 A   n 
1 60 U   n 
1 61 A   n 
1 62 A   n 
1 63 U   n 
1 64 G   n 
1 65 C   n 
1 66 C   n 
1 67 A   n 
1 68 G   n 
1 69 C   n 
1 70 G   n 
1 71 U   n 
1 72 A   n 
1 73 G   n 
1 74 G   n 
1 75 G   n 
1 76 A   n 
1 77 A   n 
1 78 G   n 
1 79 U   n 
1 80 C   n 
1 81 G   n 
1 82 C   n 
1 83 A23 n 
# 
_pdbx_entity_src_syn.entity_id              1 
_pdbx_entity_src_syn.pdbx_src_id            1 
_pdbx_entity_src_syn.pdbx_alt_source_flag   sample 
_pdbx_entity_src_syn.pdbx_beg_seq_num       ? 
_pdbx_entity_src_syn.pdbx_end_seq_num       ? 
_pdbx_entity_src_syn.organism_scientific    'Escherichia coli' 
_pdbx_entity_src_syn.organism_common_name   ? 
_pdbx_entity_src_syn.ncbi_taxonomy_id       562 
_pdbx_entity_src_syn.details                ? 
# 
_struct_ref.id                         1 
_struct_ref.db_name                    PDB 
_struct_ref.db_code                    4NYG 
_struct_ref.pdbx_db_accession          4NYG 
_struct_ref.entity_id                  1 
_struct_ref.pdbx_align_begin           1 
_struct_ref.pdbx_seq_one_letter_code   
;GCGACUCGGGGUGCCCUUCUGCGUGAAGGCUGAGAAAUACCCGUAUCACCUGAUCUGGAUAAUGCCAGCGUAGGGAAGUC
GC(A23)
;
_struct_ref.pdbx_db_isoform            ? 
# 
_struct_ref_seq.align_id                      1 
_struct_ref_seq.ref_id                        1 
_struct_ref_seq.pdbx_PDB_id_code              4NYG 
_struct_ref_seq.pdbx_strand_id                A 
_struct_ref_seq.seq_align_beg                 1 
_struct_ref_seq.pdbx_seq_align_beg_ins_code   ? 
_struct_ref_seq.seq_align_end                 83 
_struct_ref_seq.pdbx_seq_align_end_ins_code   ? 
_struct_ref_seq.pdbx_db_accession             4NYG 
_struct_ref_seq.db_align_beg                  9 
_struct_ref_seq.pdbx_db_align_beg_ins_code    ? 
_struct_ref_seq.db_align_end                  91 
_struct_ref_seq.pdbx_db_align_end_ins_code    ? 
_struct_ref_seq.pdbx_auth_seq_align_beg       9 
_struct_ref_seq.pdbx_auth_seq_align_end       91 
# 
loop_
_chem_comp.id 
_chem_comp.type 
_chem_comp.mon_nstd_flag 
_chem_comp.name 
_chem_comp.pdbx_synonyms 
_chem_comp.formula 
_chem_comp.formula_weight 
A   'RNA linking' y "ADENOSINE-5'-MONOPHOSPHATE"                                                           ?                     
'C10 H14 N5 O7 P'  347.221 
A23 'RNA linking' n 
;ADENOSINE-5'-PHOSPHATE-2',3'-CYCLIC PHOSPHATE
;
?                     'C10 H13 N5 O9 P2' 409.186 
C   'RNA linking' y "CYTIDINE-5'-MONOPHOSPHATE"                                                            ?                     
'C9 H14 N3 O8 P'   323.197 
G   'RNA linking' y "GUANOSINE-5'-MONOPHOSPHATE"                                                           ?                     
'C10 H14 N5 O8 P'  363.221 
HOH non-polymer   . WATER                                                                                  ?                     
'H2 O'             18.015  
MG  non-polymer   . 'MAGNESIUM ION'                                                                        ?                     
'Mg 2'             24.305  
U   'RNA linking' y "URIDINE-5'-MONOPHOSPHATE"                                                             ?                     
'C9 H13 N2 O9 P'   324.181 
VIB non-polymer   . '3-(4-AMINO-2-METHYL-PYRIMIDIN-5-YLMETHYL)-5-(2-HYDROXY-ETHYL)-4-METHYL-THIAZOL-3-IUM' 'THIAMIN; VITAMIN B1' 
'C12 H17 N4 O S 1' 265.355 
# 
_exptl.crystals_number   1 
_exptl.entry_id          4NYG 
_exptl.method            'X-RAY DIFFRACTION' 
# 
_exptl_crystal.id                    1 
_exptl_crystal.density_Matthews      2.11 
_exptl_crystal.density_meas          ? 
_exptl_crystal.density_percent_sol   41.78 
_exptl_crystal.description           ? 
_exptl_crystal.F_000                 ? 
_exptl_crystal.preparation           ? 
# 
_exptl_crystal_grow.crystal_id      1 
_exptl_crystal_grow.method          'VAPOR DIFFUSION, HANGING DROP' 
_exptl_crystal_grow.pH              7.0 
_exptl_crystal_grow.temp            294 
_exptl_crystal_grow.temp_details    ? 
_exptl_crystal_grow.pdbx_details    
;30% PEG2000, 0.35 M ammonium chloride, 50 mM succinate/KOH, pH 7.0, 10 mM zinc chloride, VAPOR DIFFUSION, HANGING DROP, temperature 294K
;
_exptl_crystal_grow.pdbx_pH_range   ? 
# 
_diffrn.id                     1 
_diffrn.ambient_temp           100 
_diffrn.ambient_temp_details   ? 
_diffrn.crystal_id             1 
# 
_diffrn_detector.diffrn_id              1 
_diffrn_detector.detector               CCD 
_diffrn_detector.type                   'ADSC QUANTUM 315r' 
_diffrn_detector.pdbx_collection_date   2012-09-12 
_diffrn_detector.details                ? 
# 
_diffrn_radiation.diffrn_id                        1 
_diffrn_radiation.wavelength_id                    1 
_diffrn_radiation.pdbx_diffrn_protocol             'SINGLE WAVELENGTH' 
_diffrn_radiation.monochromator                    ? 
_diffrn_radiation.pdbx_monochromatic_or_laue_m_l   M 
_diffrn_radiation.pdbx_scattering_type             x-ray 
# 
_diffrn_radiation_wavelength.id           1 
_diffrn_radiation_wavelength.wavelength   0.99999 
_diffrn_radiation_wavelength.wt           1.0 
# 
_diffrn_source.diffrn_id                   1 
_diffrn_source.source                      SYNCHROTRON 
_diffrn_source.type                        'ALS BEAMLINE 5.0.2' 
_diffrn_source.pdbx_wavelength             ? 
_diffrn_source.pdbx_wavelength_list        0.99999 
_diffrn_source.pdbx_synchrotron_site       ALS 
_diffrn_source.pdbx_synchrotron_beamline   5.0.2 
# 
_reflns.entry_id                     4NYG 
_reflns.d_resolution_high            3.050 
_reflns.d_resolution_low             30.0 
_reflns.number_obs                   4410 
_reflns.pdbx_Rmerge_I_obs            0.164 
_reflns.pdbx_netI_over_sigmaI        12.9 
_reflns.pdbx_chi_squared             2.153 
_reflns.pdbx_redundancy              11.3 
_reflns.percent_possible_obs         99.9 
_reflns.observed_criterion_sigma_F   ? 
_reflns.observed_criterion_sigma_I   ? 
_reflns.number_all                   ? 
_reflns.pdbx_Rsym_value              ? 
_reflns.B_iso_Wilson_estimate        ? 
_reflns.R_free_details               ? 
_reflns.limit_h_max                  ? 
_reflns.limit_h_min                  ? 
_reflns.limit_k_max                  ? 
_reflns.limit_k_min                  ? 
_reflns.limit_l_max                  ? 
_reflns.limit_l_min                  ? 
_reflns.observed_criterion_F_max     ? 
_reflns.observed_criterion_F_min     ? 
_reflns.pdbx_scaling_rejects         ? 
_reflns.pdbx_ordinal                 1 
_reflns.pdbx_diffrn_id               1 
# 
loop_
_reflns_shell.d_res_high 
_reflns_shell.d_res_low 
_reflns_shell.number_measured_obs 
_reflns_shell.number_measured_all 
_reflns_shell.number_unique_obs 
_reflns_shell.Rmerge_I_obs 
_reflns_shell.meanI_over_sigI_obs 
_reflns_shell.pdbx_Rsym_value 
_reflns_shell.pdbx_chi_squared 
_reflns_shell.pdbx_redundancy 
_reflns_shell.percent_possible_obs 
_reflns_shell.number_unique_all 
_reflns_shell.percent_possible_all 
_reflns_shell.pdbx_ordinal 
_reflns_shell.pdbx_diffrn_id 
3.050 3.100  ? ? ? 0.696 ? ? 1.014 8.40  ? 214 99.1  1  1 
3.100 3.160  ? ? ? 0.652 ? ? 1.038 9.30  ? 212 100.0 2  1 
3.160 3.220  ? ? ? 0.507 ? ? 1.050 10.10 ? 231 100.0 3  1 
3.220 3.290  ? ? ? 0.435 ? ? 1.156 10.90 ? 196 100.0 4  1 
3.290 3.360  ? ? ? 0.382 ? ? 1.174 11.40 ? 221 100.0 5  1 
3.360 3.430  ? ? ? 0.368 ? ? 1.281 11.70 ? 227 100.0 6  1 
3.430 3.520  ? ? ? 0.345 ? ? 1.311 12.10 ? 210 100.0 7  1 
3.520 3.620  ? ? ? 0.340 ? ? 1.493 12.00 ? 214 100.0 8  1 
3.620 3.720  ? ? ? 0.309 ? ? 1.650 12.00 ? 207 100.0 9  1 
3.720 3.840  ? ? ? 0.277 ? ? 1.786 11.90 ? 240 100.0 10 1 
3.840 3.980  ? ? ? 0.252 ? ? 2.005 12.20 ? 211 100.0 11 1 
3.980 4.140  ? ? ? 0.232 ? ? 2.044 12.20 ? 219 100.0 12 1 
4.140 4.330  ? ? ? 0.208 ? ? 2.483 11.80 ? 221 100.0 13 1 
4.330 4.550  ? ? ? 0.204 ? ? 2.754 11.90 ? 211 100.0 14 1 
4.550 4.840  ? ? ? 0.183 ? ? 2.816 12.00 ? 229 100.0 15 1 
4.840 5.210  ? ? ? 0.169 ? ? 3.280 11.50 ? 229 100.0 16 1 
5.210 5.730  ? ? ? 0.162 ? ? 3.472 11.50 ? 219 100.0 17 1 
5.730 6.550  ? ? ? 0.160 ? ? 3.506 11.20 ? 221 100.0 18 1 
6.550 8.220  ? ? ? 0.150 ? ? 3.656 10.80 ? 232 100.0 19 1 
8.220 30.000 ? ? ? 0.130 ? ? 3.239 10.50 ? 246 98.4  20 1 
# 
_refine.entry_id                                 4NYG 
_refine.ls_d_res_high                            3.050 
_refine.ls_d_res_low                             30.0 
_refine.pdbx_ls_sigma_F                          0.0 
_refine.pdbx_data_cutoff_high_absF               ? 
_refine.pdbx_data_cutoff_low_absF                ? 
_refine.ls_percent_reflns_obs                    94.2 
_refine.ls_number_reflns_obs                     4200 
_refine.ls_number_reflns_all                     ? 
_refine.pdbx_ls_cross_valid_method               ? 
_refine.pdbx_R_Free_selection_details            ? 
_refine.details                                  ? 
_refine.ls_R_factor_all                          ? 
_refine.ls_R_factor_obs                          ? 
_refine.ls_R_factor_R_work                       0.2488 
_refine.ls_wR_factor_R_work                      ? 
_refine.ls_R_factor_R_free                       0.3229 
_refine.ls_wR_factor_R_free                      ? 
_refine.ls_percent_reflns_R_free                 9.8 
_refine.ls_number_reflns_R_free                  435 
_refine.ls_R_factor_R_free_error                 ? 
_refine.B_iso_mean                               109.6860 
_refine.solvent_model_param_bsol                 19.6923 
_refine.solvent_model_param_ksol                 ? 
_refine.pdbx_isotropic_thermal_model             ? 
_refine.aniso_B[1][1]                            11.7930 
_refine.aniso_B[2][2]                            11.7930 
_refine.aniso_B[3][3]                            -23.5860 
_refine.aniso_B[1][2]                            0.0000 
_refine.aniso_B[1][3]                            0.0000 
_refine.aniso_B[2][3]                            0.0000 
_refine.correlation_coeff_Fo_to_Fc               ? 
_refine.correlation_coeff_Fo_to_Fc_free          ? 
_refine.overall_SU_R_Cruickshank_DPI             ? 
_refine.overall_SU_R_free                        ? 
_refine.pdbx_overall_ESU_R                       ? 
_refine.pdbx_overall_ESU_R_Free                  ? 
_refine.overall_SU_ML                            ? 
_refine.overall_SU_B                             ? 
_refine.solvent_model_details                    ? 
_refine.pdbx_solvent_vdw_probe_radii             ? 
_refine.pdbx_solvent_ion_probe_radii             ? 
_refine.pdbx_solvent_shrinkage_radii             ? 
_refine.ls_number_parameters                     ? 
_refine.ls_number_restraints                     ? 
_refine.pdbx_starting_model                      'PDB ENTRY 2HOJ' 
_refine.pdbx_method_to_determine_struct          'MOLECULAR REPLACEMENT' 
_refine.pdbx_stereochemistry_target_values       ? 
_refine.pdbx_stereochem_target_val_spec_case     ? 
_refine.overall_FOM_work_R_set                   ? 
_refine.B_iso_max                                187.280 
_refine.B_iso_min                                37.270 
_refine.pdbx_overall_phase_error                 ? 
_refine.occupancy_max                            1.000 
_refine.occupancy_min                            1.000 
_refine.pdbx_ls_sigma_I                          ? 
_refine.ls_redundancy_reflns_obs                 ? 
_refine.ls_R_factor_R_free_error_details         ? 
_refine.pdbx_data_cutoff_high_rms_absF           ? 
_refine.overall_FOM_free_R_set                   ? 
_refine.pdbx_diffrn_id                           1 
_refine.pdbx_refine_id                           'X-RAY DIFFRACTION' 
_refine.pdbx_TLS_residual_ADP_flag               ? 
_refine.pdbx_overall_SU_R_free_Cruickshank_DPI   ? 
_refine.pdbx_overall_SU_R_Blow_DPI               ? 
_refine.pdbx_overall_SU_R_free_Blow_DPI          ? 
# 
_refine_hist.pdbx_refine_id                   'X-RAY DIFFRACTION' 
_refine_hist.cycle_id                         LAST 
_refine_hist.pdbx_number_atoms_protein        0 
_refine_hist.pdbx_number_atoms_nucleic_acid   1582 
_refine_hist.pdbx_number_atoms_ligand         24 
_refine_hist.number_atoms_solvent             4 
_refine_hist.number_atoms_total               1610 
_refine_hist.d_res_high                       3.050 
_refine_hist.d_res_low                        30.0 
# 
loop_
_refine_ls_restr.type 
_refine_ls_restr.number 
_refine_ls_restr.dev_ideal 
_refine_ls_restr.dev_ideal_target 
_refine_ls_restr.weight 
_refine_ls_restr.pdbx_restraint_function 
_refine_ls_restr.pdbx_refine_id 
c_bond_d     ? 0.006 ?     ? ? 'X-RAY DIFFRACTION' 
c_angle_d    ? 1.062 ?     ? ? 'X-RAY DIFFRACTION' 
c_mcbond_it  ? 0.000 1.500 ? ? 'X-RAY DIFFRACTION' 
c_scbond_it  ? 1.892 2.000 ? ? 'X-RAY DIFFRACTION' 
c_mcangle_it ? 0.000 2.000 ? ? 'X-RAY DIFFRACTION' 
c_scangle_it ? 3.115 2.500 ? ? 'X-RAY DIFFRACTION' 
# 
loop_
_pdbx_xplor_file.serial_no 
_pdbx_xplor_file.param_file 
_pdbx_xplor_file.topol_file 
_pdbx_xplor_file.pdbx_refine_id 
1 CNS_TOPPAR:protein_rep.param CNS_TOPPAR:protein.top 'X-RAY DIFFRACTION' 
2 cycp-dna-rna_rep-12.param    cycp-dna-rna-12.top    'X-RAY DIFFRACTION' 
3 CNS_TOPPAR:water_rep.param   CNS_TOPPAR:water.top   'X-RAY DIFFRACTION' 
4 CNS_TOPPAR:ion.param         CNS_TOPPAR:ion.top     'X-RAY DIFFRACTION' 
5 thia.param                   thia.top               'X-RAY DIFFRACTION' 
# 
_struct.entry_id                  4NYG 
_struct.title                     'Crystal structure of the E. coli thiM riboswitch in complex with thiamine' 
_struct.pdbx_model_details        ? 
_struct.pdbx_CASP_flag            ? 
_struct.pdbx_model_type_details   ? 
# 
_struct_keywords.entry_id        4NYG 
_struct_keywords.pdbx_keywords   RNA 
_struct_keywords.text            'fragment-based drug discovery, riboswitch, RNA' 
# 
loop_
_struct_asym.id 
_struct_asym.pdbx_blank_PDB_chainid_flag 
_struct_asym.pdbx_modified 
_struct_asym.entity_id 
_struct_asym.details 
A N N 1 ? 
B N N 2 ? 
C N N 3 ? 
D N N 3 ? 
E N N 3 ? 
F N N 3 ? 
G N N 3 ? 
H N N 3 ? 
I N N 4 ? 
# 
_struct_biol.id        1 
_struct_biol.details   ? 
# 
loop_
_struct_conn.id 
_struct_conn.conn_type_id 
_struct_conn.pdbx_leaving_atom_flag 
_struct_conn.pdbx_PDB_id 
_struct_conn.ptnr1_label_asym_id 
_struct_conn.ptnr1_label_comp_id 
_struct_conn.ptnr1_label_seq_id 
_struct_conn.ptnr1_label_atom_id 
_struct_conn.pdbx_ptnr1_label_alt_id 
_struct_conn.pdbx_ptnr1_PDB_ins_code 
_struct_conn.pdbx_ptnr1_standard_comp_id 
_struct_conn.ptnr1_symmetry 
_struct_conn.ptnr2_label_asym_id 
_struct_conn.ptnr2_label_comp_id 
_struct_conn.ptnr2_label_seq_id 
_struct_conn.ptnr2_label_atom_id 
_struct_conn.pdbx_ptnr2_label_alt_id 
_struct_conn.pdbx_ptnr2_PDB_ins_code 
_struct_conn.ptnr1_auth_asym_id 
_struct_conn.ptnr1_auth_comp_id 
_struct_conn.ptnr1_auth_seq_id 
_struct_conn.ptnr2_auth_asym_id 
_struct_conn.ptnr2_auth_comp_id 
_struct_conn.ptnr2_auth_seq_id 
_struct_conn.ptnr2_symmetry 
_struct_conn.pdbx_ptnr3_label_atom_id 
_struct_conn.pdbx_ptnr3_label_seq_id 
_struct_conn.pdbx_ptnr3_label_comp_id 
_struct_conn.pdbx_ptnr3_label_asym_id 
_struct_conn.pdbx_ptnr3_label_alt_id 
_struct_conn.pdbx_ptnr3_PDB_ins_code 
_struct_conn.details 
_struct_conn.pdbx_dist_value 
_struct_conn.pdbx_value_order 
_struct_conn.pdbx_role 
covale1  covale both ? A C  82 "O3'" ? ? ? 1_555 A A23 83 P  ? ? A C  90  A A23 91  1_555 ? ? ? ? ? ? ?                    1.598 ? 
? 
metalc1  metalc ?    ? A G  9  O6    ? ? ? 1_555 D MG  .  MG ? ? A G  17  A MG  103 1_555 ? ? ? ? ? ? ?                    2.908 ? 
? 
metalc2  metalc ?    ? A A  27 OP2   ? ? ? 1_555 F MG  .  MG ? ? A A  35  A MG  105 1_555 ? ? ? ? ? ? ?                    2.946 ? 
? 
metalc3  metalc ?    ? A G  32 OP1   ? ? ? 1_555 E MG  .  MG ? ? A G  40  A MG  104 1_555 ? ? ? ? ? ? ?                    2.785 ? 
? 
metalc4  metalc ?    ? C MG .  MG    ? ? ? 1_555 I HOH .  O  ? ? A MG 102 A HOH 201 1_555 ? ? ? ? ? ? ?                    2.409 ? 
? 
metalc5  metalc ?    ? H MG .  MG    ? ? ? 1_555 I HOH .  O  ? ? A MG 107 A HOH 204 1_555 ? ? ? ? ? ? ?                    1.967 ? 
? 
hydrog1  hydrog ?    ? A G  1  N1    ? ? ? 1_555 A C   82 N3 ? ? A G  9   A C   90  1_555 ? ? ? ? ? ? WATSON-CRICK         ?     ? 
? 
hydrog2  hydrog ?    ? A G  1  N2    ? ? ? 1_555 A C   82 O2 ? ? A G  9   A C   90  1_555 ? ? ? ? ? ? WATSON-CRICK         ?     ? 
? 
hydrog3  hydrog ?    ? A G  1  O6    ? ? ? 1_555 A C   82 N4 ? ? A G  9   A C   90  1_555 ? ? ? ? ? ? WATSON-CRICK         ?     ? 
? 
hydrog4  hydrog ?    ? A C  2  N3    ? ? ? 1_555 A G   81 N1 ? ? A C  10  A G   89  1_555 ? ? ? ? ? ? WATSON-CRICK         ?     ? 
? 
hydrog5  hydrog ?    ? A C  2  N4    ? ? ? 1_555 A G   81 O6 ? ? A C  10  A G   89  1_555 ? ? ? ? ? ? WATSON-CRICK         ?     ? 
? 
hydrog6  hydrog ?    ? A C  2  O2    ? ? ? 1_555 A G   81 N2 ? ? A C  10  A G   89  1_555 ? ? ? ? ? ? WATSON-CRICK         ?     ? 
? 
hydrog7  hydrog ?    ? A G  3  N1    ? ? ? 1_555 A C   80 N3 ? ? A G  11  A C   88  1_555 ? ? ? ? ? ? WATSON-CRICK         ?     ? 
? 
hydrog8  hydrog ?    ? A G  3  N2    ? ? ? 1_555 A C   80 O2 ? ? A G  11  A C   88  1_555 ? ? ? ? ? ? WATSON-CRICK         ?     ? 
? 
hydrog9  hydrog ?    ? A G  3  O6    ? ? ? 1_555 A C   80 N4 ? ? A G  11  A C   88  1_555 ? ? ? ? ? ? WATSON-CRICK         ?     ? 
? 
hydrog10 hydrog ?    ? A A  4  N1    ? ? ? 1_555 A U   79 N3 ? ? A A  12  A U   87  1_555 ? ? ? ? ? ? WATSON-CRICK         ?     ? 
? 
hydrog11 hydrog ?    ? A A  4  N6    ? ? ? 1_555 A U   79 O4 ? ? A A  12  A U   87  1_555 ? ? ? ? ? ? WATSON-CRICK         ?     ? 
? 
hydrog12 hydrog ?    ? A C  5  O2    ? ? ? 1_555 A G   78 N2 ? ? A C  13  A G   86  1_555 ? ? ? ? ? ? 'C-G PAIR'           ?     ? 
? 
hydrog13 hydrog ?    ? A C  7  N3    ? ? ? 1_555 A G   43 N1 ? ? A C  15  A G   51  1_555 ? ? ? ? ? ? WATSON-CRICK         ?     ? 
? 
hydrog14 hydrog ?    ? A C  7  N4    ? ? ? 1_555 A G   43 O6 ? ? A C  15  A G   51  1_555 ? ? ? ? ? ? WATSON-CRICK         ?     ? 
? 
hydrog15 hydrog ?    ? A C  7  O2    ? ? ? 1_555 A G   43 N2 ? ? A C  15  A G   51  1_555 ? ? ? ? ? ? WATSON-CRICK         ?     ? 
? 
hydrog16 hydrog ?    ? A G  8  N1    ? ? ? 1_555 A C   42 N3 ? ? A G  16  A C   50  1_555 ? ? ? ? ? ? WATSON-CRICK         ?     ? 
? 
hydrog17 hydrog ?    ? A G  8  N2    ? ? ? 1_555 A C   42 O2 ? ? A G  16  A C   50  1_555 ? ? ? ? ? ? WATSON-CRICK         ?     ? 
? 
hydrog18 hydrog ?    ? A G  8  O6    ? ? ? 1_555 A C   42 N4 ? ? A G  16  A C   50  1_555 ? ? ? ? ? ? WATSON-CRICK         ?     ? 
? 
hydrog19 hydrog ?    ? A G  8  N2    ? ? ? 1_555 A A   76 N3 ? ? A G  16  A A   84  1_555 ? ? ? ? ? ? 'G-A MISPAIR'        ?     ? 
? 
hydrog20 hydrog ?    ? A G  9  N1    ? ? ? 1_555 A C   41 N3 ? ? A G  17  A C   49  1_555 ? ? ? ? ? ? WATSON-CRICK         ?     ? 
? 
hydrog21 hydrog ?    ? A G  9  N2    ? ? ? 1_555 A C   41 O2 ? ? A G  17  A C   49  1_555 ? ? ? ? ? ? WATSON-CRICK         ?     ? 
? 
hydrog22 hydrog ?    ? A G  9  O6    ? ? ? 1_555 A C   41 N4 ? ? A G  17  A C   49  1_555 ? ? ? ? ? ? WATSON-CRICK         ?     ? 
? 
hydrog23 hydrog ?    ? A G  9  N2    ? ? ? 1_555 A A   48 N3 ? ? A G  17  A A   56  1_555 ? ? ? ? ? ? 'G-A MISPAIR'        ?     ? 
? 
hydrog24 hydrog ?    ? A G  10 N1    ? ? ? 1_555 A C   40 O2 ? ? A G  18  A C   48  1_555 ? ? ? ? ? ? 'G-C PAIR'           ?     ? 
? 
hydrog25 hydrog ?    ? A G  11 N2    ? ? ? 1_555 A G   34 N3 ? ? A G  19  A G   42  1_555 ? ? ? ? ? ? TYPE_4_PAIR          ?     ? 
? 
hydrog26 hydrog ?    ? A G  11 N3    ? ? ? 1_555 A G   34 N2 ? ? A G  19  A G   42  1_555 ? ? ? ? ? ? TYPE_4_PAIR          ?     ? 
? 
hydrog27 hydrog ?    ? A G  11 N1    ? ? ? 1_555 A A   39 N1 ? ? A G  19  A A   47  1_555 ? ? ? ? ? ? TYPE_8_PAIR          ?     ? 
? 
hydrog28 hydrog ?    ? A G  11 O6    ? ? ? 1_555 A A   39 N6 ? ? A G  19  A A   47  1_555 ? ? ? ? ? ? TYPE_8_PAIR          ?     ? 
? 
hydrog29 hydrog ?    ? A U  12 N3    ? ? ? 1_555 A A   37 N1 ? ? A U  20  A A   45  1_555 ? ? ? ? ? ? WATSON-CRICK         ?     ? 
? 
hydrog30 hydrog ?    ? A U  12 O4    ? ? ? 1_555 A A   37 N6 ? ? A U  20  A A   45  1_555 ? ? ? ? ? ? WATSON-CRICK         ?     ? 
? 
hydrog31 hydrog ?    ? A G  13 N1    ? ? ? 1_555 A C   30 N3 ? ? A G  21  A C   38  1_555 ? ? ? ? ? ? WATSON-CRICK         ?     ? 
? 
hydrog32 hydrog ?    ? A G  13 N2    ? ? ? 1_555 A C   30 O2 ? ? A G  21  A C   38  1_555 ? ? ? ? ? ? WATSON-CRICK         ?     ? 
? 
hydrog33 hydrog ?    ? A G  13 O6    ? ? ? 1_555 A C   30 N4 ? ? A G  21  A C   38  1_555 ? ? ? ? ? ? WATSON-CRICK         ?     ? 
? 
hydrog34 hydrog ?    ? A G  13 N2    ? ? ? 1_555 A U   63 O2 ? ? A G  21  A U   71  1_555 ? ? ? ? ? ? 'G-U MISPAIR'        ?     ? 
? 
hydrog35 hydrog ?    ? A C  14 O2    ? ? ? 1_555 A G   29 N2 ? ? A C  22  A G   37  1_555 ? ? ? ? ? ? 'C-G PAIR'           ?     ? 
? 
hydrog36 hydrog ?    ? A C  15 N3    ? ? ? 1_555 A G   28 N1 ? ? A C  23  A G   36  1_555 ? ? ? ? ? ? WATSON-CRICK         ?     ? 
? 
hydrog37 hydrog ?    ? A C  15 N4    ? ? ? 1_555 A G   28 O6 ? ? A C  23  A G   36  1_555 ? ? ? ? ? ? WATSON-CRICK         ?     ? 
? 
hydrog38 hydrog ?    ? A C  15 O2    ? ? ? 1_555 A G   28 N2 ? ? A C  23  A G   36  1_555 ? ? ? ? ? ? WATSON-CRICK         ?     ? 
? 
hydrog39 hydrog ?    ? A U  31 N3    ? ? ? 1_555 A A   35 N7 ? ? A U  39  A A   43  1_555 ? ? ? ? ? ? 'REVERSED HOOGSTEEN' ?     ? 
? 
hydrog40 hydrog ?    ? A U  31 O2    ? ? ? 1_555 A A   35 N6 ? ? A U  39  A A   43  1_555 ? ? ? ? ? ? 'REVERSED HOOGSTEEN' ?     ? 
? 
hydrog41 hydrog ?    ? A A  45 N7    ? ? ? 1_555 A A   76 N6 ? ? A A  53  A A   84  1_555 ? ? ? ? ? ? 'A-A MISPAIR'        ?     ? 
? 
hydrog42 hydrog ?    ? A A  48 N6    ? ? ? 1_555 A G   75 N3 ? ? A A  56  A G   83  1_555 ? ? ? ? ? ? TYPE_11_PAIR         ?     ? 
? 
hydrog43 hydrog ?    ? A A  48 N7    ? ? ? 1_555 A G   75 N2 ? ? A A  56  A G   83  1_555 ? ? ? ? ? ? TYPE_11_PAIR         ?     ? 
? 
hydrog44 hydrog ?    ? A C  49 N3    ? ? ? 1_555 A G   74 N1 ? ? A C  57  A G   82  1_555 ? ? ? ? ? ? WATSON-CRICK         ?     ? 
? 
hydrog45 hydrog ?    ? A C  49 N4    ? ? ? 1_555 A G   74 O6 ? ? A C  57  A G   82  1_555 ? ? ? ? ? ? WATSON-CRICK         ?     ? 
? 
hydrog46 hydrog ?    ? A C  49 O2    ? ? ? 1_555 A G   74 N2 ? ? A C  57  A G   82  1_555 ? ? ? ? ? ? WATSON-CRICK         ?     ? 
? 
hydrog47 hydrog ?    ? A C  50 N3    ? ? ? 1_555 A G   73 N1 ? ? A C  58  A G   81  1_555 ? ? ? ? ? ? WATSON-CRICK         ?     ? 
? 
hydrog48 hydrog ?    ? A C  50 N4    ? ? ? 1_555 A G   73 O6 ? ? A C  58  A G   81  1_555 ? ? ? ? ? ? WATSON-CRICK         ?     ? 
? 
hydrog49 hydrog ?    ? A C  50 O2    ? ? ? 1_555 A G   73 N2 ? ? A C  58  A G   81  1_555 ? ? ? ? ? ? WATSON-CRICK         ?     ? 
? 
hydrog50 hydrog ?    ? A U  51 N3    ? ? ? 1_555 A A   72 N1 ? ? A U  59  A A   80  1_555 ? ? ? ? ? ? WATSON-CRICK         ?     ? 
? 
hydrog51 hydrog ?    ? A U  51 O4    ? ? ? 1_555 A A   72 N6 ? ? A U  59  A A   80  1_555 ? ? ? ? ? ? WATSON-CRICK         ?     ? 
? 
hydrog52 hydrog ?    ? A G  52 N1    ? ? ? 1_555 A C   69 N3 ? ? A G  60  A C   77  1_555 ? ? ? ? ? ? 'G-C PAIR'           ?     ? 
? 
hydrog53 hydrog ?    ? A G  58 N2    ? ? ? 1_555 A C   65 N3 ? ? A G  66  A C   73  1_555 ? ? ? ? ? ? 'G-C PAIR'           ?     ? 
? 
hydrog54 hydrog ?    ? A G  58 N1    ? ? ? 1_555 A C   66 N3 ? ? A G  66  A C   74  1_555 ? ? ? ? ? ? 'G-C PAIR'           ?     ? 
? 
# 
loop_
_struct_conn_type.id 
_struct_conn_type.criteria 
_struct_conn_type.reference 
covale ? ? 
metalc ? ? 
hydrog ? ? 
# 
loop_
_struct_site.id 
_struct_site.pdbx_evidence_code 
_struct_site.pdbx_auth_asym_id 
_struct_site.pdbx_auth_comp_id 
_struct_site.pdbx_auth_seq_id 
_struct_site.pdbx_auth_ins_code 
_struct_site.pdbx_num_residues 
_struct_site.details 
AC1 Software A VIB 101 ? 5 'BINDING SITE FOR RESIDUE VIB A 101' 
AC2 Software A MG  102 ? 2 'BINDING SITE FOR RESIDUE MG A 102'  
AC3 Software A MG  103 ? 1 'BINDING SITE FOR RESIDUE MG A 103'  
AC4 Software A MG  104 ? 1 'BINDING SITE FOR RESIDUE MG A 104'  
AC5 Software A MG  105 ? 2 'BINDING SITE FOR RESIDUE MG A 105'  
AC6 Software A MG  106 ? 2 'BINDING SITE FOR RESIDUE MG A 106'  
AC7 Software A MG  107 ? 2 'BINDING SITE FOR RESIDUE MG A 107'  
# 
loop_
_struct_site_gen.id 
_struct_site_gen.site_id 
_struct_site_gen.pdbx_num_res 
_struct_site_gen.label_comp_id 
_struct_site_gen.label_asym_id 
_struct_site_gen.label_seq_id 
_struct_site_gen.pdbx_auth_ins_code 
_struct_site_gen.auth_comp_id 
_struct_site_gen.auth_asym_id 
_struct_site_gen.auth_seq_id 
_struct_site_gen.label_atom_id 
_struct_site_gen.label_alt_id 
_struct_site_gen.symmetry 
_struct_site_gen.details 
1  AC1 5 G   A 11 ? G   A 19  . ? 1_555 ? 
2  AC1 5 G   A 34 ? G   A 42  . ? 1_555 ? 
3  AC1 5 A   A 35 ? A   A 43  . ? 1_555 ? 
4  AC1 5 C   A 49 ? C   A 57  . ? 1_555 ? 
5  AC1 5 G   A 64 ? G   A 72  . ? 1_555 ? 
6  AC2 2 A   A 33 ? A   A 41  . ? 1_555 ? 
7  AC2 2 HOH I .  ? HOH A 201 . ? 1_555 ? 
8  AC3 1 G   A 9  ? G   A 17  . ? 1_555 ? 
9  AC4 1 G   A 32 ? G   A 40  . ? 1_555 ? 
10 AC5 2 A   A 27 ? A   A 35  . ? 1_555 ? 
11 AC5 2 G   A 28 ? G   A 36  . ? 1_555 ? 
12 AC6 2 A   A 72 ? A   A 80  . ? 1_555 ? 
13 AC6 2 G   A 73 ? G   A 81  . ? 1_555 ? 
14 AC7 2 G   A 32 ? G   A 40  . ? 1_555 ? 
15 AC7 2 HOH I .  ? HOH A 204 . ? 1_555 ? 
# 
_atom_sites.entry_id                    4NYG 
_atom_sites.fract_transf_matrix[1][1]   0.00080851 
_atom_sites.fract_transf_matrix[1][2]   -0.00221629 
_atom_sites.fract_transf_matrix[1][3]   0.01862539 
_atom_sites.fract_transf_matrix[2][1]   0.01568234 
_atom_sites.fract_transf_matrix[2][2]   0.00445581 
_atom_sites.fract_transf_matrix[2][3]   0.00931186 
_atom_sites.fract_transf_matrix[3][1]   -0.00326608 
_atom_sites.fract_transf_matrix[3][2]   0.00896854 
_atom_sites.fract_transf_matrix[3][3]   0.00120897 
_atom_sites.fract_transf_vector[1]      0.018624 
_atom_sites.fract_transf_vector[2]      0.320195 
_atom_sites.fract_transf_vector[3]      0.059440 
# 
loop_
_atom_type.symbol 
C  
MG 
N  
O  
P  
S  
# 
loop_
_atom_site.group_PDB 
_atom_site.id 
_atom_site.type_symbol 
_atom_site.label_atom_id 
_atom_site.label_alt_id 
_atom_site.label_comp_id 
_atom_site.label_asym_id 
_atom_site.label_entity_id 
_atom_site.label_seq_id 
_atom_site.pdbx_PDB_ins_code 
_atom_site.Cartn_x 
_atom_site.Cartn_y 
_atom_site.Cartn_z 
_atom_site.occupancy 
_atom_site.B_iso_or_equiv 
_atom_site.pdbx_formal_charge 
_atom_site.auth_seq_id 
_atom_site.auth_comp_id 
_atom_site.auth_asym_id 
_atom_site.auth_atom_id 
_atom_site.pdbx_PDB_model_num 
ATOM   1    O  "O5'" . G   A 1 1  ? -10.297 18.457  14.475  1.00 94.59  ? 9   G   A "O5'" 1 
ATOM   2    C  "C5'" . G   A 1 1  ? -11.402 17.610  14.084  1.00 92.76  ? 9   G   A "C5'" 1 
ATOM   3    C  "C4'" . G   A 1 1  ? -12.331 18.179  13.024  1.00 90.73  ? 9   G   A "C4'" 1 
ATOM   4    O  "O4'" . G   A 1 1  ? -12.631 19.567  13.340  1.00 90.29  ? 9   G   A "O4'" 1 
ATOM   5    C  "C3'" . G   A 1 1  ? -11.767 18.212  11.612  1.00 88.68  ? 9   G   A "C3'" 1 
ATOM   6    O  "O3'" . G   A 1 1  ? -12.011 16.991  10.939  1.00 87.08  ? 9   G   A "O3'" 1 
ATOM   7    C  "C2'" . G   A 1 1  ? -12.527 19.362  10.969  1.00 88.43  ? 9   G   A "C2'" 1 
ATOM   8    O  "O2'" . G   A 1 1  ? -13.783 18.989  10.452  1.00 87.39  ? 9   G   A "O2'" 1 
ATOM   9    C  "C1'" . G   A 1 1  ? -12.683 20.326  12.147  1.00 88.43  ? 9   G   A "C1'" 1 
ATOM   10   N  N9    . G   A 1 1  ? -11.624 21.325  12.215  1.00 86.83  ? 9   G   A N9    1 
ATOM   11   C  C8    . G   A 1 1  ? -10.568 21.354  13.088  1.00 85.96  ? 9   G   A C8    1 
ATOM   12   N  N7    . G   A 1 1  ? -9.795  22.392  12.918  1.00 85.80  ? 9   G   A N7    1 
ATOM   13   C  C5    . G   A 1 1  ? -10.379 23.081  11.871  1.00 84.76  ? 9   G   A C5    1 
ATOM   14   C  C6    . G   A 1 1  ? -10.001 24.277  11.257  1.00 84.73  ? 9   G   A C6    1 
ATOM   15   O  O6    . G   A 1 1  ? -9.048  25.012  11.523  1.00 85.59  ? 9   G   A O6    1 
ATOM   16   N  N1    . G   A 1 1  ? -10.863 24.612  10.230  1.00 84.65  ? 9   G   A N1    1 
ATOM   17   C  C2    . G   A 1 1  ? -11.950 23.885  9.849   1.00 84.95  ? 9   G   A C2    1 
ATOM   18   N  N2    . G   A 1 1  ? -12.650 24.372  8.828   1.00 87.00  ? 9   G   A N2    1 
ATOM   19   N  N3    . G   A 1 1  ? -12.324 22.768  10.423  1.00 84.82  ? 9   G   A N3    1 
ATOM   20   C  C4    . G   A 1 1  ? -11.499 22.428  11.420  1.00 85.24  ? 9   G   A C4    1 
ATOM   21   P  P     . C   A 1 2  ? -10.941 16.450  9.876   1.00 88.01  ? 10  C   A P     1 
ATOM   22   O  OP1   . C   A 1 2  ? -11.360 15.076  9.460   1.00 86.54  ? 10  C   A OP1   1 
ATOM   23   O  OP2   . C   A 1 2  ? -9.580  16.665  10.439  1.00 83.96  ? 10  C   A OP2   1 
ATOM   24   O  "O5'" . C   A 1 2  ? -11.123 17.425  8.634   1.00 83.21  ? 10  C   A "O5'" 1 
ATOM   25   C  "C5'" . C   A 1 2  ? -12.310 17.409  7.880   1.00 80.51  ? 10  C   A "C5'" 1 
ATOM   26   C  "C4'" . C   A 1 2  ? -12.420 18.673  7.069   1.00 82.68  ? 10  C   A "C4'" 1 
ATOM   27   O  "O4'" . C   A 1 2  ? -12.322 19.826  7.958   1.00 82.16  ? 10  C   A "O4'" 1 
ATOM   28   C  "C3'" . C   A 1 2  ? -11.324 18.955  6.056   1.00 82.88  ? 10  C   A "C3'" 1 
ATOM   29   O  "O3'" . C   A 1 2  ? -11.450 18.168  4.873   1.00 85.14  ? 10  C   A "O3'" 1 
ATOM   30   C  "C2'" . C   A 1 2  ? -11.553 20.443  5.807   1.00 82.03  ? 10  C   A "C2'" 1 
ATOM   31   O  "O2'" . C   A 1 2  ? -12.718 20.704  5.051   1.00 79.68  ? 10  C   A "O2'" 1 
ATOM   32   C  "C1'" . C   A 1 2  ? -11.805 20.938  7.234   1.00 80.23  ? 10  C   A "C1'" 1 
ATOM   33   N  N1    . C   A 1 2  ? -10.568 21.422  7.887   1.00 77.86  ? 10  C   A N1    1 
ATOM   34   C  C2    . C   A 1 2  ? -9.920  22.537  7.340   1.00 78.42  ? 10  C   A C2    1 
ATOM   35   O  O2    . C   A 1 2  ? -10.433 23.111  6.358   1.00 79.66  ? 10  C   A O2    1 
ATOM   36   N  N3    . C   A 1 2  ? -8.756  22.968  7.890   1.00 75.99  ? 10  C   A N3    1 
ATOM   37   C  C4    . C   A 1 2  ? -8.249  22.341  8.948   1.00 72.33  ? 10  C   A C4    1 
ATOM   38   N  N4    . C   A 1 2  ? -7.103  22.796  9.441   1.00 67.40  ? 10  C   A N4    1 
ATOM   39   C  C5    . C   A 1 2  ? -8.897  21.223  9.540   1.00 72.79  ? 10  C   A C5    1 
ATOM   40   C  C6    . C   A 1 2  ? -10.045 20.801  8.983   1.00 75.14  ? 10  C   A C6    1 
ATOM   41   P  P     . G   A 1 3  ? -10.126 17.715  4.072   1.00 88.41  ? 11  G   A P     1 
ATOM   42   O  OP1   . G   A 1 3  ? -10.525 16.775  2.986   1.00 85.55  ? 11  G   A OP1   1 
ATOM   43   O  OP2   . G   A 1 3  ? -9.049  17.323  5.036   1.00 85.31  ? 11  G   A OP2   1 
ATOM   44   O  "O5'" . G   A 1 3  ? -9.692  19.049  3.342   1.00 87.57  ? 11  G   A "O5'" 1 
ATOM   45   C  "C5'" . G   A 1 3  ? -10.430 19.507  2.230   1.00 89.18  ? 11  G   A "C5'" 1 
ATOM   46   C  "C4'" . G   A 1 3  ? -9.786  20.737  1.670   1.00 89.95  ? 11  G   A "C4'" 1 
ATOM   47   O  "O4'" . G   A 1 3  ? -9.856  21.790  2.672   1.00 87.67  ? 11  G   A "O4'" 1 
ATOM   48   C  "C3'" . G   A 1 3  ? -8.302  20.597  1.367   1.00 89.92  ? 11  G   A "C3'" 1 
ATOM   49   O  "O3'" . G   A 1 3  ? -8.062  19.992  0.099   1.00 91.87  ? 11  G   A "O3'" 1 
ATOM   50   C  "C2'" . G   A 1 3  ? -7.846  22.048  1.436   1.00 88.89  ? 11  G   A "C2'" 1 
ATOM   51   O  "O2'" . G   A 1 3  ? -8.147  22.787  0.274   1.00 89.93  ? 11  G   A "O2'" 1 
ATOM   52   C  "C1'" . G   A 1 3  ? -8.666  22.558  2.627   1.00 87.17  ? 11  G   A "C1'" 1 
ATOM   53   N  N9    . G   A 1 3  ? -7.930  22.340  3.866   1.00 84.42  ? 11  G   A N9    1 
ATOM   54   C  C8    . G   A 1 3  ? -8.023  21.275  4.737   1.00 82.82  ? 11  G   A C8    1 
ATOM   55   N  N7    . G   A 1 3  ? -7.156  21.338  5.711   1.00 80.97  ? 11  G   A N7    1 
ATOM   56   C  C5    . G   A 1 3  ? -6.468  22.524  5.477   1.00 80.62  ? 11  G   A C5    1 
ATOM   57   C  C6    . G   A 1 3  ? -5.414  23.132  6.189   1.00 79.37  ? 11  G   A C6    1 
ATOM   58   O  O6    . G   A 1 3  ? -4.833  22.734  7.199   1.00 76.78  ? 11  G   A O6    1 
ATOM   59   N  N1    . G   A 1 3  ? -5.038  24.332  5.608   1.00 79.85  ? 11  G   A N1    1 
ATOM   60   C  C2    . G   A 1 3  ? -5.598  24.877  4.487   1.00 79.92  ? 11  G   A C2    1 
ATOM   61   N  N2    . G   A 1 3  ? -5.100  26.052  4.080   1.00 80.62  ? 11  G   A N2    1 
ATOM   62   N  N3    . G   A 1 3  ? -6.570  24.319  3.812   1.00 79.16  ? 11  G   A N3    1 
ATOM   63   C  C4    . G   A 1 3  ? -6.953  23.157  4.356   1.00 80.93  ? 11  G   A C4    1 
ATOM   64   P  P     . A   A 1 4  ? -6.562  19.553  -0.307  1.00 97.03  ? 12  A   A P     1 
ATOM   65   O  OP1   . A   A 1 4  ? -6.610  18.944  -1.668  1.00 96.09  ? 12  A   A OP1   1 
ATOM   66   O  OP2   . A   A 1 4  ? -5.931  18.785  0.802   1.00 95.37  ? 12  A   A OP2   1 
ATOM   67   O  "O5'" . A   A 1 4  ? -5.795  20.945  -0.408  1.00 93.39  ? 12  A   A "O5'" 1 
ATOM   68   C  "C5'" . A   A 1 4  ? -6.106  21.888  -1.425  1.00 90.71  ? 12  A   A "C5'" 1 
ATOM   69   C  "C4'" . A   A 1 4  ? -5.152  23.049  -1.352  1.00 89.36  ? 12  A   A "C4'" 1 
ATOM   70   O  "O4'" . A   A 1 4  ? -5.338  23.707  -0.068  1.00 88.09  ? 12  A   A "O4'" 1 
ATOM   71   C  "C3'" . A   A 1 4  ? -3.681  22.664  -1.376  1.00 89.64  ? 12  A   A "C3'" 1 
ATOM   72   O  "O3'" . A   A 1 4  ? -3.194  22.508  -2.708  1.00 90.60  ? 12  A   A "O3'" 1 
ATOM   73   C  "C2'" . A   A 1 4  ? -3.033  23.819  -0.616  1.00 88.87  ? 12  A   A "C2'" 1 
ATOM   74   O  "O2'" . A   A 1 4  ? -2.823  24.975  -1.397  1.00 88.96  ? 12  A   A "O2'" 1 
ATOM   75   C  "C1'" . A   A 1 4  ? -4.082  24.098  0.463   1.00 86.94  ? 12  A   A "C1'" 1 
ATOM   76   N  N9    . A   A 1 4  ? -3.848  23.328  1.688   1.00 85.51  ? 12  A   A N9    1 
ATOM   77   C  C8    . A   A 1 4  ? -4.346  22.096  2.027   1.00 84.51  ? 12  A   A C8    1 
ATOM   78   N  N7    . A   A 1 4  ? -3.922  21.654  3.180   1.00 83.04  ? 12  A   A N7    1 
ATOM   79   C  C5    . A   A 1 4  ? -3.097  22.667  3.638   1.00 83.43  ? 12  A   A C5    1 
ATOM   80   C  C6    . A   A 1 4  ? -2.341  22.810  4.801   1.00 84.23  ? 12  A   A C6    1 
ATOM   81   N  N6    . A   A 1 4  ? -2.286  21.894  5.772   1.00 83.20  ? 12  A   A N6    1 
ATOM   82   N  N1    . A   A 1 4  ? -1.628  23.944  4.944   1.00 84.82  ? 12  A   A N1    1 
ATOM   83   C  C2    . A   A 1 4  ? -1.685  24.860  3.984   1.00 83.02  ? 12  A   A C2    1 
ATOM   84   N  N3    . A   A 1 4  ? -2.357  24.844  2.852   1.00 83.15  ? 12  A   A N3    1 
ATOM   85   C  C4    . A   A 1 4  ? -3.050  23.705  2.735   1.00 83.71  ? 12  A   A C4    1 
ATOM   86   P  P     . C   A 1 5  ? -1.686  21.996  -2.954  1.00 93.65  ? 13  C   A P     1 
ATOM   87   O  OP1   . C   A 1 5  ? -1.335  22.262  -4.368  1.00 95.53  ? 13  C   A OP1   1 
ATOM   88   O  OP2   . C   A 1 5  ? -1.517  20.622  -2.410  1.00 92.56  ? 13  C   A OP2   1 
ATOM   89   O  "O5'" . C   A 1 5  ? -0.803  23.007  -2.098  1.00 93.25  ? 13  C   A "O5'" 1 
ATOM   90   C  "C5'" . C   A 1 5  ? -0.277  24.197  -2.670  1.00 91.93  ? 13  C   A "C5'" 1 
ATOM   91   C  "C4'" . C   A 1 5  ? 0.913   24.659  -1.871  1.00 92.80  ? 13  C   A "C4'" 1 
ATOM   92   O  "O4'" . C   A 1 5  ? 0.472   24.975  -0.521  1.00 93.16  ? 13  C   A "O4'" 1 
ATOM   93   C  "C3'" . C   A 1 5  ? 1.985   23.598  -1.680  1.00 93.44  ? 13  C   A "C3'" 1 
ATOM   94   O  "O3'" . C   A 1 5  ? 2.909   23.596  -2.760  1.00 95.85  ? 13  C   A "O3'" 1 
ATOM   95   C  "C2'" . C   A 1 5  ? 2.645   24.038  -0.380  1.00 93.63  ? 13  C   A "C2'" 1 
ATOM   96   O  "O2'" . C   A 1 5  ? 3.587   25.068  -0.554  1.00 93.18  ? 13  C   A "O2'" 1 
ATOM   97   C  "C1'" . C   A 1 5  ? 1.446   24.541  0.422   1.00 93.36  ? 13  C   A "C1'" 1 
ATOM   98   N  N1    . C   A 1 5  ? 0.869   23.457  1.244   1.00 93.87  ? 13  C   A N1    1 
ATOM   99   C  C2    . C   A 1 5  ? 1.540   23.060  2.402   1.00 93.54  ? 13  C   A C2    1 
ATOM   100  O  O2    . C   A 1 5  ? 2.561   23.679  2.744   1.00 93.69  ? 13  C   A O2    1 
ATOM   101  N  N3    . C   A 1 5  ? 1.062   22.011  3.115   1.00 92.91  ? 13  C   A N3    1 
ATOM   102  C  C4    . C   A 1 5  ? -0.042  21.377  2.715   1.00 92.20  ? 13  C   A C4    1 
ATOM   103  N  N4    . C   A 1 5  ? -0.460  20.336  3.423   1.00 92.14  ? 13  C   A N4    1 
ATOM   104  C  C5    . C   A 1 5  ? -0.764  21.783  1.563   1.00 92.38  ? 13  C   A C5    1 
ATOM   105  C  C6    . C   A 1 5  ? -0.282  22.821  0.866   1.00 94.29  ? 13  C   A C6    1 
ATOM   106  P  P     . U   A 1 6  ? 3.894   22.341  -2.976  1.00 99.89  ? 14  U   A P     1 
ATOM   107  O  OP1   . U   A 1 6  ? 4.745   22.643  -4.156  1.00 99.95  ? 14  U   A OP1   1 
ATOM   108  O  OP2   . U   A 1 6  ? 3.084   21.091  -2.953  1.00 99.19  ? 14  U   A OP2   1 
ATOM   109  O  "O5'" . U   A 1 6  ? 4.859   22.359  -1.708  1.00 99.02  ? 14  U   A "O5'" 1 
ATOM   110  C  "C5'" . U   A 1 6  ? 5.674   23.491  -1.446  1.00 100.02 ? 14  U   A "C5'" 1 
ATOM   111  C  "C4'" . U   A 1 6  ? 6.367   23.360  -0.103  1.00 101.36 ? 14  U   A "C4'" 1 
ATOM   112  O  "O4'" . U   A 1 6  ? 5.408   23.375  0.997   1.00 100.80 ? 14  U   A "O4'" 1 
ATOM   113  C  "C3'" . U   A 1 6  ? 7.149   22.086  0.138   1.00 101.95 ? 14  U   A "C3'" 1 
ATOM   114  O  "O3'" . U   A 1 6  ? 8.413   22.112  -0.501  1.00 103.91 ? 14  U   A "O3'" 1 
ATOM   115  C  "C2'" . U   A 1 6  ? 7.317   22.119  1.651   1.00 100.87 ? 14  U   A "C2'" 1 
ATOM   116  O  "O2'" . U   A 1 6  ? 8.350   23.011  2.022   1.00 100.44 ? 14  U   A "O2'" 1 
ATOM   117  C  "C1'" . U   A 1 6  ? 5.944   22.640  2.097   1.00 99.04  ? 14  U   A "C1'" 1 
ATOM   118  N  N1    . U   A 1 6  ? 5.023   21.539  2.438   1.00 96.19  ? 14  U   A N1    1 
ATOM   119  C  C2    . U   A 1 6  ? 5.288   20.826  3.586   1.00 94.81  ? 14  U   A C2    1 
ATOM   120  O  O2    . U   A 1 6  ? 6.211   21.095  4.330   1.00 93.56  ? 14  U   A O2    1 
ATOM   121  N  N3    . U   A 1 6  ? 4.431   19.780  3.830   1.00 94.51  ? 14  U   A N3    1 
ATOM   122  C  C4    . U   A 1 6  ? 3.352   19.391  3.061   1.00 94.12  ? 14  U   A C4    1 
ATOM   123  O  O4    . U   A 1 6  ? 2.678   18.415  3.407   1.00 93.66  ? 14  U   A O4    1 
ATOM   124  C  C5    . U   A 1 6  ? 3.134   20.191  1.902   1.00 92.53  ? 14  U   A C5    1 
ATOM   125  C  C6    . U   A 1 6  ? 3.953   21.211  1.638   1.00 94.37  ? 14  U   A C6    1 
ATOM   126  P  P     . C   A 1 7  ? 9.147   20.726  -0.847  1.00 107.94 ? 15  C   A P     1 
ATOM   127  O  OP1   . C   A 1 7  ? 10.516  21.078  -1.301  1.00 108.38 ? 15  C   A OP1   1 
ATOM   128  O  OP2   . C   A 1 7  ? 8.258   19.911  -1.732  1.00 105.40 ? 15  C   A OP2   1 
ATOM   129  O  "O5'" . C   A 1 7  ? 9.319   20.011  0.570   1.00 106.19 ? 15  C   A "O5'" 1 
ATOM   130  C  "C5'" . C   A 1 7  ? 10.287  20.495  1.495   1.00 104.19 ? 15  C   A "C5'" 1 
ATOM   131  C  "C4'" . C   A 1 7  ? 10.293  19.667  2.757   1.00 102.46 ? 15  C   A "C4'" 1 
ATOM   132  O  "O4'" . C   A 1 7  ? 9.028   19.808  3.457   1.00 102.49 ? 15  C   A "O4'" 1 
ATOM   133  C  "C3'" . C   A 1 7  ? 10.390  18.168  2.599   1.00 102.74 ? 15  C   A "C3'" 1 
ATOM   134  O  "O3'" . C   A 1 7  ? 11.682  17.689  2.296   1.00 102.76 ? 15  C   A "O3'" 1 
ATOM   135  C  "C2'" . C   A 1 7  ? 9.952   17.695  3.975   1.00 102.69 ? 15  C   A "C2'" 1 
ATOM   136  O  "O2'" . C   A 1 7  ? 10.943  17.831  4.970   1.00 103.83 ? 15  C   A "O2'" 1 
ATOM   137  C  "C1'" . C   A 1 7  ? 8.795   18.647  4.249   1.00 102.41 ? 15  C   A "C1'" 1 
ATOM   138  N  N1    . C   A 1 7  ? 7.567   17.990  3.795   1.00 101.64 ? 15  C   A N1    1 
ATOM   139  C  C2    . C   A 1 7  ? 6.955   17.079  4.643   1.00 101.37 ? 15  C   A C2    1 
ATOM   140  O  O2    . C   A 1 7  ? 7.437   16.903  5.773   1.00 102.15 ? 15  C   A O2    1 
ATOM   141  N  N3    . C   A 1 7  ? 5.864   16.408  4.217   1.00 101.16 ? 15  C   A N3    1 
ATOM   142  C  C4    . C   A 1 7  ? 5.384   16.632  2.996   1.00 101.07 ? 15  C   A C4    1 
ATOM   143  N  N4    . C   A 1 7  ? 4.320   15.941  2.605   1.00 101.74 ? 15  C   A N4    1 
ATOM   144  C  C5    . C   A 1 7  ? 5.977   17.574  2.119   1.00 101.97 ? 15  C   A C5    1 
ATOM   145  C  C6    . C   A 1 7  ? 7.054   18.232  2.557   1.00 102.01 ? 15  C   A C6    1 
ATOM   146  P  P     . G   A 1 8  ? 11.871  16.119  2.011   1.00 104.48 ? 16  G   A P     1 
ATOM   147  O  OP1   . G   A 1 8  ? 13.188  15.901  1.348   1.00 102.98 ? 16  G   A OP1   1 
ATOM   148  O  OP2   . G   A 1 8  ? 10.618  15.635  1.349   1.00 103.73 ? 16  G   A OP2   1 
ATOM   149  O  "O5'" . G   A 1 8  ? 11.914  15.475  3.469   1.00 100.41 ? 16  G   A "O5'" 1 
ATOM   150  C  "C5'" . G   A 1 8  ? 11.660  14.091  3.646   1.00 94.75  ? 16  G   A "C5'" 1 
ATOM   151  C  "C4'" . G   A 1 8  ? 10.928  13.839  4.943   1.00 90.79  ? 16  G   A "C4'" 1 
ATOM   152  O  "O4'" . G   A 1 8  ? 9.725   14.640  5.030   1.00 90.08  ? 16  G   A "O4'" 1 
ATOM   153  C  "C3'" . G   A 1 8  ? 10.453  12.408  5.022   1.00 88.80  ? 16  G   A "C3'" 1 
ATOM   154  O  "O3'" . G   A 1 8  ? 11.471  11.637  5.596   1.00 87.09  ? 16  G   A "O3'" 1 
ATOM   155  C  "C2'" . G   A 1 8  ? 9.189   12.487  5.863   1.00 87.77  ? 16  G   A "C2'" 1 
ATOM   156  O  "O2'" . G   A 1 8  ? 9.409   12.494  7.255   1.00 86.16  ? 16  G   A "O2'" 1 
ATOM   157  C  "C1'" . G   A 1 8  ? 8.622   13.822  5.393   1.00 87.34  ? 16  G   A "C1'" 1 
ATOM   158  N  N9    . G   A 1 8  ? 7.765   13.711  4.216   1.00 85.30  ? 16  G   A N9    1 
ATOM   159  C  C8    . G   A 1 8  ? 7.973   14.309  2.995   1.00 85.72  ? 16  G   A C8    1 
ATOM   160  N  N7    . G   A 1 8  ? 7.017   14.076  2.143   1.00 84.40  ? 16  G   A N7    1 
ATOM   161  C  C5    . G   A 1 8  ? 6.133   13.268  2.839   1.00 83.01  ? 16  G   A C5    1 
ATOM   162  C  C6    . G   A 1 8  ? 4.924   12.706  2.433   1.00 82.21  ? 16  G   A C6    1 
ATOM   163  O  O6    . G   A 1 8  ? 4.362   12.823  1.345   1.00 83.27  ? 16  G   A O6    1 
ATOM   164  N  N1    . G   A 1 8  ? 4.353   11.938  3.440   1.00 79.24  ? 16  G   A N1    1 
ATOM   165  C  C2    . G   A 1 8  ? 4.894   11.746  4.674   1.00 78.49  ? 16  G   A C2    1 
ATOM   166  N  N2    . G   A 1 8  ? 4.215   10.968  5.496   1.00 78.50  ? 16  G   A N2    1 
ATOM   167  N  N3    . G   A 1 8  ? 6.024   12.277  5.072   1.00 79.96  ? 16  G   A N3    1 
ATOM   168  C  C4    . G   A 1 8  ? 6.588   13.022  4.112   1.00 82.57  ? 16  G   A C4    1 
ATOM   169  P  P     . G   A 1 9  ? 11.751  10.184  5.024   1.00 87.46  ? 17  G   A P     1 
ATOM   170  O  OP1   . G   A 1 9  ? 12.871  9.650   5.853   1.00 87.14  ? 17  G   A OP1   1 
ATOM   171  O  OP2   . G   A 1 9  ? 11.893  10.295  3.543   1.00 84.96  ? 17  G   A OP2   1 
ATOM   172  O  "O5'" . G   A 1 9  ? 10.427  9.386   5.410   1.00 81.54  ? 17  G   A "O5'" 1 
ATOM   173  C  "C5'" . G   A 1 9  ? 10.147  9.114   6.775   1.00 76.01  ? 17  G   A "C5'" 1 
ATOM   174  C  "C4'" . G   A 1 9  ? 8.987   8.165   6.904   1.00 72.52  ? 17  G   A "C4'" 1 
ATOM   175  O  "O4'" . G   A 1 9  ? 7.736   8.858   6.657   1.00 73.18  ? 17  G   A "O4'" 1 
ATOM   176  C  "C3'" . G   A 1 9  ? 8.966   7.019   5.917   1.00 69.91  ? 17  G   A "C3'" 1 
ATOM   177  O  "O3'" . G   A 1 9  ? 9.832   5.971   6.297   1.00 71.33  ? 17  G   A "O3'" 1 
ATOM   178  C  "C2'" . G   A 1 9  ? 7.502   6.638   5.969   1.00 67.54  ? 17  G   A "C2'" 1 
ATOM   179  O  "O2'" . G   A 1 9  ? 7.206   6.103   7.229   1.00 64.37  ? 17  G   A "O2'" 1 
ATOM   180  C  "C1'" . G   A 1 9  ? 6.860   8.019   5.907   1.00 68.65  ? 17  G   A "C1'" 1 
ATOM   181  N  N9    . G   A 1 9  ? 6.745   8.577   4.553   1.00 67.55  ? 17  G   A N9    1 
ATOM   182  C  C8    . G   A 1 9  ? 7.589   9.489   3.962   1.00 65.70  ? 17  G   A C8    1 
ATOM   183  N  N7    . G   A 1 9  ? 7.220   9.821   2.758   1.00 64.56  ? 17  G   A N7    1 
ATOM   184  C  C5    . G   A 1 9  ? 6.067   9.088   2.538   1.00 65.33  ? 17  G   A C5    1 
ATOM   185  C  C6    . G   A 1 9  ? 5.212   9.044   1.412   1.00 66.69  ? 17  G   A C6    1 
ATOM   186  O  O6    . G   A 1 9  ? 5.307   9.670   0.349   1.00 69.56  ? 17  G   A O6    1 
ATOM   187  N  N1    . G   A 1 9  ? 4.156   8.166   1.606   1.00 64.66  ? 17  G   A N1    1 
ATOM   188  C  C2    . G   A 1 9  ? 3.957   7.422   2.734   1.00 65.36  ? 17  G   A C2    1 
ATOM   189  N  N2    . G   A 1 9  ? 2.897   6.626   2.734   1.00 66.09  ? 17  G   A N2    1 
ATOM   190  N  N3    . G   A 1 9  ? 4.743   7.455   3.789   1.00 66.70  ? 17  G   A N3    1 
ATOM   191  C  C4    . G   A 1 9  ? 5.768   8.306   3.628   1.00 65.78  ? 17  G   A C4    1 
ATOM   192  P  P     . G   A 1 10 ? 10.135  4.798   5.258   1.00 71.70  ? 18  G   A P     1 
ATOM   193  O  OP1   . G   A 1 10 ? 11.180  3.897   5.773   1.00 71.01  ? 18  G   A OP1   1 
ATOM   194  O  OP2   . G   A 1 10 ? 10.283  5.363   3.904   1.00 69.80  ? 18  G   A OP2   1 
ATOM   195  O  "O5'" . G   A 1 10 ? 8.776   3.993   5.296   1.00 72.21  ? 18  G   A "O5'" 1 
ATOM   196  C  "C5'" . G   A 1 10 ? 8.557   2.969   4.363   1.00 74.25  ? 18  G   A "C5'" 1 
ATOM   197  C  "C4'" . G   A 1 10 ? 7.090   2.731   4.164   1.00 73.81  ? 18  G   A "C4'" 1 
ATOM   198  O  "O4'" . G   A 1 10 ? 6.419   3.955   3.794   1.00 72.47  ? 18  G   A "O4'" 1 
ATOM   199  C  "C3'" . G   A 1 10 ? 6.876   1.819   2.981   1.00 73.89  ? 18  G   A "C3'" 1 
ATOM   200  O  "O3'" . G   A 1 10 ? 7.056   0.493   3.420   1.00 76.86  ? 18  G   A "O3'" 1 
ATOM   201  C  "C2'" . G   A 1 10 ? 5.470   2.173   2.518   1.00 72.09  ? 18  G   A "C2'" 1 
ATOM   202  O  "O2'" . G   A 1 10 ? 4.448   1.482   3.203   1.00 67.56  ? 18  G   A "O2'" 1 
ATOM   203  C  "C1'" . G   A 1 10 ? 5.420   3.667   2.841   1.00 70.66  ? 18  G   A "C1'" 1 
ATOM   204  N  N9    . G   A 1 10 ? 5.613   4.540   1.699   1.00 68.41  ? 18  G   A N9    1 
ATOM   205  C  C8    . G   A 1 10 ? 6.657   5.391   1.447   1.00 69.28  ? 18  G   A C8    1 
ATOM   206  N  N7    . G   A 1 10 ? 6.470   6.123   0.384   1.00 70.17  ? 18  G   A N7    1 
ATOM   207  C  C5    . G   A 1 10 ? 5.237   5.703   -0.099  1.00 68.88  ? 18  G   A C5    1 
ATOM   208  C  C6    . G   A 1 10 ? 4.483   6.143   -1.215  1.00 67.64  ? 18  G   A C6    1 
ATOM   209  O  O6    . G   A 1 10 ? 4.755   7.012   -2.023  1.00 68.54  ? 18  G   A O6    1 
ATOM   210  N  N1    . G   A 1 10 ? 3.290   5.452   -1.332  1.00 69.31  ? 18  G   A N1    1 
ATOM   211  C  C2    . G   A 1 10 ? 2.872   4.452   -0.481  1.00 72.54  ? 18  G   A C2    1 
ATOM   212  N  N2    . G   A 1 10 ? 1.679   3.888   -0.742  1.00 73.66  ? 18  G   A N2    1 
ATOM   213  N  N3    . G   A 1 10 ? 3.568   4.034   0.556   1.00 71.41  ? 18  G   A N3    1 
ATOM   214  C  C4    . G   A 1 10 ? 4.723   4.705   0.690   1.00 68.99  ? 18  G   A C4    1 
ATOM   215  P  P     . G   A 1 11 ? 8.284   -0.350  2.848   1.00 80.48  ? 19  G   A P     1 
ATOM   216  O  OP1   . G   A 1 11 ? 8.920   -1.038  3.998   1.00 79.37  ? 19  G   A OP1   1 
ATOM   217  O  OP2   . G   A 1 11 ? 9.095   0.537   1.960   1.00 74.90  ? 19  G   A OP2   1 
ATOM   218  O  "O5'" . G   A 1 11 ? 7.545   -1.444  1.963   1.00 82.67  ? 19  G   A "O5'" 1 
ATOM   219  C  "C5'" . G   A 1 11 ? 6.270   -1.959  2.363   1.00 82.75  ? 19  G   A "C5'" 1 
ATOM   220  C  "C4'" . G   A 1 11 ? 5.297   -1.918  1.204   1.00 83.46  ? 19  G   A "C4'" 1 
ATOM   221  O  "O4'" . G   A 1 11 ? 4.977   -0.543  0.860   1.00 83.84  ? 19  G   A "O4'" 1 
ATOM   222  C  "C3'" . G   A 1 11 ? 5.801   -2.484  -0.106  1.00 83.90  ? 19  G   A "C3'" 1 
ATOM   223  O  "O3'" . G   A 1 11 ? 5.714   -3.907  -0.064  1.00 86.18  ? 19  G   A "O3'" 1 
ATOM   224  C  "C2'" . G   A 1 11 ? 4.829   -1.860  -1.104  1.00 81.66  ? 19  G   A "C2'" 1 
ATOM   225  O  "O2'" . G   A 1 11 ? 3.590   -2.542  -1.052  1.00 80.14  ? 19  G   A "O2'" 1 
ATOM   226  C  "C1'" . G   A 1 11 ? 4.611   -0.467  -0.505  1.00 80.24  ? 19  G   A "C1'" 1 
ATOM   227  N  N9    . G   A 1 11 ? 5.326   0.662   -1.091  1.00 77.85  ? 19  G   A N9    1 
ATOM   228  C  C8    . G   A 1 11 ? 6.573   1.104   -0.732  1.00 78.65  ? 19  G   A C8    1 
ATOM   229  N  N7    . G   A 1 11 ? 6.939   2.191   -1.368  1.00 77.03  ? 19  G   A N7    1 
ATOM   230  C  C5    . G   A 1 11 ? 5.878   2.472   -2.214  1.00 74.76  ? 19  G   A C5    1 
ATOM   231  C  C6    . G   A 1 11 ? 5.707   3.526   -3.144  1.00 73.24  ? 19  G   A C6    1 
ATOM   232  O  O6    . G   A 1 11 ? 6.477   4.459   -3.404  1.00 73.36  ? 19  G   A O6    1 
ATOM   233  N  N1    . G   A 1 11 ? 4.491   3.431   -3.804  1.00 72.33  ? 19  G   A N1    1 
ATOM   234  C  C2    . G   A 1 11 ? 3.551   2.456   -3.589  1.00 72.03  ? 19  G   A C2    1 
ATOM   235  N  N2    . G   A 1 11 ? 2.433   2.545   -4.326  1.00 69.86  ? 19  G   A N2    1 
ATOM   236  N  N3    . G   A 1 11 ? 3.693   1.467   -2.715  1.00 73.44  ? 19  G   A N3    1 
ATOM   237  C  C4    . G   A 1 11 ? 4.874   1.533   -2.069  1.00 75.91  ? 19  G   A C4    1 
ATOM   238  P  P     . U   A 1 12 ? 6.916   -4.802  -0.662  1.00 88.15  ? 20  U   A P     1 
ATOM   239  O  OP1   . U   A 1 12 ? 6.460   -6.210  -0.501  1.00 86.18  ? 20  U   A OP1   1 
ATOM   240  O  OP2   . U   A 1 12 ? 8.223   -4.359  -0.096  1.00 84.39  ? 20  U   A OP2   1 
ATOM   241  O  "O5'" . U   A 1 12 ? 6.949   -4.454  -2.217  1.00 89.36  ? 20  U   A "O5'" 1 
ATOM   242  C  "C5'" . U   A 1 12 ? 5.851   -4.791  -3.062  1.00 91.04  ? 20  U   A "C5'" 1 
ATOM   243  C  "C4'" . U   A 1 12 ? 5.998   -4.119  -4.405  1.00 92.29  ? 20  U   A "C4'" 1 
ATOM   244  O  "O4'" . U   A 1 12 ? 5.952   -2.677  -4.278  1.00 89.78  ? 20  U   A "O4'" 1 
ATOM   245  C  "C3'" . U   A 1 12 ? 7.315   -4.334  -5.134  1.00 94.33  ? 20  U   A "C3'" 1 
ATOM   246  O  "O3'" . U   A 1 12 ? 7.292   -5.584  -5.833  1.00 99.27  ? 20  U   A "O3'" 1 
ATOM   247  C  "C2'" . U   A 1 12 ? 7.342   -3.177  -6.137  1.00 92.47  ? 20  U   A "C2'" 1 
ATOM   248  O  "O2'" . U   A 1 12 ? 6.798   -3.580  -7.370  1.00 95.37  ? 20  U   A "O2'" 1 
ATOM   249  C  "C1'" . U   A 1 12 ? 6.410   -2.143  -5.492  1.00 89.24  ? 20  U   A "C1'" 1 
ATOM   250  N  N1    . U   A 1 12 ? 6.914   -0.777  -5.316  1.00 86.24  ? 20  U   A N1    1 
ATOM   251  C  C2    . U   A 1 12 ? 6.363   0.182   -6.147  1.00 87.02  ? 20  U   A C2    1 
ATOM   252  O  O2    . U   A 1 12 ? 5.488   -0.073  -6.957  1.00 88.91  ? 20  U   A O2    1 
ATOM   253  N  N3    . U   A 1 12 ? 6.859   1.452   -6.002  1.00 84.54  ? 20  U   A N3    1 
ATOM   254  C  C4    . U   A 1 12 ? 7.824   1.860   -5.129  1.00 82.42  ? 20  U   A C4    1 
ATOM   255  O  O4    . U   A 1 12 ? 8.169   3.039   -5.137  1.00 79.01  ? 20  U   A O4    1 
ATOM   256  C  C5    . U   A 1 12 ? 8.347   0.816   -4.283  1.00 83.41  ? 20  U   A C5    1 
ATOM   257  C  C6    . U   A 1 12 ? 7.878   -0.441  -4.405  1.00 85.62  ? 20  U   A C6    1 
ATOM   258  P  P     . G   A 1 13 ? 8.661   -6.425  -6.045  1.00 103.60 ? 21  G   A P     1 
ATOM   259  O  OP1   . G   A 1 13 ? 9.808   -5.570  -5.605  1.00 101.67 ? 21  G   A OP1   1 
ATOM   260  O  OP2   . G   A 1 13 ? 8.664   -6.994  -7.423  1.00 102.03 ? 21  G   A OP2   1 
ATOM   261  O  "O5'" . G   A 1 13 ? 8.499   -7.657  -5.047  1.00 99.28  ? 21  G   A "O5'" 1 
ATOM   262  C  "C5'" . G   A 1 13 ? 8.021   -8.903  -5.525  1.00 97.68  ? 21  G   A "C5'" 1 
ATOM   263  C  "C4'" . G   A 1 13 ? 6.709   -9.247  -4.872  1.00 97.78  ? 21  G   A "C4'" 1 
ATOM   264  O  "O4'" . G   A 1 13 ? 5.783   -8.148  -5.042  1.00 96.15  ? 21  G   A "O4'" 1 
ATOM   265  C  "C3'" . G   A 1 13 ? 6.011   -10.434 -5.506  1.00 99.25  ? 21  G   A "C3'" 1 
ATOM   266  O  "O3'" . G   A 1 13 ? 6.469   -11.642 -4.930  1.00 102.83 ? 21  G   A "O3'" 1 
ATOM   267  C  "C2'" . G   A 1 13 ? 4.543   -10.169 -5.214  1.00 96.84  ? 21  G   A "C2'" 1 
ATOM   268  O  "O2'" . G   A 1 13 ? 4.192   -10.527 -3.898  1.00 98.42  ? 21  G   A "O2'" 1 
ATOM   269  C  "C1'" . G   A 1 13 ? 4.487   -8.650  -5.343  1.00 94.61  ? 21  G   A "C1'" 1 
ATOM   270  N  N9    . G   A 1 13 ? 4.123   -8.140  -6.658  1.00 91.00  ? 21  G   A N9    1 
ATOM   271  C  C8    . G   A 1 13 ? 4.851   -7.226  -7.377  1.00 90.79  ? 21  G   A C8    1 
ATOM   272  N  N7    . G   A 1 13 ? 4.286   -6.888  -8.499  1.00 90.09  ? 21  G   A N7    1 
ATOM   273  C  C5    . G   A 1 13 ? 3.116   -7.632  -8.532  1.00 88.41  ? 21  G   A C5    1 
ATOM   274  C  C6    . G   A 1 13 ? 2.103   -7.671  -9.505  1.00 87.55  ? 21  G   A C6    1 
ATOM   275  O  O6    . G   A 1 13 ? 2.028   -7.024  -10.562 1.00 87.76  ? 21  G   A O6    1 
ATOM   276  N  N1    . G   A 1 13 ? 1.098   -8.562  -9.157  1.00 85.63  ? 21  G   A N1    1 
ATOM   277  C  C2    . G   A 1 13 ? 1.070   -9.309  -8.014  1.00 86.52  ? 21  G   A C2    1 
ATOM   278  N  N2    . G   A 1 13 ? -0.007  -10.108 -7.867  1.00 85.76  ? 21  G   A N2    1 
ATOM   279  N  N3    . G   A 1 13 ? 2.019   -9.275  -7.085  1.00 86.91  ? 21  G   A N3    1 
ATOM   280  C  C4    . G   A 1 13 ? 3.004   -8.421  -7.409  1.00 88.08  ? 21  G   A C4    1 
ATOM   281  P  P     . C   A 1 14 ? 6.972   -12.821 -5.889  1.00 106.29 ? 22  C   A P     1 
ATOM   282  O  OP1   . C   A 1 14 ? 7.319   -13.986 -5.037  1.00 106.33 ? 22  C   A OP1   1 
ATOM   283  O  OP2   . C   A 1 14 ? 7.983   -12.260 -6.833  1.00 103.44 ? 22  C   A OP2   1 
ATOM   284  O  "O5'" . C   A 1 14 ? 5.669   -13.192 -6.717  1.00 106.41 ? 22  C   A "O5'" 1 
ATOM   285  C  "C5'" . C   A 1 14 ? 4.564   -13.825 -6.094  1.00 107.52 ? 22  C   A "C5'" 1 
ATOM   286  C  "C4'" . C   A 1 14 ? 3.527   -14.155 -7.133  1.00 109.39 ? 22  C   A "C4'" 1 
ATOM   287  O  "O4'" . C   A 1 14 ? 2.776   -12.965 -7.506  1.00 108.51 ? 22  C   A "O4'" 1 
ATOM   288  C  "C3'" . C   A 1 14 ? 4.099   -14.661 -8.444  1.00 110.42 ? 22  C   A "C3'" 1 
ATOM   289  O  "O3'" . C   A 1 14 ? 4.431   -16.046 -8.370  1.00 112.05 ? 22  C   A "O3'" 1 
ATOM   290  C  "C2'" . C   A 1 14 ? 2.971   -14.359 -9.426  1.00 109.59 ? 22  C   A "C2'" 1 
ATOM   291  O  "O2'" . C   A 1 14 ? 1.953   -15.338 -9.432  1.00 110.75 ? 22  C   A "O2'" 1 
ATOM   292  C  "C1'" . C   A 1 14 ? 2.432   -13.031 -8.882  1.00 107.12 ? 22  C   A "C1'" 1 
ATOM   293  N  N1    . C   A 1 14 ? 3.042   -11.891 -9.578  1.00 104.31 ? 22  C   A N1    1 
ATOM   294  C  C2    . C   A 1 14 ? 2.507   -11.506 -10.790 1.00 104.00 ? 22  C   A C2    1 
ATOM   295  O  O2    . C   A 1 14 ? 1.516   -12.110 -11.210 1.00 105.80 ? 22  C   A O2    1 
ATOM   296  N  N3    . C   A 1 14 ? 3.074   -10.490 -11.482 1.00 102.92 ? 22  C   A N3    1 
ATOM   297  C  C4    . C   A 1 14 ? 4.143   -9.868  -10.987 1.00 102.26 ? 22  C   A C4    1 
ATOM   298  N  N4    . C   A 1 14 ? 4.687   -8.880  -11.708 1.00 101.26 ? 22  C   A N4    1 
ATOM   299  C  C5    . C   A 1 14 ? 4.706   -10.233 -9.733  1.00 102.19 ? 22  C   A C5    1 
ATOM   300  C  C6    . C   A 1 14 ? 4.126   -11.239 -9.065  1.00 103.27 ? 22  C   A C6    1 
ATOM   301  P  P     . C   A 1 15 ? 5.379   -16.693 -9.496  1.00 113.01 ? 23  C   A P     1 
ATOM   302  O  OP1   . C   A 1 15 ? 5.919   -17.975 -8.966  1.00 111.29 ? 23  C   A OP1   1 
ATOM   303  O  OP2   . C   A 1 15 ? 6.317   -15.633 -9.956  1.00 111.98 ? 23  C   A OP2   1 
ATOM   304  O  "O5'" . C   A 1 15 ? 4.367   -17.001 -10.690 1.00 113.77 ? 23  C   A "O5'" 1 
ATOM   305  C  "C5'" . C   A 1 15 ? 4.819   -17.072 -12.042 1.00 113.53 ? 23  C   A "C5'" 1 
ATOM   306  C  "C4'" . C   A 1 15 ? 3.710   -16.683 -12.997 1.00 111.80 ? 23  C   A "C4'" 1 
ATOM   307  O  "O4'" . C   A 1 15 ? 3.265   -15.334 -12.694 1.00 109.19 ? 23  C   A "O4'" 1 
ATOM   308  C  "C3'" . C   A 1 15 ? 4.140   -16.615 -14.455 1.00 113.12 ? 23  C   A "C3'" 1 
ATOM   309  O  "O3'" . C   A 1 15 ? 4.065   -17.891 -15.088 1.00 117.09 ? 23  C   A "O3'" 1 
ATOM   310  C  "C2'" . C   A 1 15 ? 3.134   -15.640 -15.045 1.00 111.09 ? 23  C   A "C2'" 1 
ATOM   311  O  "O2'" . C   A 1 15 ? 1.913   -16.241 -15.406 1.00 112.05 ? 23  C   A "O2'" 1 
ATOM   312  C  "C1'" . C   A 1 15 ? 2.943   -14.657 -13.893 1.00 109.08 ? 23  C   A "C1'" 1 
ATOM   313  N  N1    . C   A 1 15 ? 3.861   -13.531 -14.036 1.00 107.13 ? 23  C   A N1    1 
ATOM   314  C  C2    . C   A 1 15 ? 3.657   -12.632 -15.085 1.00 106.90 ? 23  C   A C2    1 
ATOM   315  O  O2    . C   A 1 15 ? 2.683   -12.799 -15.838 1.00 105.46 ? 23  C   A O2    1 
ATOM   316  N  N3    . C   A 1 15 ? 4.524   -11.606 -15.253 1.00 107.55 ? 23  C   A N3    1 
ATOM   317  C  C4    . C   A 1 15 ? 5.559   -11.462 -14.417 1.00 107.60 ? 23  C   A C4    1 
ATOM   318  N  N4    . C   A 1 15 ? 6.396   -10.435 -14.621 1.00 106.81 ? 23  C   A N4    1 
ATOM   319  C  C5    . C   A 1 15 ? 5.779   -12.361 -13.333 1.00 107.47 ? 23  C   A C5    1 
ATOM   320  C  C6    . C   A 1 15 ? 4.910   -13.370 -13.179 1.00 106.80 ? 23  C   A C6    1 
ATOM   321  P  P     . C   A 1 16 ? 5.210   -18.343 -16.128 1.00 119.77 ? 24  C   A P     1 
ATOM   322  O  OP1   . C   A 1 16 ? 4.571   -19.314 -17.055 1.00 118.83 ? 24  C   A OP1   1 
ATOM   323  O  OP2   . C   A 1 16 ? 6.427   -18.732 -15.367 1.00 117.83 ? 24  C   A OP2   1 
ATOM   324  O  "O5'" . C   A 1 16 ? 5.527   -17.028 -16.972 1.00 122.66 ? 24  C   A "O5'" 1 
ATOM   325  C  "C5'" . C   A 1 16 ? 4.498   -16.377 -17.716 1.00 128.64 ? 24  C   A "C5'" 1 
ATOM   326  C  "C4'" . C   A 1 16 ? 5.064   -15.239 -18.536 1.00 132.85 ? 24  C   A "C4'" 1 
ATOM   327  O  "O4'" . C   A 1 16 ? 5.822   -14.334 -17.683 1.00 134.39 ? 24  C   A "O4'" 1 
ATOM   328  C  "C3'" . C   A 1 16 ? 6.055   -15.630 -19.615 1.00 134.93 ? 24  C   A "C3'" 1 
ATOM   329  O  "O3'" . C   A 1 16 ? 5.357   -16.071 -20.774 1.00 138.73 ? 24  C   A "O3'" 1 
ATOM   330  C  "C2'" . C   A 1 16 ? 6.774   -14.307 -19.845 1.00 135.23 ? 24  C   A "C2'" 1 
ATOM   331  O  "O2'" . C   A 1 16 ? 5.970   -13.393 -20.563 1.00 135.22 ? 24  C   A "O2'" 1 
ATOM   332  C  "C1'" . C   A 1 16 ? 6.908   -13.790 -18.412 1.00 134.66 ? 24  C   A "C1'" 1 
ATOM   333  P  P     . U   A 1 17 ? 5.323   -17.639 -21.131 1.00 141.98 ? 25  U   A P     1 
ATOM   334  O  OP1   . U   A 1 17 ? 4.404   -18.300 -20.162 1.00 141.37 ? 25  U   A OP1   1 
ATOM   335  O  OP2   . U   A 1 17 ? 6.734   -18.090 -21.226 1.00 141.93 ? 25  U   A OP2   1 
ATOM   336  O  "O5'" . U   A 1 17 ? 4.660   -17.712 -22.587 1.00 144.33 ? 25  U   A "O5'" 1 
ATOM   337  C  "C5'" . U   A 1 17 ? 5.461   -17.921 -23.763 1.00 148.34 ? 25  U   A "C5'" 1 
ATOM   338  C  "C4'" . U   A 1 17 ? 4.624   -18.503 -24.893 1.00 150.67 ? 25  U   A "C4'" 1 
ATOM   339  O  "O4'" . U   A 1 17 ? 4.057   -19.773 -24.470 1.00 151.53 ? 25  U   A "O4'" 1 
ATOM   340  C  "C3'" . U   A 1 17 ? 3.428   -17.674 -25.344 1.00 151.78 ? 25  U   A "C3'" 1 
ATOM   341  O  "O3'" . U   A 1 17 ? 3.815   -16.719 -26.328 1.00 152.49 ? 25  U   A "O3'" 1 
ATOM   342  C  "C2'" . U   A 1 17 ? 2.489   -18.733 -25.916 1.00 152.19 ? 25  U   A "C2'" 1 
ATOM   343  O  "O2'" . U   A 1 17 ? 2.813   -19.133 -27.235 1.00 152.33 ? 25  U   A "O2'" 1 
ATOM   344  C  "C1'" . U   A 1 17 ? 2.727   -19.896 -24.952 1.00 152.22 ? 25  U   A "C1'" 1 
ATOM   345  N  N1    . U   A 1 17 ? 1.816   -19.884 -23.795 1.00 152.73 ? 25  U   A N1    1 
ATOM   346  C  C2    . U   A 1 17 ? 0.688   -20.684 -23.852 1.00 152.48 ? 25  U   A C2    1 
ATOM   347  O  O2    . U   A 1 17 ? 0.425   -21.388 -24.812 1.00 152.29 ? 25  U   A O2    1 
ATOM   348  N  N3    . U   A 1 17 ? -0.121  -20.627 -22.742 1.00 151.82 ? 25  U   A N3    1 
ATOM   349  C  C4    . U   A 1 17 ? 0.079   -19.869 -21.605 1.00 151.56 ? 25  U   A C4    1 
ATOM   350  O  O4    . U   A 1 17 ? -0.739  -19.928 -20.686 1.00 150.74 ? 25  U   A O4    1 
ATOM   351  C  C5    . U   A 1 17 ? 1.266   -19.069 -21.622 1.00 151.78 ? 25  U   A C5    1 
ATOM   352  C  C6    . U   A 1 17 ? 2.073   -19.102 -22.687 1.00 152.21 ? 25  U   A C6    1 
ATOM   353  P  P     . C   A 1 22 ? 9.314   -25.380 -23.306 1.00 186.39 ? 30  C   A P     1 
ATOM   354  O  OP1   . C   A 1 22 ? 8.660   -26.516 -24.004 1.00 185.84 ? 30  C   A OP1   1 
ATOM   355  O  OP2   . C   A 1 22 ? 8.481   -24.311 -22.694 1.00 185.79 ? 30  C   A OP2   1 
ATOM   356  O  "O5'" . C   A 1 22 ? 10.287  -25.970 -22.191 1.00 186.09 ? 30  C   A "O5'" 1 
ATOM   357  C  "C5'" . C   A 1 22 ? 10.938  -25.109 -21.261 1.00 185.83 ? 30  C   A "C5'" 1 
ATOM   358  C  "C4'" . C   A 1 22 ? 12.319  -25.632 -20.941 1.00 185.54 ? 30  C   A "C4'" 1 
ATOM   359  O  "O4'" . C   A 1 22 ? 13.075  -25.776 -22.176 1.00 185.00 ? 30  C   A "O4'" 1 
ATOM   360  C  "C3'" . C   A 1 22 ? 13.176  -24.707 -20.090 1.00 185.62 ? 30  C   A "C3'" 1 
ATOM   361  O  "O3'" . C   A 1 22 ? 12.903  -24.848 -18.702 1.00 185.81 ? 30  C   A "O3'" 1 
ATOM   362  C  "C2'" . C   A 1 22 ? 14.582  -25.162 -20.450 1.00 185.14 ? 30  C   A "C2'" 1 
ATOM   363  O  "O2'" . C   A 1 22 ? 14.957  -26.367 -19.809 1.00 184.21 ? 30  C   A "O2'" 1 
ATOM   364  C  "C1'" . C   A 1 22 ? 14.429  -25.407 -21.952 1.00 184.92 ? 30  C   A "C1'" 1 
ATOM   365  N  N1    . C   A 1 22 ? 14.730  -24.220 -22.775 1.00 184.66 ? 30  C   A N1    1 
ATOM   366  C  C2    . C   A 1 22 ? 15.994  -23.617 -22.665 1.00 184.36 ? 30  C   A C2    1 
ATOM   367  O  O2    . C   A 1 22 ? 16.815  -24.082 -21.861 1.00 184.41 ? 30  C   A O2    1 
ATOM   368  N  N3    . C   A 1 22 ? 16.284  -22.545 -23.436 1.00 183.87 ? 30  C   A N3    1 
ATOM   369  C  C4    . C   A 1 22 ? 15.374  -22.070 -24.287 1.00 183.88 ? 30  C   A C4    1 
ATOM   370  N  N4    . C   A 1 22 ? 15.711  -21.016 -25.031 1.00 183.73 ? 30  C   A N4    1 
ATOM   371  C  C5    . C   A 1 22 ? 14.079  -22.654 -24.412 1.00 184.00 ? 30  C   A C5    1 
ATOM   372  C  C6    . C   A 1 22 ? 13.802  -23.716 -23.644 1.00 184.21 ? 30  C   A C6    1 
ATOM   373  P  P     . G   A 1 23 ? 12.832  -23.539 -17.770 1.00 185.70 ? 31  G   A P     1 
ATOM   374  O  OP1   . G   A 1 23 ? 12.654  -23.978 -16.362 1.00 185.82 ? 31  G   A OP1   1 
ATOM   375  O  OP2   . G   A 1 23 ? 11.844  -22.616 -18.385 1.00 185.47 ? 31  G   A OP2   1 
ATOM   376  O  "O5'" . G   A 1 23 ? 14.275  -22.875 -17.911 1.00 185.11 ? 31  G   A "O5'" 1 
ATOM   377  C  "C5'" . G   A 1 23 ? 14.468  -21.484 -17.659 1.00 184.27 ? 31  G   A "C5'" 1 
ATOM   378  C  "C4'" . G   A 1 23 ? 15.859  -21.062 -18.073 1.00 183.37 ? 31  G   A "C4'" 1 
ATOM   379  O  "O4'" . G   A 1 23 ? 16.104  -21.499 -19.437 1.00 183.93 ? 31  G   A "O4'" 1 
ATOM   380  C  "C3'" . G   A 1 23 ? 16.094  -19.559 -18.113 1.00 182.61 ? 31  G   A "C3'" 1 
ATOM   381  O  "O3'" . G   A 1 23 ? 16.437  -19.036 -16.833 1.00 179.91 ? 31  G   A "O3'" 1 
ATOM   382  C  "C2'" . G   A 1 23 ? 17.244  -19.445 -19.104 1.00 183.62 ? 31  G   A "C2'" 1 
ATOM   383  O  "O2'" . G   A 1 23 ? 18.495  -19.773 -18.533 1.00 183.93 ? 31  G   A "O2'" 1 
ATOM   384  C  "C1'" . G   A 1 23 ? 16.855  -20.513 -20.128 1.00 184.57 ? 31  G   A "C1'" 1 
ATOM   385  N  N9    . G   A 1 23 ? 16.028  -19.990 -21.211 1.00 185.97 ? 31  G   A N9    1 
ATOM   386  C  C8    . G   A 1 23 ? 14.772  -20.417 -21.569 1.00 186.22 ? 31  G   A C8    1 
ATOM   387  N  N7    . G   A 1 23 ? 14.279  -19.764 -22.586 1.00 186.59 ? 31  G   A N7    1 
ATOM   388  C  C5    . G   A 1 23 ? 15.268  -18.848 -22.921 1.00 186.97 ? 31  G   A C5    1 
ATOM   389  C  C6    . G   A 1 23 ? 15.304  -17.868 -23.949 1.00 187.22 ? 31  G   A C6    1 
ATOM   390  O  O6    . G   A 1 23 ? 14.440  -17.607 -24.797 1.00 187.28 ? 31  G   A O6    1 
ATOM   391  N  N1    . G   A 1 23 ? 16.498  -17.153 -23.933 1.00 187.12 ? 31  G   A N1    1 
ATOM   392  C  C2    . G   A 1 23 ? 17.525  -17.354 -23.047 1.00 186.92 ? 31  G   A C2    1 
ATOM   393  N  N2    . G   A 1 23 ? 18.595  -16.559 -23.196 1.00 186.76 ? 31  G   A N2    1 
ATOM   394  N  N3    . G   A 1 23 ? 17.507  -18.265 -22.085 1.00 186.78 ? 31  G   A N3    1 
ATOM   395  C  C4    . G   A 1 23 ? 16.355  -18.973 -22.081 1.00 186.67 ? 31  G   A C4    1 
ATOM   396  P  P     . U   A 1 24 ? 15.328  -18.249 -15.983 1.00 178.06 ? 32  U   A P     1 
ATOM   397  O  OP1   . U   A 1 24 ? 14.927  -19.125 -14.854 1.00 178.58 ? 32  U   A OP1   1 
ATOM   398  O  OP2   . U   A 1 24 ? 14.305  -17.791 -16.954 1.00 178.54 ? 32  U   A OP2   1 
ATOM   399  O  "O5'" . U   A 1 24 ? 16.068  -16.961 -15.403 1.00 176.23 ? 32  U   A "O5'" 1 
ATOM   400  C  "C5'" . U   A 1 24 ? 15.317  -15.839 -14.931 1.00 172.96 ? 32  U   A "C5'" 1 
ATOM   401  C  "C4'" . U   A 1 24 ? 15.771  -14.578 -15.628 1.00 171.38 ? 32  U   A "C4'" 1 
ATOM   402  O  "O4'" . U   A 1 24 ? 15.968  -14.865 -17.037 1.00 171.30 ? 32  U   A "O4'" 1 
ATOM   403  C  "C3'" . U   A 1 24 ? 14.801  -13.403 -15.581 1.00 170.27 ? 32  U   A "C3'" 1 
ATOM   404  O  "O3'" . U   A 1 24 ? 15.006  -12.620 -14.401 1.00 168.20 ? 32  U   A "O3'" 1 
ATOM   405  C  "C2'" . U   A 1 24 ? 15.143  -12.636 -16.856 1.00 170.55 ? 32  U   A "C2'" 1 
ATOM   406  O  "O2'" . U   A 1 24 ? 16.242  -11.766 -16.692 1.00 170.34 ? 32  U   A "O2'" 1 
ATOM   407  C  "C1'" . U   A 1 24 ? 15.519  -13.771 -17.818 1.00 171.14 ? 32  U   A "C1'" 1 
ATOM   408  N  N1    . U   A 1 24 ? 14.440  -14.257 -18.694 1.00 171.61 ? 32  U   A N1    1 
ATOM   409  C  C2    . U   A 1 24 ? 13.723  -13.331 -19.438 1.00 171.49 ? 32  U   A C2    1 
ATOM   410  O  O2    . U   A 1 24 ? 13.950  -12.132 -19.406 1.00 171.34 ? 32  U   A O2    1 
ATOM   411  N  N3    . U   A 1 24 ? 12.727  -13.867 -20.220 1.00 170.99 ? 32  U   A N3    1 
ATOM   412  C  C4    . U   A 1 24 ? 12.385  -15.200 -20.335 1.00 170.50 ? 32  U   A C4    1 
ATOM   413  O  O4    . U   A 1 24 ? 11.457  -15.525 -21.073 1.00 170.17 ? 32  U   A O4    1 
ATOM   414  C  C5    . U   A 1 24 ? 13.175  -16.091 -19.546 1.00 170.81 ? 32  U   A C5    1 
ATOM   415  C  C6    . U   A 1 24 ? 14.150  -15.603 -18.773 1.00 171.48 ? 32  U   A C6    1 
ATOM   416  P  P     . G   A 1 25 ? 14.342  -11.153 -14.271 1.00 167.00 ? 33  G   A P     1 
ATOM   417  O  OP1   . G   A 1 25 ? 15.322  -10.148 -14.752 1.00 166.77 ? 33  G   A OP1   1 
ATOM   418  O  OP2   . G   A 1 25 ? 13.781  -11.022 -12.903 1.00 166.78 ? 33  G   A OP2   1 
ATOM   419  O  "O5'" . G   A 1 25 ? 13.117  -11.168 -15.286 1.00 166.18 ? 33  G   A "O5'" 1 
ATOM   420  C  "C5'" . G   A 1 25 ? 12.308  -10.004 -15.471 1.00 164.65 ? 33  G   A "C5'" 1 
ATOM   421  C  "C4'" . G   A 1 25 ? 12.329  -9.582  -16.921 1.00 162.92 ? 33  G   A "C4'" 1 
ATOM   422  O  "O4'" . G   A 1 25 ? 11.926  -10.707 -17.749 1.00 162.98 ? 33  G   A "O4'" 1 
ATOM   423  C  "C3'" . G   A 1 25 ? 11.377  -8.463  -17.319 1.00 161.50 ? 33  G   A "C3'" 1 
ATOM   424  O  "O3'" . G   A 1 25 ? 11.943  -7.177  -17.067 1.00 159.85 ? 33  G   A "O3'" 1 
ATOM   425  C  "C2'" . G   A 1 25 ? 11.221  -8.711  -18.812 1.00 161.46 ? 33  G   A "C2'" 1 
ATOM   426  O  "O2'" . G   A 1 25 ? 12.332  -8.238  -19.545 1.00 160.67 ? 33  G   A "O2'" 1 
ATOM   427  C  "C1'" . G   A 1 25 ? 11.191  -10.239 -18.865 1.00 161.89 ? 33  G   A "C1'" 1 
ATOM   428  P  P     . A   A 1 26 ? 11.154  -5.845  -17.525 1.00 158.57 ? 34  A   A P     1 
ATOM   429  O  OP1   . A   A 1 26 ? 11.924  -4.674  -17.035 1.00 157.81 ? 34  A   A OP1   1 
ATOM   430  O  OP2   . A   A 1 26 ? 9.718   -5.982  -17.159 1.00 158.24 ? 34  A   A OP2   1 
ATOM   431  O  "O5'" . A   A 1 26 ? 11.270  -5.861  -19.114 1.00 156.72 ? 34  A   A "O5'" 1 
ATOM   432  C  "C5'" . A   A 1 26 ? 12.302  -5.139  -19.782 1.00 153.56 ? 34  A   A "C5'" 1 
ATOM   433  C  "C4'" . A   A 1 26 ? 11.959  -4.977  -21.245 1.00 151.71 ? 34  A   A "C4'" 1 
ATOM   434  O  "O4'" . A   A 1 26 ? 12.133  -6.234  -21.947 1.00 151.29 ? 34  A   A "O4'" 1 
ATOM   435  C  "C3'" . A   A 1 26 ? 10.514  -4.596  -21.509 1.00 150.54 ? 34  A   A "C3'" 1 
ATOM   436  O  "O3'" . A   A 1 26 ? 10.340  -3.189  -21.377 1.00 148.93 ? 34  A   A "O3'" 1 
ATOM   437  C  "C2'" . A   A 1 26 ? 10.298  -5.077  -22.943 1.00 150.49 ? 34  A   A "C2'" 1 
ATOM   438  O  "O2'" . A   A 1 26 ? 10.729  -4.133  -23.903 1.00 150.24 ? 34  A   A "O2'" 1 
ATOM   439  C  "C1'" . A   A 1 26 ? 11.179  -6.332  -22.997 1.00 150.51 ? 34  A   A "C1'" 1 
ATOM   440  N  N9    . A   A 1 26 ? 10.486  -7.619  -22.868 1.00 149.60 ? 34  A   A N9    1 
ATOM   441  C  C8    . A   A 1 26 ? 10.461  -8.418  -21.755 1.00 149.60 ? 34  A   A C8    1 
ATOM   442  N  N7    . A   A 1 26 ? 9.800   -9.540  -21.916 1.00 149.45 ? 34  A   A N7    1 
ATOM   443  C  C5    . A   A 1 26 ? 9.347   -9.474  -23.225 1.00 148.56 ? 34  A   A C5    1 
ATOM   444  C  C6    . A   A 1 26 ? 8.581   -10.360 -24.003 1.00 147.53 ? 34  A   A C6    1 
ATOM   445  N  N6    . A   A 1 26 ? 8.112   -11.526 -23.553 1.00 146.29 ? 34  A   A N6    1 
ATOM   446  N  N1    . A   A 1 26 ? 8.304   -10.001 -25.272 1.00 147.13 ? 34  A   A N1    1 
ATOM   447  C  C2    . A   A 1 26 ? 8.767   -8.828  -25.719 1.00 147.92 ? 34  A   A C2    1 
ATOM   448  N  N3    . A   A 1 26 ? 9.494   -7.907  -25.084 1.00 148.65 ? 34  A   A N3    1 
ATOM   449  C  C4    . A   A 1 26 ? 9.756   -8.294  -23.825 1.00 148.97 ? 34  A   A C4    1 
ATOM   450  P  P     . A   A 1 27 ? 9.211   -2.615  -20.385 1.00 147.28 ? 35  A   A P     1 
ATOM   451  O  OP1   . A   A 1 27 ? 9.487   -1.170  -20.173 1.00 146.74 ? 35  A   A OP1   1 
ATOM   452  O  OP2   . A   A 1 27 ? 9.109   -3.525  -19.213 1.00 147.54 ? 35  A   A OP2   1 
ATOM   453  O  "O5'" . A   A 1 27 ? 7.866   -2.755  -21.222 1.00 144.84 ? 35  A   A "O5'" 1 
ATOM   454  C  "C5'" . A   A 1 27 ? 7.760   -2.221  -22.540 1.00 139.87 ? 35  A   A "C5'" 1 
ATOM   455  C  "C4'" . A   A 1 27 ? 6.952   -3.154  -23.406 1.00 136.32 ? 35  A   A "C4'" 1 
ATOM   456  O  "O4'" . A   A 1 27 ? 7.705   -4.383  -23.625 1.00 135.81 ? 35  A   A "O4'" 1 
ATOM   457  C  "C3'" . A   A 1 27 ? 5.661   -3.651  -22.778 1.00 134.64 ? 35  A   A "C3'" 1 
ATOM   458  O  "O3'" . A   A 1 27 ? 4.599   -2.703  -22.835 1.00 130.87 ? 35  A   A "O3'" 1 
ATOM   459  C  "C2'" . A   A 1 27 ? 5.402   -4.921  -23.578 1.00 134.77 ? 35  A   A "C2'" 1 
ATOM   460  O  "O2'" . A   A 1 27 ? 4.903   -4.681  -24.879 1.00 135.98 ? 35  A   A "O2'" 1 
ATOM   461  C  "C1'" . A   A 1 27 ? 6.816   -5.498  -23.657 1.00 133.91 ? 35  A   A "C1'" 1 
ATOM   462  N  N9    . A   A 1 27 ? 7.082   -6.347  -22.491 1.00 131.61 ? 35  A   A N9    1 
ATOM   463  C  C8    . A   A 1 27 ? 7.718   -6.012  -21.317 1.00 130.61 ? 35  A   A C8    1 
ATOM   464  N  N7    . A   A 1 27 ? 7.742   -6.979  -20.431 1.00 129.49 ? 35  A   A N7    1 
ATOM   465  C  C5    . A   A 1 27 ? 7.086   -8.027  -21.066 1.00 128.41 ? 35  A   A C5    1 
ATOM   466  C  C6    . A   A 1 27 ? 6.767   -9.333  -20.652 1.00 126.82 ? 35  A   A C6    1 
ATOM   467  N  N6    . A   A 1 27 ? 7.072   -9.830  -19.452 1.00 125.23 ? 35  A   A N6    1 
ATOM   468  N  N1    . A   A 1 27 ? 6.110   -10.119 -21.526 1.00 126.60 ? 35  A   A N1    1 
ATOM   469  C  C2    . A   A 1 27 ? 5.794   -9.621  -22.728 1.00 126.82 ? 35  A   A C2    1 
ATOM   470  N  N3    . A   A 1 27 ? 6.032   -8.415  -23.230 1.00 127.30 ? 35  A   A N3    1 
ATOM   471  C  C4    . A   A 1 27 ? 6.688   -7.656  -22.340 1.00 129.05 ? 35  A   A C4    1 
ATOM   472  P  P     . G   A 1 28 ? 3.592   -2.566  -21.582 1.00 128.40 ? 36  G   A P     1 
ATOM   473  O  OP1   . G   A 1 28 ? 2.673   -1.429  -21.866 1.00 128.41 ? 36  G   A OP1   1 
ATOM   474  O  OP2   . G   A 1 28 ? 4.387   -2.568  -20.322 1.00 127.59 ? 36  G   A OP2   1 
ATOM   475  O  "O5'" . G   A 1 28 ? 2.747   -3.917  -21.626 1.00 123.45 ? 36  G   A "O5'" 1 
ATOM   476  C  "C5'" . G   A 1 28 ? 2.133   -4.345  -22.835 1.00 115.32 ? 36  G   A "C5'" 1 
ATOM   477  C  "C4'" . G   A 1 28 ? 1.862   -5.829  -22.790 1.00 109.98 ? 36  G   A "C4'" 1 
ATOM   478  O  "O4'" . G   A 1 28 ? 3.104   -6.528  -22.529 1.00 107.62 ? 36  G   A "O4'" 1 
ATOM   479  C  "C3'" . G   A 1 28 ? 0.955   -6.310  -21.671 1.00 107.37 ? 36  G   A "C3'" 1 
ATOM   480  O  "O3'" . G   A 1 28 ? -0.414  -6.165  -21.996 1.00 104.63 ? 36  G   A "O3'" 1 
ATOM   481  C  "C2'" . G   A 1 28 ? 1.321   -7.778  -21.577 1.00 107.31 ? 36  G   A "C2'" 1 
ATOM   482  O  "O2'" . G   A 1 28 ? 0.685   -8.562  -22.564 1.00 108.38 ? 36  G   A "O2'" 1 
ATOM   483  C  "C1'" . G   A 1 28 ? 2.829   -7.721  -21.816 1.00 106.42 ? 36  G   A "C1'" 1 
ATOM   484  N  N9    . G   A 1 28 ? 3.551   -7.694  -20.550 1.00 104.39 ? 36  G   A N9    1 
ATOM   485  C  C8    . G   A 1 28 ? 4.337   -6.688  -20.034 1.00 103.80 ? 36  G   A C8    1 
ATOM   486  N  N7    . G   A 1 28 ? 4.842   -6.985  -18.867 1.00 102.83 ? 36  G   A N7    1 
ATOM   487  C  C5    . G   A 1 28 ? 4.361   -8.262  -18.602 1.00 101.85 ? 36  G   A C5    1 
ATOM   488  C  C6    . G   A 1 28 ? 4.566   -9.101  -17.494 1.00 101.24 ? 36  G   A C6    1 
ATOM   489  O  O6    . G   A 1 28 ? 5.245   -8.888  -16.487 1.00 100.54 ? 36  G   A O6    1 
ATOM   490  N  N1    . G   A 1 28 ? 3.881   -10.306 -17.631 1.00 102.13 ? 36  G   A N1    1 
ATOM   491  C  C2    . G   A 1 28 ? 3.094   -10.653 -18.701 1.00 102.04 ? 36  G   A C2    1 
ATOM   492  N  N2    . G   A 1 28 ? 2.500   -11.860 -18.653 1.00 101.57 ? 36  G   A N2    1 
ATOM   493  N  N3    . G   A 1 28 ? 2.900   -9.876  -19.743 1.00 101.55 ? 36  G   A N3    1 
ATOM   494  C  C4    . G   A 1 28 ? 3.559   -8.706  -19.628 1.00 102.34 ? 36  G   A C4    1 
ATOM   495  P  P     . G   A 1 29 ? -1.425  -5.619  -20.881 1.00 103.66 ? 37  G   A P     1 
ATOM   496  O  OP1   . G   A 1 29 ? -2.603  -5.003  -21.549 1.00 102.44 ? 37  G   A OP1   1 
ATOM   497  O  OP2   . G   A 1 29 ? -0.588  -4.796  -19.968 1.00 105.53 ? 37  G   A OP2   1 
ATOM   498  O  "O5'" . G   A 1 29 ? -1.893  -6.926  -20.093 1.00 98.68  ? 37  G   A "O5'" 1 
ATOM   499  C  "C5'" . G   A 1 29 ? -2.698  -7.906  -20.722 1.00 90.98  ? 37  G   A "C5'" 1 
ATOM   500  C  "C4'" . G   A 1 29 ? -2.706  -9.169  -19.907 1.00 86.84  ? 37  G   A "C4'" 1 
ATOM   501  O  "O4'" . G   A 1 29 ? -1.344  -9.657  -19.763 1.00 84.90  ? 37  G   A "O4'" 1 
ATOM   502  C  "C3'" . G   A 1 29 ? -3.171  -9.014  -18.474 1.00 85.44  ? 37  G   A "C3'" 1 
ATOM   503  O  "O3'" . G   A 1 29 ? -4.585  -9.046  -18.364 1.00 84.80  ? 37  G   A "O3'" 1 
ATOM   504  C  "C2'" . G   A 1 29 ? -2.556  -10.240 -17.827 1.00 84.11  ? 37  G   A "C2'" 1 
ATOM   505  O  "O2'" . G   A 1 29 ? -3.278  -11.400 -18.172 1.00 82.15  ? 37  G   A "O2'" 1 
ATOM   506  C  "C1'" . G   A 1 29 ? -1.177  -10.253 -18.482 1.00 83.85  ? 37  G   A "C1'" 1 
ATOM   507  N  N9    . G   A 1 29 ? -0.186  -9.474  -17.742 1.00 85.28  ? 37  G   A N9    1 
ATOM   508  C  C8    . G   A 1 29 ? 0.422   -8.306  -18.160 1.00 87.15  ? 37  G   A C8    1 
ATOM   509  N  N7    . G   A 1 29 ? 1.276   -7.827  -17.288 1.00 86.07  ? 37  G   A N7    1 
ATOM   510  C  C5    . G   A 1 29 ? 1.236   -8.733  -16.233 1.00 85.59  ? 37  G   A C5    1 
ATOM   511  C  C6    . G   A 1 29 ? 1.952   -8.747  -15.001 1.00 85.14  ? 37  G   A C6    1 
ATOM   512  O  O6    . G   A 1 29 ? 2.802   -7.943  -14.586 1.00 85.76  ? 37  G   A O6    1 
ATOM   513  N  N1    . G   A 1 29 ? 1.596   -9.838  -14.221 1.00 83.17  ? 37  G   A N1    1 
ATOM   514  C  C2    . G   A 1 29 ? 0.680   -10.788 -14.573 1.00 82.49  ? 37  G   A C2    1 
ATOM   515  N  N2    . G   A 1 29 ? 0.471   -11.744 -13.674 1.00 83.18  ? 37  G   A N2    1 
ATOM   516  N  N3    . G   A 1 29 ? 0.014   -10.798 -15.716 1.00 82.26  ? 37  G   A N3    1 
ATOM   517  C  C4    . G   A 1 29 ? 0.336   -9.753  -16.493 1.00 84.14  ? 37  G   A C4    1 
ATOM   518  P  P     . C   A 1 30 ? -5.296  -8.273  -17.152 1.00 84.71  ? 38  C   A P     1 
ATOM   519  O  OP1   . C   A 1 30 ? -6.752  -8.238  -17.434 1.00 85.28  ? 38  C   A OP1   1 
ATOM   520  O  OP2   . C   A 1 30 ? -4.541  -7.012  -16.989 1.00 83.55  ? 38  C   A OP2   1 
ATOM   521  O  "O5'" . C   A 1 30 ? -5.049  -9.178  -15.862 1.00 83.77  ? 38  C   A "O5'" 1 
ATOM   522  C  "C5'" . C   A 1 30 ? -5.719  -10.424 -15.677 1.00 83.32  ? 38  C   A "C5'" 1 
ATOM   523  C  "C4'" . C   A 1 30 ? -5.555  -10.891 -14.246 1.00 86.04  ? 38  C   A "C4'" 1 
ATOM   524  O  "O4'" . C   A 1 30 ? -4.144  -11.166 -13.999 1.00 85.79  ? 38  C   A "O4'" 1 
ATOM   525  C  "C3'" . C   A 1 30 ? -5.936  -9.861  -13.183 1.00 87.13  ? 38  C   A "C3'" 1 
ATOM   526  O  "O3'" . C   A 1 30 ? -7.327  -9.860  -12.853 1.00 89.08  ? 38  C   A "O3'" 1 
ATOM   527  C  "C2'" . C   A 1 30 ? -5.071  -10.254 -11.987 1.00 86.00  ? 38  C   A "C2'" 1 
ATOM   528  O  "O2'" . C   A 1 30 ? -5.668  -11.236 -11.146 1.00 80.78  ? 38  C   A "O2'" 1 
ATOM   529  C  "C1'" . C   A 1 30 ? -3.780  -10.727 -12.682 1.00 85.70  ? 38  C   A "C1'" 1 
ATOM   530  N  N1    . C   A 1 30 ? -2.753  -9.662  -12.817 1.00 83.23  ? 38  C   A N1    1 
ATOM   531  C  C2    . C   A 1 30 ? -1.948  -9.308  -11.714 1.00 81.05  ? 38  C   A C2    1 
ATOM   532  O  O2    . C   A 1 30 ? -2.100  -9.898  -10.636 1.00 78.16  ? 38  C   A O2    1 
ATOM   533  N  N3    . C   A 1 30 ? -1.032  -8.312  -11.861 1.00 80.78  ? 38  C   A N3    1 
ATOM   534  C  C4    . C   A 1 30 ? -0.913  -7.672  -13.035 1.00 80.89  ? 38  C   A C4    1 
ATOM   535  N  N4    . C   A 1 30 ? -0.030  -6.670  -13.138 1.00 77.18  ? 38  C   A N4    1 
ATOM   536  C  C5    . C   A 1 30 ? -1.703  -8.024  -14.162 1.00 82.58  ? 38  C   A C5    1 
ATOM   537  C  C6    . C   A 1 30 ? -2.598  -9.015  -14.012 1.00 83.89  ? 38  C   A C6    1 
ATOM   538  P  P     . U   A 1 31 ? -8.046  -8.467  -12.457 1.00 92.25  ? 39  U   A P     1 
ATOM   539  O  OP1   . U   A 1 31 ? -9.510  -8.711  -12.378 1.00 92.04  ? 39  U   A OP1   1 
ATOM   540  O  OP2   . U   A 1 31 ? -7.520  -7.379  -13.343 1.00 91.65  ? 39  U   A OP2   1 
ATOM   541  O  "O5'" . U   A 1 31 ? -7.549  -8.162  -10.973 1.00 91.40  ? 39  U   A "O5'" 1 
ATOM   542  C  "C5'" . U   A 1 31 ? -8.058  -8.896  -9.862  1.00 89.18  ? 39  U   A "C5'" 1 
ATOM   543  C  "C4'" . U   A 1 31 ? -7.326  -8.505  -8.595  1.00 87.33  ? 39  U   A "C4'" 1 
ATOM   544  O  "O4'" . U   A 1 31 ? -5.909  -8.830  -8.700  1.00 85.14  ? 39  U   A "O4'" 1 
ATOM   545  C  "C3'" . U   A 1 31 ? -7.311  -7.028  -8.249  1.00 86.72  ? 39  U   A "C3'" 1 
ATOM   546  O  "O3'" . U   A 1 31 ? -8.562  -6.674  -7.651  1.00 89.39  ? 39  U   A "O3'" 1 
ATOM   547  C  "C2'" . U   A 1 31 ? -6.160  -6.994  -7.247  1.00 84.57  ? 39  U   A "C2'" 1 
ATOM   548  O  "O2'" . U   A 1 31 ? -6.534  -7.581  -6.014  1.00 85.30  ? 39  U   A "O2'" 1 
ATOM   549  C  "C1'" . U   A 1 31 ? -5.152  -7.933  -7.912  1.00 79.90  ? 39  U   A "C1'" 1 
ATOM   550  N  N1    . U   A 1 31 ? -4.187  -7.252  -8.785  1.00 75.10  ? 39  U   A N1    1 
ATOM   551  C  C2    . U   A 1 31 ? -2.973  -6.844  -8.236  1.00 74.57  ? 39  U   A C2    1 
ATOM   552  O  O2    . U   A 1 31 ? -2.652  -7.051  -7.077  1.00 76.37  ? 39  U   A O2    1 
ATOM   553  N  N3    . U   A 1 31 ? -2.136  -6.185  -9.098  1.00 72.12  ? 39  U   A N3    1 
ATOM   554  C  C4    . U   A 1 31 ? -2.363  -5.905  -10.417 1.00 70.98  ? 39  U   A C4    1 
ATOM   555  O  O4    . U   A 1 31 ? -1.503  -5.295  -11.062 1.00 68.47  ? 39  U   A O4    1 
ATOM   556  C  C5    . U   A 1 31 ? -3.625  -6.371  -10.913 1.00 72.04  ? 39  U   A C5    1 
ATOM   557  C  C6    . U   A 1 31 ? -4.470  -7.012  -10.097 1.00 72.93  ? 39  U   A C6    1 
ATOM   558  P  P     . G   A 1 32 ? -9.221  -5.235  -7.944  1.00 87.90  ? 40  G   A P     1 
ATOM   559  O  OP1   . G   A 1 32 ? -10.609 -5.235  -7.396  1.00 83.06  ? 40  G   A OP1   1 
ATOM   560  O  OP2   . G   A 1 32 ? -8.990  -4.922  -9.377  1.00 87.27  ? 40  G   A OP2   1 
ATOM   561  O  "O5'" . G   A 1 32 ? -8.345  -4.237  -7.062  1.00 88.49  ? 40  G   A "O5'" 1 
ATOM   562  C  "C5'" . G   A 1 32 ? -8.264  -4.374  -5.639  1.00 89.14  ? 40  G   A "C5'" 1 
ATOM   563  C  "C4'" . G   A 1 32 ? -7.127  -3.538  -5.112  1.00 88.76  ? 40  G   A "C4'" 1 
ATOM   564  O  "O4'" . G   A 1 32 ? -5.880  -4.092  -5.612  1.00 88.46  ? 40  G   A "O4'" 1 
ATOM   565  C  "C3'" . G   A 1 32 ? -7.175  -2.099  -5.600  1.00 89.51  ? 40  G   A "C3'" 1 
ATOM   566  O  "O3'" . G   A 1 32 ? -7.935  -1.291  -4.673  1.00 91.33  ? 40  G   A "O3'" 1 
ATOM   567  C  "C2'" . G   A 1 32 ? -5.691  -1.722  -5.671  1.00 88.85  ? 40  G   A "C2'" 1 
ATOM   568  O  "O2'" . G   A 1 32 ? -5.168  -1.269  -4.443  1.00 89.91  ? 40  G   A "O2'" 1 
ATOM   569  C  "C1'" . G   A 1 32 ? -5.024  -3.053  -6.055  1.00 88.10  ? 40  G   A "C1'" 1 
ATOM   570  N  N9    . G   A 1 32 ? -4.830  -3.217  -7.494  1.00 86.29  ? 40  G   A N9    1 
ATOM   571  C  C8    . G   A 1 32 ? -5.741  -3.763  -8.357  1.00 87.39  ? 40  G   A C8    1 
ATOM   572  N  N7    . G   A 1 32 ? -5.376  -3.692  -9.604  1.00 88.09  ? 40  G   A N7    1 
ATOM   573  C  C5    . G   A 1 32 ? -4.131  -3.085  -9.565  1.00 87.46  ? 40  G   A C5    1 
ATOM   574  C  C6    . G   A 1 32 ? -3.262  -2.724  -10.625 1.00 89.26  ? 40  G   A C6    1 
ATOM   575  O  O6    . G   A 1 32 ? -3.435  -2.865  -11.851 1.00 91.56  ? 40  G   A O6    1 
ATOM   576  N  N1    . G   A 1 32 ? -2.096  -2.135  -10.152 1.00 88.27  ? 40  G   A N1    1 
ATOM   577  C  C2    . G   A 1 32 ? -1.805  -1.918  -8.838  1.00 87.41  ? 40  G   A C2    1 
ATOM   578  N  N2    . G   A 1 32 ? -0.617  -1.334  -8.608  1.00 86.46  ? 40  G   A N2    1 
ATOM   579  N  N3    . G   A 1 32 ? -2.616  -2.245  -7.830  1.00 86.74  ? 40  G   A N3    1 
ATOM   580  C  C4    . G   A 1 32 ? -3.758  -2.815  -8.268  1.00 85.94  ? 40  G   A C4    1 
ATOM   581  P  P     . A   A 1 33 ? -9.200  -0.399  -5.190  1.00 92.42  ? 41  A   A P     1 
ATOM   582  O  OP1   . A   A 1 33 ? -10.111 -0.136  -4.021  1.00 87.58  ? 41  A   A OP1   1 
ATOM   583  O  OP2   . A   A 1 33 ? -9.746  -1.063  -6.419  1.00 89.80  ? 41  A   A OP2   1 
ATOM   584  O  "O5'" . A   A 1 33 ? -8.561  1.005   -5.613  1.00 86.55  ? 41  A   A "O5'" 1 
ATOM   585  C  "C5'" . A   A 1 33 ? -7.558  1.086   -6.629  1.00 83.20  ? 41  A   A "C5'" 1 
ATOM   586  C  "C4'" . A   A 1 33 ? -6.868  2.429   -6.577  1.00 81.56  ? 41  A   A "C4'" 1 
ATOM   587  O  "O4'" . A   A 1 33 ? -7.001  2.979   -5.249  1.00 81.88  ? 41  A   A "O4'" 1 
ATOM   588  C  "C3'" . A   A 1 33 ? -5.381  2.358   -6.886  1.00 81.58  ? 41  A   A "C3'" 1 
ATOM   589  O  "O3'" . A   A 1 33 ? -5.157  2.655   -8.262  1.00 80.68  ? 41  A   A "O3'" 1 
ATOM   590  C  "C2'" . A   A 1 33 ? -4.764  3.418   -5.974  1.00 81.51  ? 41  A   A "C2'" 1 
ATOM   591  O  "O2'" . A   A 1 33 ? -4.698  4.682   -6.575  1.00 83.45  ? 41  A   A "O2'" 1 
ATOM   592  C  "C1'" . A   A 1 33 ? -5.756  3.478   -4.811  1.00 82.08  ? 41  A   A "C1'" 1 
ATOM   593  N  N9    . A   A 1 33 ? -5.403  2.774   -3.573  1.00 82.08  ? 41  A   A N9    1 
ATOM   594  C  C8    . A   A 1 33 ? -6.283  2.062   -2.787  1.00 80.83  ? 41  A   A C8    1 
ATOM   595  N  N7    . A   A 1 33 ? -5.754  1.592   -1.692  1.00 79.51  ? 41  A   A N7    1 
ATOM   596  C  C5    . A   A 1 33 ? -4.429  2.000   -1.761  1.00 80.53  ? 41  A   A C5    1 
ATOM   597  C  C6    . A   A 1 33 ? -3.350  1.828   -0.881  1.00 80.36  ? 41  A   A C6    1 
ATOM   598  N  N6    . A   A 1 33 ? -3.463  1.162   0.280   1.00 78.58  ? 41  A   A N6    1 
ATOM   599  N  N1    . A   A 1 33 ? -2.149  2.369   -1.233  1.00 78.15  ? 41  A   A N1    1 
ATOM   600  C  C2    . A   A 1 33 ? -2.065  3.038   -2.396  1.00 76.94  ? 41  A   A C2    1 
ATOM   601  N  N3    . A   A 1 33 ? -3.016  3.265   -3.309  1.00 78.18  ? 41  A   A N3    1 
ATOM   602  C  C4    . A   A 1 33 ? -4.189  2.715   -2.925  1.00 80.44  ? 41  A   A C4    1 
ATOM   603  P  P     . G   A 1 34 ? -4.689  1.491   -9.274  1.00 81.39  ? 42  G   A P     1 
ATOM   604  O  OP1   . G   A 1 34 ? -4.998  1.939   -10.661 1.00 77.41  ? 42  G   A OP1   1 
ATOM   605  O  OP2   . G   A 1 34 ? -5.250  0.210   -8.768  1.00 78.35  ? 42  G   A OP2   1 
ATOM   606  O  "O5'" . G   A 1 34 ? -3.104  1.482   -9.140  1.00 82.27  ? 42  G   A "O5'" 1 
ATOM   607  C  "C5'" . G   A 1 34 ? -2.314  2.508   -9.760  1.00 83.94  ? 42  G   A "C5'" 1 
ATOM   608  C  "C4'" . G   A 1 34 ? -1.045  2.732   -8.970  1.00 84.63  ? 42  G   A "C4'" 1 
ATOM   609  O  "O4'" . G   A 1 34 ? -1.438  2.900   -7.588  1.00 84.56  ? 42  G   A "O4'" 1 
ATOM   610  C  "C3'" . G   A 1 34 ? -0.060  1.573   -8.949  1.00 86.32  ? 42  G   A "C3'" 1 
ATOM   611  O  "O3'" . G   A 1 34 ? 0.891   1.736   -9.998  1.00 90.04  ? 42  G   A "O3'" 1 
ATOM   612  C  "C2'" . G   A 1 34 ? 0.628   1.740   -7.601  1.00 83.93  ? 42  G   A "C2'" 1 
ATOM   613  O  "O2'" . G   A 1 34 ? 1.608   2.755   -7.659  1.00 86.44  ? 42  G   A "O2'" 1 
ATOM   614  C  "C1'" . G   A 1 34 ? -0.511  2.269   -6.740  1.00 80.09  ? 42  G   A "C1'" 1 
ATOM   615  N  N9    . G   A 1 34 ? -1.245  1.323   -5.915  1.00 73.93  ? 42  G   A N9    1 
ATOM   616  C  C8    . G   A 1 34 ? -2.485  0.787   -6.165  1.00 71.63  ? 42  G   A C8    1 
ATOM   617  N  N7    . G   A 1 34 ? -2.939  0.064   -5.172  1.00 70.63  ? 42  G   A N7    1 
ATOM   618  C  C5    . G   A 1 34 ? -1.920  0.104   -4.226  1.00 69.17  ? 42  G   A C5    1 
ATOM   619  C  C6    . G   A 1 34 ? -1.832  -0.478  -2.927  1.00 66.61  ? 42  G   A C6    1 
ATOM   620  O  O6    . G   A 1 34 ? -2.652  -1.183  -2.335  1.00 66.27  ? 42  G   A O6    1 
ATOM   621  N  N1    . G   A 1 34 ? -0.630  -0.169  -2.314  1.00 64.82  ? 42  G   A N1    1 
ATOM   622  C  C2    . G   A 1 34 ? 0.371   0.584   -2.868  1.00 67.40  ? 42  G   A C2    1 
ATOM   623  N  N2    . G   A 1 34 ? 1.469   0.739   -2.116  1.00 68.59  ? 42  G   A N2    1 
ATOM   624  N  N3    . G   A 1 34 ? 0.307   1.135   -4.068  1.00 68.12  ? 42  G   A N3    1 
ATOM   625  C  C4    . G   A 1 34 ? -0.858  0.859   -4.685  1.00 71.10  ? 42  G   A C4    1 
ATOM   626  P  P     . A   A 1 35 ? 1.527   0.442   -10.708 1.00 93.76  ? 43  A   A P     1 
ATOM   627  O  OP1   . A   A 1 35 ? 2.415   0.957   -11.781 1.00 91.87  ? 43  A   A OP1   1 
ATOM   628  O  OP2   . A   A 1 35 ? 0.410   -0.496  -11.047 1.00 92.48  ? 43  A   A OP2   1 
ATOM   629  O  "O5'" . A   A 1 35 ? 2.406   -0.253  -9.567  1.00 91.74  ? 43  A   A "O5'" 1 
ATOM   630  C  "C5'" . A   A 1 35 ? 3.831   -0.314  -9.647  1.00 88.80  ? 43  A   A "C5'" 1 
ATOM   631  C  "C4'" . A   A 1 35 ? 4.290   -1.744  -9.508  1.00 88.33  ? 43  A   A "C4'" 1 
ATOM   632  O  "O4'" . A   A 1 35 ? 3.502   -2.368  -8.479  1.00 84.97  ? 43  A   A "O4'" 1 
ATOM   633  C  "C3'" . A   A 1 35 ? 4.056   -2.634  -10.725 1.00 91.07  ? 43  A   A "C3'" 1 
ATOM   634  O  "O3'" . A   A 1 35 ? 5.243   -2.734  -11.515 1.00 99.49  ? 43  A   A "O3'" 1 
ATOM   635  C  "C2'" . A   A 1 35 ? 3.833   -4.030  -10.140 1.00 87.56  ? 43  A   A "C2'" 1 
ATOM   636  O  "O2'" . A   A 1 35 ? 4.943   -4.875  -10.303 1.00 88.47  ? 43  A   A "O2'" 1 
ATOM   637  C  "C1'" . A   A 1 35 ? 3.598   -3.751  -8.654  1.00 84.92  ? 43  A   A "C1'" 1 
ATOM   638  N  N9    . A   A 1 35 ? 2.448   -4.426  -8.072  1.00 82.35  ? 43  A   A N9    1 
ATOM   639  C  C8    . A   A 1 35 ? 1.250   -4.707  -8.666  1.00 82.56  ? 43  A   A C8    1 
ATOM   640  N  N7    . A   A 1 35 ? 0.452   -5.440  -7.923  1.00 81.58  ? 43  A   A N7    1 
ATOM   641  C  C5    . A   A 1 35 ? 1.162   -5.625  -6.747  1.00 77.85  ? 43  A   A C5    1 
ATOM   642  C  C6    . A   A 1 35 ? 0.857   -6.305  -5.563  1.00 74.84  ? 43  A   A C6    1 
ATOM   643  N  N6    . A   A 1 35 ? -0.288  -6.960  -5.368  1.00 74.06  ? 43  A   A N6    1 
ATOM   644  N  N1    . A   A 1 35 ? 1.773   -6.289  -4.575  1.00 73.33  ? 43  A   A N1    1 
ATOM   645  C  C2    . A   A 1 35 ? 2.922   -5.632  -4.777  1.00 75.17  ? 43  A   A C2    1 
ATOM   646  N  N3    . A   A 1 35 ? 3.328   -4.956  -5.851  1.00 77.41  ? 43  A   A N3    1 
ATOM   647  C  C4    . A   A 1 35 ? 2.388   -4.990  -6.814  1.00 79.86  ? 43  A   A C4    1 
ATOM   648  P  P     . A   A 1 36 ? 5.729   -1.501  -12.431 1.00 106.89 ? 44  A   A P     1 
ATOM   649  O  OP1   . A   A 1 36 ? 4.564   -0.946  -13.163 1.00 107.06 ? 44  A   A OP1   1 
ATOM   650  O  OP2   . A   A 1 36 ? 6.920   -1.963  -13.189 1.00 106.96 ? 44  A   A OP2   1 
ATOM   651  O  "O5'" . A   A 1 36 ? 6.221   -0.403  -11.390 1.00 110.36 ? 44  A   A "O5'" 1 
ATOM   652  C  "C5'" . A   A 1 36 ? 7.320   -0.659  -10.523 1.00 116.65 ? 44  A   A "C5'" 1 
ATOM   653  C  "C4'" . A   A 1 36 ? 7.932   0.644   -10.071 1.00 121.19 ? 44  A   A "C4'" 1 
ATOM   654  O  "O4'" . A   A 1 36 ? 9.025   0.368   -9.155  1.00 121.76 ? 44  A   A "O4'" 1 
ATOM   655  C  "C3'" . A   A 1 36 ? 8.537   1.481   -11.190 1.00 124.53 ? 44  A   A "C3'" 1 
ATOM   656  O  "O3'" . A   A 1 36 ? 7.545   2.354   -11.739 1.00 129.76 ? 44  A   A "O3'" 1 
ATOM   657  C  "C2'" . A   A 1 36 ? 9.623   2.268   -10.463 1.00 124.61 ? 44  A   A "C2'" 1 
ATOM   658  O  "O2'" . A   A 1 36 ? 9.123   3.428   -9.831  1.00 126.35 ? 44  A   A "O2'" 1 
ATOM   659  C  "C1'" . A   A 1 36 ? 10.093  1.263   -9.406  1.00 123.65 ? 44  A   A "C1'" 1 
ATOM   660  P  P     . A   A 1 37 ? 7.658   2.852   -13.273 1.00 133.74 ? 45  A   A P     1 
ATOM   661  O  OP1   . A   A 1 37 ? 6.821   1.922   -14.081 1.00 133.16 ? 45  A   A OP1   1 
ATOM   662  O  OP2   . A   A 1 37 ? 9.099   3.022   -13.610 1.00 133.90 ? 45  A   A OP2   1 
ATOM   663  O  "O5'" . A   A 1 37 ? 6.968   4.297   -13.278 1.00 132.71 ? 45  A   A "O5'" 1 
ATOM   664  C  "C5'" . A   A 1 37 ? 6.199   4.753   -14.401 1.00 132.27 ? 45  A   A "C5'" 1 
ATOM   665  C  "C4'" . A   A 1 37 ? 4.899   5.389   -13.935 1.00 131.56 ? 45  A   A "C4'" 1 
ATOM   666  O  "O4'" . A   A 1 37 ? 4.519   4.746   -12.682 1.00 130.19 ? 45  A   A "O4'" 1 
ATOM   667  C  "C3'" . A   A 1 37 ? 4.914   6.886   -13.624 1.00 131.44 ? 45  A   A "C3'" 1 
ATOM   668  O  "O3'" . A   A 1 37 ? 4.638   7.684   -14.792 1.00 131.75 ? 45  A   A "O3'" 1 
ATOM   669  C  "C2'" . A   A 1 37 ? 3.822   6.995   -12.560 1.00 130.44 ? 45  A   A "C2'" 1 
ATOM   670  O  "O2'" . A   A 1 37 ? 2.515   6.976   -13.099 1.00 129.27 ? 45  A   A "O2'" 1 
ATOM   671  C  "C1'" . A   A 1 37 ? 4.062   5.713   -11.755 1.00 128.95 ? 45  A   A "C1'" 1 
ATOM   672  N  N9    . A   A 1 37 ? 5.095   5.846   -10.723 1.00 127.32 ? 45  A   A N9    1 
ATOM   673  C  C8    . A   A 1 37 ? 5.977   6.886   -10.545 1.00 127.04 ? 45  A   A C8    1 
ATOM   674  N  N7    . A   A 1 37 ? 6.815   6.706   -9.552  1.00 125.71 ? 45  A   A N7    1 
ATOM   675  C  C5    . A   A 1 37 ? 6.457   5.471   -9.035  1.00 124.12 ? 45  A   A C5    1 
ATOM   676  C  C6    . A   A 1 37 ? 6.968   4.723   -7.979  1.00 122.94 ? 45  A   A C6    1 
ATOM   677  N  N6    . A   A 1 37 ? 7.988   5.125   -7.228  1.00 122.13 ? 45  A   A N6    1 
ATOM   678  N  N1    . A   A 1 37 ? 6.392   3.532   -7.713  1.00 123.05 ? 45  A   A N1    1 
ATOM   679  C  C2    . A   A 1 37 ? 5.367   3.133   -8.476  1.00 123.64 ? 45  A   A C2    1 
ATOM   680  N  N3    . A   A 1 37 ? 4.794   3.752   -9.505  1.00 124.52 ? 45  A   A N3    1 
ATOM   681  C  C4    . A   A 1 37 ? 5.393   4.932   -9.738  1.00 125.42 ? 45  A   A C4    1 
ATOM   682  P  P     . U   A 1 38 ? 4.638   9.305   -14.692 1.00 132.71 ? 46  U   A P     1 
ATOM   683  O  OP1   . U   A 1 38 ? 3.233   9.778   -14.636 1.00 131.20 ? 46  U   A OP1   1 
ATOM   684  O  OP2   . U   A 1 38 ? 5.576   9.904   -15.681 1.00 131.27 ? 46  U   A OP2   1 
ATOM   685  P  P     . A   A 1 39 ? 3.644   14.105  -11.806 1.00 105.39 ? 47  A   A P     1 
ATOM   686  O  OP1   . A   A 1 39 ? 3.245   13.972  -13.231 1.00 105.04 ? 47  A   A OP1   1 
ATOM   687  O  OP2   . A   A 1 39 ? 2.905   15.053  -10.925 1.00 104.70 ? 47  A   A OP2   1 
ATOM   688  O  "O5'" . A   A 1 39 ? 3.705   12.645  -11.147 1.00 104.10 ? 47  A   A "O5'" 1 
ATOM   689  C  "C5'" . A   A 1 39 ? 2.808   12.258  -10.093 1.00 99.76  ? 47  A   A "C5'" 1 
ATOM   690  C  "C4'" . A   A 1 39 ? 2.353   10.818  -10.273 1.00 96.17  ? 47  A   A "C4'" 1 
ATOM   691  O  "O4'" . A   A 1 39 ? 3.503   9.922   -10.242 1.00 93.79  ? 47  A   A "O4'" 1 
ATOM   692  C  "C3'" . A   A 1 39 ? 1.447   10.309  -9.161  1.00 94.25  ? 47  A   A "C3'" 1 
ATOM   693  O  "O3'" . A   A 1 39 ? 0.083   10.674  -9.357  1.00 93.63  ? 47  A   A "O3'" 1 
ATOM   694  C  "C2'" . A   A 1 39 ? 1.662   8.798   -9.200  1.00 93.66  ? 47  A   A "C2'" 1 
ATOM   695  O  "O2'" . A   A 1 39 ? 0.807   8.073   -10.060 1.00 91.48  ? 47  A   A "O2'" 1 
ATOM   696  C  "C1'" . A   A 1 39 ? 3.135   8.699   -9.617  1.00 93.19  ? 47  A   A "C1'" 1 
ATOM   697  N  N9    . A   A 1 39 ? 4.004   8.477   -8.459  1.00 92.10  ? 47  A   A N9    1 
ATOM   698  C  C8    . A   A 1 39 ? 4.970   9.292   -7.922  1.00 90.97  ? 47  A   A C8    1 
ATOM   699  N  N7    . A   A 1 39 ? 5.556   8.787   -6.862  1.00 90.35  ? 47  A   A N7    1 
ATOM   700  C  C5    . A   A 1 39 ? 4.937   7.554   -6.694  1.00 91.31  ? 47  A   A C5    1 
ATOM   701  C  C6    . A   A 1 39 ? 5.106   6.521   -5.749  1.00 91.62  ? 47  A   A C6    1 
ATOM   702  N  N6    . A   A 1 39 ? 5.998   6.558   -4.756  1.00 91.62  ? 47  A   A N6    1 
ATOM   703  N  N1    . A   A 1 39 ? 4.319   5.429   -5.864  1.00 91.47  ? 47  A   A N1    1 
ATOM   704  C  C2    . A   A 1 39 ? 3.432   5.382   -6.861  1.00 90.75  ? 47  A   A C2    1 
ATOM   705  N  N3    . A   A 1 39 ? 3.186   6.280   -7.808  1.00 90.85  ? 47  A   A N3    1 
ATOM   706  C  C4    . A   A 1 39 ? 3.979   7.354   -7.668  1.00 91.05  ? 47  A   A C4    1 
ATOM   707  P  P     . C   A 1 40 ? -0.744  11.349  -8.146  1.00 93.47  ? 48  C   A P     1 
ATOM   708  O  OP1   . C   A 1 40 ? -1.959  12.003  -8.683  1.00 93.07  ? 48  C   A OP1   1 
ATOM   709  O  OP2   . C   A 1 40 ? 0.249   12.170  -7.409  1.00 92.47  ? 48  C   A OP2   1 
ATOM   710  O  "O5'" . C   A 1 40 ? -1.227  10.102  -7.263  1.00 89.17  ? 48  C   A "O5'" 1 
ATOM   711  C  "C5'" . C   A 1 40 ? -2.067  9.088   -7.827  1.00 85.46  ? 48  C   A "C5'" 1 
ATOM   712  C  "C4'" . C   A 1 40 ? -2.004  7.798   -7.012  1.00 83.20  ? 48  C   A "C4'" 1 
ATOM   713  O  "O4'" . C   A 1 40 ? -0.694  7.156   -7.101  1.00 82.29  ? 48  C   A "O4'" 1 
ATOM   714  C  "C3'" . C   A 1 40 ? -2.237  7.931   -5.523  1.00 80.15  ? 48  C   A "C3'" 1 
ATOM   715  O  "O3'" . C   A 1 40 ? -3.616  7.938   -5.245  1.00 80.22  ? 48  C   A "O3'" 1 
ATOM   716  C  "C2'" . C   A 1 40 ? -1.638  6.639   -5.016  1.00 78.66  ? 48  C   A "C2'" 1 
ATOM   717  O  "O2'" . C   A 1 40 ? -2.496  5.597   -5.416  1.00 79.42  ? 48  C   A "O2'" 1 
ATOM   718  C  "C1'" . C   A 1 40 ? -0.363  6.561   -5.850  1.00 77.10  ? 48  C   A "C1'" 1 
ATOM   719  N  N1    . C   A 1 40 ? 0.786   7.293   -5.272  1.00 73.43  ? 48  C   A N1    1 
ATOM   720  C  C2    . C   A 1 40 ? 1.545   6.704   -4.262  1.00 71.41  ? 48  C   A C2    1 
ATOM   721  O  O2    . C   A 1 40 ? 1.223   5.599   -3.836  1.00 71.76  ? 48  C   A O2    1 
ATOM   722  N  N3    . C   A 1 40 ? 2.617   7.360   -3.774  1.00 69.69  ? 48  C   A N3    1 
ATOM   723  C  C4    . C   A 1 40 ? 2.941   8.559   -4.257  1.00 69.30  ? 48  C   A C4    1 
ATOM   724  N  N4    . C   A 1 40 ? 4.019   9.164   -3.767  1.00 69.33  ? 48  C   A N4    1 
ATOM   725  C  C5    . C   A 1 40 ? 2.180   9.190   -5.268  1.00 70.27  ? 48  C   A C5    1 
ATOM   726  C  C6    . C   A 1 40 ? 1.117   8.533   -5.739  1.00 72.55  ? 48  C   A C6    1 
ATOM   727  P  P     . C   A 1 41 ? -4.185  8.978   -4.177  1.00 82.88  ? 49  C   A P     1 
ATOM   728  O  OP1   . C   A 1 41 ? -5.664  9.009   -4.286  1.00 84.23  ? 49  C   A OP1   1 
ATOM   729  O  OP2   . C   A 1 41 ? -3.398  10.235  -4.327  1.00 81.94  ? 49  C   A OP2   1 
ATOM   730  O  "O5'" . C   A 1 41 ? -3.818  8.348   -2.767  1.00 78.45  ? 49  C   A "O5'" 1 
ATOM   731  C  "C5'" . C   A 1 41 ? -4.390  7.130   -2.349  1.00 72.86  ? 49  C   A "C5'" 1 
ATOM   732  C  "C4'" . C   A 1 41 ? -3.585  6.546   -1.217  1.00 70.79  ? 49  C   A "C4'" 1 
ATOM   733  O  "O4'" . C   A 1 41 ? -2.207  6.378   -1.639  1.00 69.81  ? 49  C   A "O4'" 1 
ATOM   734  C  "C3'" . C   A 1 41 ? -3.423  7.401   0.017   1.00 69.34  ? 49  C   A "C3'" 1 
ATOM   735  O  "O3'" . C   A 1 41 ? -4.566  7.322   0.839   1.00 71.05  ? 49  C   A "O3'" 1 
ATOM   736  C  "C2'" . C   A 1 41 ? -2.258  6.704   0.692   1.00 69.08  ? 49  C   A "C2'" 1 
ATOM   737  O  "O2'" . C   A 1 41 ? -2.651  5.472   1.245   1.00 68.07  ? 49  C   A "O2'" 1 
ATOM   738  C  "C1'" . C   A 1 41 ? -1.365  6.406   -0.503  1.00 68.17  ? 49  C   A "C1'" 1 
ATOM   739  N  N1    . C   A 1 41 ? -0.319  7.417   -0.694  1.00 67.25  ? 49  C   A N1    1 
ATOM   740  C  C2    . C   A 1 41 ? 0.798   7.361   0.128   1.00 66.96  ? 49  C   A C2    1 
ATOM   741  O  O2    . C   A 1 41 ? 0.848   6.463   0.989   1.00 67.12  ? 49  C   A O2    1 
ATOM   742  N  N3    . C   A 1 41 ? 1.789   8.276   -0.038  1.00 65.83  ? 49  C   A N3    1 
ATOM   743  C  C4    . C   A 1 41 ? 1.678   9.212   -0.989  1.00 64.23  ? 49  C   A C4    1 
ATOM   744  N  N4    . C   A 1 41 ? 2.666   10.086  -1.133  1.00 62.78  ? 49  C   A N4    1 
ATOM   745  C  C5    . C   A 1 41 ? 0.546   9.288   -1.832  1.00 63.72  ? 49  C   A C5    1 
ATOM   746  C  C6    . C   A 1 41 ? -0.423  8.383   -1.653  1.00 66.06  ? 49  C   A C6    1 
ATOM   747  P  P     . C   A 1 42 ? -4.878  8.510   1.869   1.00 71.60  ? 50  C   A P     1 
ATOM   748  O  OP1   . C   A 1 42 ? -6.143  8.168   2.585   1.00 68.82  ? 50  C   A OP1   1 
ATOM   749  O  OP2   . C   A 1 42 ? -4.775  9.782   1.096   1.00 68.08  ? 50  C   A OP2   1 
ATOM   750  O  "O5'" . C   A 1 42 ? -3.668  8.446   2.909   1.00 69.45  ? 50  C   A "O5'" 1 
ATOM   751  C  "C5'" . C   A 1 42 ? -3.639  7.481   3.953   1.00 68.26  ? 50  C   A "C5'" 1 
ATOM   752  C  "C4'" . C   A 1 42 ? -2.371  7.620   4.760   1.00 68.46  ? 50  C   A "C4'" 1 
ATOM   753  O  "O4'" . C   A 1 42 ? -1.244  7.530   3.867   1.00 70.50  ? 50  C   A "O4'" 1 
ATOM   754  C  "C3'" . C   A 1 42 ? -2.164  8.934   5.484   1.00 69.76  ? 50  C   A "C3'" 1 
ATOM   755  O  "O3'" . C   A 1 42 ? -2.744  8.806   6.763   1.00 72.55  ? 50  C   A "O3'" 1 
ATOM   756  C  "C2'" . C   A 1 42 ? -0.655  8.976   5.646   1.00 71.19  ? 50  C   A "C2'" 1 
ATOM   757  O  "O2'" . C   A 1 42 ? -0.232  8.170   6.729   1.00 74.47  ? 50  C   A "O2'" 1 
ATOM   758  C  "C1'" . C   A 1 42 ? -0.184  8.338   4.342   1.00 69.66  ? 50  C   A "C1'" 1 
ATOM   759  N  N1    . C   A 1 42 ? 0.161   9.304   3.292   1.00 68.25  ? 50  C   A N1    1 
ATOM   760  C  C2    . C   A 1 42 ? 1.420   9.869   3.299   1.00 67.33  ? 50  C   A C2    1 
ATOM   761  O  O2    . C   A 1 42 ? 2.204   9.535   4.189   1.00 68.37  ? 50  C   A O2    1 
ATOM   762  N  N3    . C   A 1 42 ? 1.754   10.758  2.338   1.00 65.12  ? 50  C   A N3    1 
ATOM   763  C  C4    . C   A 1 42 ? 0.868   11.077  1.394   1.00 64.67  ? 50  C   A C4    1 
ATOM   764  N  N4    . C   A 1 42 ? 1.224   11.951  0.456   1.00 63.43  ? 50  C   A N4    1 
ATOM   765  C  C5    . C   A 1 42 ? -0.426  10.510  1.365   1.00 66.11  ? 50  C   A C5    1 
ATOM   766  C  C6    . C   A 1 42 ? -0.739  9.638   2.324   1.00 67.18  ? 50  C   A C6    1 
ATOM   767  P  P     . G   A 1 43 ? -3.242  10.106  7.556   1.00 75.42  ? 51  G   A P     1 
ATOM   768  O  OP1   . G   A 1 43 ? -4.060  9.521   8.660   1.00 73.93  ? 51  G   A OP1   1 
ATOM   769  O  OP2   . G   A 1 43 ? -3.849  11.103  6.629   1.00 70.81  ? 51  G   A OP2   1 
ATOM   770  O  "O5'" . G   A 1 43 ? -1.908  10.714  8.181   1.00 74.49  ? 51  G   A "O5'" 1 
ATOM   771  C  "C5'" . G   A 1 43 ? -1.354  10.145  9.354   1.00 74.78  ? 51  G   A "C5'" 1 
ATOM   772  C  "C4'" . G   A 1 43 ? -0.077  10.837  9.726   1.00 77.00  ? 51  G   A "C4'" 1 
ATOM   773  O  "O4'" . G   A 1 43 ? 0.907   10.656  8.686   1.00 77.65  ? 51  G   A "O4'" 1 
ATOM   774  C  "C3'" . G   A 1 43 ? -0.141  12.334  9.899   1.00 80.01  ? 51  G   A "C3'" 1 
ATOM   775  O  "O3'" . G   A 1 43 ? -0.592  12.611  11.209  1.00 85.96  ? 51  G   A "O3'" 1 
ATOM   776  C  "C2'" . G   A 1 43 ? 1.331   12.700  9.773   1.00 80.03  ? 51  G   A "C2'" 1 
ATOM   777  O  "O2'" . G   A 1 43 ? 2.053   12.370  10.942  1.00 80.70  ? 51  G   A "O2'" 1 
ATOM   778  C  "C1'" . G   A 1 43 ? 1.771   11.768  8.650   1.00 77.13  ? 51  G   A "C1'" 1 
ATOM   779  N  N9    . G   A 1 43 ? 1.633   12.398  7.350   1.00 77.33  ? 51  G   A N9    1 
ATOM   780  C  C8    . G   A 1 43 ? 0.583   12.279  6.469   1.00 77.91  ? 51  G   A C8    1 
ATOM   781  N  N7    . G   A 1 43 ? 0.742   12.988  5.384   1.00 77.65  ? 51  G   A N7    1 
ATOM   782  C  C5    . G   A 1 43 ? 1.970   13.605  5.563   1.00 77.95  ? 51  G   A C5    1 
ATOM   783  C  C6    . G   A 1 43 ? 2.670   14.486  4.730   1.00 78.42  ? 51  G   A C6    1 
ATOM   784  O  O6    . G   A 1 43 ? 2.335   14.924  3.626   1.00 81.43  ? 51  G   A O6    1 
ATOM   785  N  N1    . G   A 1 43 ? 3.880   14.868  5.291   1.00 77.86  ? 51  G   A N1    1 
ATOM   786  C  C2    . G   A 1 43 ? 4.349   14.456  6.507   1.00 78.54  ? 51  G   A C2    1 
ATOM   787  N  N2    . G   A 1 43 ? 5.537   14.938  6.877   1.00 80.75  ? 51  G   A N2    1 
ATOM   788  N  N3    . G   A 1 43 ? 3.702   13.631  7.303   1.00 78.04  ? 51  G   A N3    1 
ATOM   789  C  C4    . G   A 1 43 ? 2.530   13.246  6.770   1.00 78.03  ? 51  G   A C4    1 
ATOM   790  P  P     . U   A 1 44 ? -1.903  13.500  11.431  1.00 88.56  ? 52  U   A P     1 
ATOM   791  O  OP1   . U   A 1 44 ? -2.958  12.992  10.521  1.00 87.16  ? 52  U   A OP1   1 
ATOM   792  O  OP2   . U   A 1 44 ? -1.522  14.938  11.389  1.00 84.78  ? 52  U   A OP2   1 
ATOM   793  O  "O5'" . U   A 1 44 ? -2.303  13.113  12.919  1.00 90.23  ? 52  U   A "O5'" 1 
ATOM   794  C  "C5'" . U   A 1 44 ? -2.820  11.825  13.232  1.00 96.09  ? 52  U   A "C5'" 1 
ATOM   795  C  "C4'" . U   A 1 44 ? -2.302  11.372  14.579  1.00 101.93 ? 52  U   A "C4'" 1 
ATOM   796  O  "O4'" . U   A 1 44 ? -1.062  10.655  14.444  1.00 103.02 ? 52  U   A "O4'" 1 
ATOM   797  C  "C3'" . U   A 1 44 ? -2.020  12.466  15.604  1.00 105.89 ? 52  U   A "C3'" 1 
ATOM   798  O  "O3'" . U   A 1 44 ? -3.220  12.855  16.287  1.00 108.74 ? 52  U   A "O3'" 1 
ATOM   799  C  "C2'" . U   A 1 44 ? -0.942  11.876  16.518  1.00 105.82 ? 52  U   A "C2'" 1 
ATOM   800  O  "O2'" . U   A 1 44 ? -1.427  11.365  17.741  1.00 107.80 ? 52  U   A "O2'" 1 
ATOM   801  C  "C1'" . U   A 1 44 ? -0.334  10.761  15.655  1.00 105.18 ? 52  U   A "C1'" 1 
ATOM   802  N  N1    . U   A 1 44 ? 1.096   10.884  15.343  1.00 105.86 ? 52  U   A N1    1 
ATOM   803  C  C2    . U   A 1 44 ? 1.989   10.480  16.306  1.00 106.34 ? 52  U   A C2    1 
ATOM   804  O  O2    . U   A 1 44 ? 1.639   10.064  17.387  1.00 106.68 ? 52  U   A O2    1 
ATOM   805  N  N3    . U   A 1 44 ? 3.311   10.578  15.954  1.00 107.65 ? 52  U   A N3    1 
ATOM   806  C  C4    . U   A 1 44 ? 3.821   11.037  14.757  1.00 107.92 ? 52  U   A C4    1 
ATOM   807  O  O4    . U   A 1 44 ? 5.045   11.070  14.588  1.00 108.10 ? 52  U   A O4    1 
ATOM   808  C  C5    . U   A 1 44 ? 2.830   11.448  13.811  1.00 107.95 ? 52  U   A C5    1 
ATOM   809  C  C6    . U   A 1 44 ? 1.532   11.364  14.132  1.00 107.44 ? 52  U   A C6    1 
ATOM   810  P  P     . A   A 1 45 ? -4.134  11.740  17.019  1.00 111.28 ? 53  A   A P     1 
ATOM   811  O  OP1   . A   A 1 45 ? -5.525  12.272  16.984  1.00 110.62 ? 53  A   A OP1   1 
ATOM   812  O  OP2   . A   A 1 45 ? -3.530  11.336  18.321  1.00 109.37 ? 53  A   A OP2   1 
ATOM   813  O  "O5'" . A   A 1 45 ? -4.116  10.491  16.024  1.00 112.68 ? 53  A   A "O5'" 1 
ATOM   814  C  "C5'" . A   A 1 45 ? -4.101  9.154   16.518  1.00 116.43 ? 53  A   A "C5'" 1 
ATOM   815  C  "C4'" . A   A 1 45 ? -4.200  8.169   15.375  1.00 118.63 ? 53  A   A "C4'" 1 
ATOM   816  O  "O4'" . A   A 1 45 ? -3.180  8.446   14.384  1.00 117.61 ? 53  A   A "O4'" 1 
ATOM   817  C  "C3'" . A   A 1 45 ? -4.003  6.710   15.763  1.00 120.49 ? 53  A   A "C3'" 1 
ATOM   818  O  "O3'" . A   A 1 45 ? -5.282  6.192   16.132  1.00 125.84 ? 53  A   A "O3'" 1 
ATOM   819  C  "C2'" . A   A 1 45 ? -3.486  6.069   14.470  1.00 118.37 ? 53  A   A "C2'" 1 
ATOM   820  O  "O2'" . A   A 1 45 ? -4.517  5.623   13.615  1.00 119.96 ? 53  A   A "O2'" 1 
ATOM   821  C  "C1'" . A   A 1 45 ? -2.765  7.233   13.785  1.00 115.36 ? 53  A   A "C1'" 1 
ATOM   822  N  N9    . A   A 1 45 ? -1.309  7.196   13.806  1.00 111.19 ? 53  A   A N9    1 
ATOM   823  C  C8    . A   A 1 45 ? -0.454  7.249   12.736  1.00 109.66 ? 53  A   A C8    1 
ATOM   824  N  N7    . A   A 1 45 ? 0.813   7.240   13.067  1.00 109.04 ? 53  A   A N7    1 
ATOM   825  C  C5    . A   A 1 45 ? 0.790   7.167   14.454  1.00 110.01 ? 53  A   A C5    1 
ATOM   826  C  C6    . A   A 1 45 ? 1.816   7.130   15.422  1.00 109.48 ? 53  A   A C6    1 
ATOM   827  N  N6    . A   A 1 45 ? 3.116   7.162   15.130  1.00 109.36 ? 53  A   A N6    1 
ATOM   828  N  N1    . A   A 1 45 ? 1.451   7.056   16.718  1.00 109.46 ? 53  A   A N1    1 
ATOM   829  C  C2    . A   A 1 45 ? 0.140   7.022   17.013  1.00 110.53 ? 53  A   A C2    1 
ATOM   830  N  N3    . A   A 1 45 ? -0.914  7.052   16.195  1.00 109.53 ? 53  A   A N3    1 
ATOM   831  C  C4    . A   A 1 45 ? -0.514  7.125   14.918  1.00 110.08 ? 53  A   A C4    1 
ATOM   832  P  P     . U   A 1 46 ? -5.403  4.949   17.154  1.00 130.91 ? 54  U   A P     1 
ATOM   833  O  OP1   . U   A 1 46 ? -5.232  5.474   18.537  1.00 130.47 ? 54  U   A OP1   1 
ATOM   834  O  OP2   . U   A 1 46 ? -4.558  3.814   16.686  1.00 130.15 ? 54  U   A OP2   1 
ATOM   835  O  "O5'" . U   A 1 46 ? -6.923  4.513   16.988  1.00 132.21 ? 54  U   A "O5'" 1 
ATOM   836  C  "C5'" . U   A 1 46 ? -7.655  4.867   15.815  1.00 135.06 ? 54  U   A "C5'" 1 
ATOM   837  C  "C4'" . U   A 1 46 ? -7.740  3.683   14.882  1.00 137.10 ? 54  U   A "C4'" 1 
ATOM   838  O  "O4'" . U   A 1 46 ? -8.109  2.510   15.646  1.00 138.12 ? 54  U   A "O4'" 1 
ATOM   839  C  "C3'" . U   A 1 46 ? -8.756  3.797   13.755  1.00 138.13 ? 54  U   A "C3'" 1 
ATOM   840  O  "O3'" . U   A 1 46 ? -8.112  4.450   12.651  1.00 139.75 ? 54  U   A "O3'" 1 
ATOM   841  C  "C2'" . U   A 1 46 ? -9.159  2.338   13.518  1.00 137.38 ? 54  U   A "C2'" 1 
ATOM   842  O  "O2'" . U   A 1 46 ? -8.281  1.625   12.675  1.00 136.20 ? 54  U   A "O2'" 1 
ATOM   843  C  "C1'" . U   A 1 46 ? -9.053  1.747   14.928  1.00 137.74 ? 54  U   A "C1'" 1 
ATOM   844  N  N1    . U   A 1 46 ? -10.290 1.720   15.721  1.00 138.42 ? 54  U   A N1    1 
ATOM   845  C  C2    . U   A 1 46 ? -11.049 0.569   15.684  1.00 139.28 ? 54  U   A C2    1 
ATOM   846  O  O2    . U   A 1 46 ? -10.744 -0.405  15.011  1.00 140.06 ? 54  U   A O2    1 
ATOM   847  N  N3    . U   A 1 46 ? -12.178 0.595   16.466  1.00 139.67 ? 54  U   A N3    1 
ATOM   848  C  C4    . U   A 1 46 ? -12.616 1.636   17.262  1.00 139.47 ? 54  U   A C4    1 
ATOM   849  O  O4    . U   A 1 46 ? -13.660 1.506   17.910  1.00 140.11 ? 54  U   A O4    1 
ATOM   850  C  C5    . U   A 1 46 ? -11.776 2.797   17.241  1.00 138.25 ? 54  U   A C5    1 
ATOM   851  C  C6    . U   A 1 46 ? -10.670 2.798   16.489  1.00 137.79 ? 54  U   A C6    1 
ATOM   852  P  P     . C   A 1 47 ? -8.832  4.546   11.205  1.00 140.61 ? 55  C   A P     1 
ATOM   853  O  OP1   . C   A 1 47 ? -8.885  5.993   10.832  1.00 138.64 ? 55  C   A OP1   1 
ATOM   854  O  OP2   . C   A 1 47 ? -10.091 3.741   11.212  1.00 139.00 ? 55  C   A OP2   1 
ATOM   855  O  "O5'" . C   A 1 47 ? -7.769  3.823   10.253  1.00 137.45 ? 55  C   A "O5'" 1 
ATOM   856  C  "C5'" . C   A 1 47 ? -6.470  3.497   10.758  1.00 133.25 ? 55  C   A "C5'" 1 
ATOM   857  C  "C4'" . C   A 1 47 ? -6.051  2.111   10.319  1.00 130.41 ? 55  C   A "C4'" 1 
ATOM   858  O  "O4'" . C   A 1 47 ? -7.074  1.140   10.683  1.00 131.20 ? 55  C   A "O4'" 1 
ATOM   859  C  "C3'" . C   A 1 47 ? -5.921  1.918   8.824   1.00 128.08 ? 55  C   A "C3'" 1 
ATOM   860  O  "O3'" . C   A 1 47 ? -4.704  2.442   8.332   1.00 121.67 ? 55  C   A "O3'" 1 
ATOM   861  C  "C2'" . C   A 1 47 ? -6.016  0.403   8.690   1.00 129.69 ? 55  C   A "C2'" 1 
ATOM   862  O  "O2'" . C   A 1 47 ? -4.820  -0.283  8.995   1.00 129.28 ? 55  C   A "O2'" 1 
ATOM   863  C  "C1'" . C   A 1 47 ? -7.099  0.086   9.725   1.00 131.52 ? 55  C   A "C1'" 1 
ATOM   864  N  N1    . C   A 1 47 ? -8.425  0.048   9.077   1.00 132.82 ? 55  C   A N1    1 
ATOM   865  C  C2    . C   A 1 47 ? -9.087  -1.187  8.950   1.00 132.92 ? 55  C   A C2    1 
ATOM   866  O  O2    . C   A 1 47 ? -8.566  -2.204  9.441   1.00 132.44 ? 55  C   A O2    1 
ATOM   867  N  N3    . C   A 1 47 ? -10.273 -1.238  8.300   1.00 132.88 ? 55  C   A N3    1 
ATOM   868  C  C4    . C   A 1 47 ? -10.806 -0.119  7.797   1.00 133.32 ? 55  C   A C4    1 
ATOM   869  N  N4    . C   A 1 47 ? -11.977 -0.214  7.159   1.00 133.83 ? 55  C   A N4    1 
ATOM   870  C  C5    . C   A 1 47 ? -10.166 1.149   7.928   1.00 133.03 ? 55  C   A C5    1 
ATOM   871  C  C6    . C   A 1 47 ? -8.994  1.188   8.573   1.00 132.57 ? 55  C   A C6    1 
ATOM   872  P  P     . A   A 1 48 ? -4.729  3.353   7.011   1.00 117.43 ? 56  A   A P     1 
ATOM   873  O  OP1   . A   A 1 48 ? -5.079  4.739   7.424   1.00 116.79 ? 56  A   A OP1   1 
ATOM   874  O  OP2   . A   A 1 48 ? -5.549  2.656   5.973   1.00 116.42 ? 56  A   A OP2   1 
ATOM   875  O  "O5'" . A   A 1 48 ? -3.223  3.350   6.519   1.00 108.38 ? 56  A   A "O5'" 1 
ATOM   876  C  "C5'" . A   A 1 48 ? -2.777  2.375   5.603   1.00 94.65  ? 56  A   A "C5'" 1 
ATOM   877  C  "C4'" . A   A 1 48 ? -2.058  3.046   4.481   1.00 85.85  ? 56  A   A "C4'" 1 
ATOM   878  O  "O4'" . A   A 1 48 ? -1.511  4.300   4.964   1.00 82.43  ? 56  A   A "O4'" 1 
ATOM   879  C  "C3'" . A   A 1 48 ? -0.881  2.241   3.987   1.00 82.11  ? 56  A   A "C3'" 1 
ATOM   880  O  "O3'" . A   A 1 48 ? -1.305  1.291   3.021   1.00 80.27  ? 56  A   A "O3'" 1 
ATOM   881  C  "C2'" . A   A 1 48 ? 0.075   3.333   3.514   1.00 82.31  ? 56  A   A "C2'" 1 
ATOM   882  O  "O2'" . A   A 1 48 ? -0.219  3.882   2.241   1.00 81.55  ? 56  A   A "O2'" 1 
ATOM   883  C  "C1'" . A   A 1 48 ? -0.152  4.401   4.593   1.00 81.17  ? 56  A   A "C1'" 1 
ATOM   884  N  N9    . A   A 1 48 ? 0.643   4.225   5.817   1.00 80.15  ? 56  A   A N9    1 
ATOM   885  C  C8    . A   A 1 48 ? 0.244   3.627   6.992   1.00 79.08  ? 56  A   A C8    1 
ATOM   886  N  N7    . A   A 1 48 ? 1.161   3.623   7.925   1.00 75.10  ? 56  A   A N7    1 
ATOM   887  C  C5    . A   A 1 48 ? 2.233   4.258   7.334   1.00 77.90  ? 56  A   A C5    1 
ATOM   888  C  C6    . A   A 1 48 ? 3.494   4.582   7.812   1.00 80.62  ? 56  A   A C6    1 
ATOM   889  N  N6    . A   A 1 48 ? 3.910   4.289   9.042   1.00 81.08  ? 56  A   A N6    1 
ATOM   890  N  N1    . A   A 1 48 ? 4.337   5.232   6.977   1.00 83.01  ? 56  A   A N1    1 
ATOM   891  C  C2    . A   A 1 48 ? 3.913   5.527   5.739   1.00 81.93  ? 56  A   A C2    1 
ATOM   892  N  N3    . A   A 1 48 ? 2.740   5.275   5.173   1.00 79.96  ? 56  A   A N3    1 
ATOM   893  C  C4    . A   A 1 48 ? 1.935   4.631   6.034   1.00 79.00  ? 56  A   A C4    1 
ATOM   894  P  P     . C   A 1 49 ? -1.332  -0.278  3.405   1.00 81.17  ? 57  C   A P     1 
ATOM   895  O  OP1   . C   A 1 49 ? -1.386  -1.090  2.161   1.00 76.88  ? 57  C   A OP1   1 
ATOM   896  O  OP2   . C   A 1 49 ? -2.326  -0.529  4.499   1.00 76.49  ? 57  C   A OP2   1 
ATOM   897  O  "O5'" . C   A 1 49 ? 0.130   -0.500  3.979   1.00 81.06  ? 57  C   A "O5'" 1 
ATOM   898  C  "C5'" . C   A 1 49 ? 1.267   -0.190  3.182   1.00 78.20  ? 57  C   A "C5'" 1 
ATOM   899  C  "C4'" . C   A 1 49 ? 2.483   -0.004  4.057   1.00 76.70  ? 57  C   A "C4'" 1 
ATOM   900  O  "O4'" . C   A 1 49 ? 2.214   1.040   5.021   1.00 74.78  ? 57  C   A "O4'" 1 
ATOM   901  C  "C3'" . C   A 1 49 ? 2.924   -1.173  4.919   1.00 76.25  ? 57  C   A "C3'" 1 
ATOM   902  O  "O3'" . C   A 1 49 ? 3.708   -2.074  4.143   1.00 80.17  ? 57  C   A "O3'" 1 
ATOM   903  C  "C2'" . C   A 1 49 ? 3.785   -0.454  5.943   1.00 74.60  ? 57  C   A "C2'" 1 
ATOM   904  O  "O2'" . C   A 1 49 ? 4.994   -0.021  5.349   1.00 78.05  ? 57  C   A "O2'" 1 
ATOM   905  C  "C1'" . C   A 1 49 ? 2.953   0.798   6.202   1.00 72.30  ? 57  C   A "C1'" 1 
ATOM   906  N  N1    . C   A 1 49 ? 2.004   0.667   7.314   1.00 67.85  ? 57  C   A N1    1 
ATOM   907  C  C2    . C   A 1 49 ? 2.476   0.755   8.616   1.00 64.75  ? 57  C   A C2    1 
ATOM   908  O  O2    . C   A 1 49 ? 3.677   0.932   8.802   1.00 62.74  ? 57  C   A O2    1 
ATOM   909  N  N3    . C   A 1 49 ? 1.610   0.648   9.640   1.00 62.89  ? 57  C   A N3    1 
ATOM   910  C  C4    . C   A 1 49 ? 0.311   0.467   9.399   1.00 62.36  ? 57  C   A C4    1 
ATOM   911  N  N4    . C   A 1 49 ? -0.517  0.374   10.446  1.00 61.03  ? 57  C   A N4    1 
ATOM   912  C  C5    . C   A 1 49 ? -0.196  0.374   8.081   1.00 63.35  ? 57  C   A C5    1 
ATOM   913  C  C6    . C   A 1 49 ? 0.677   0.472   7.076   1.00 64.49  ? 57  C   A C6    1 
ATOM   914  P  P     . C   A 1 50 ? 3.785   -3.629  4.549   1.00 83.79  ? 58  C   A P     1 
ATOM   915  O  OP1   . C   A 1 50 ? 4.471   -4.296  3.413   1.00 84.29  ? 58  C   A OP1   1 
ATOM   916  O  OP2   . C   A 1 50 ? 2.459   -4.116  4.997   1.00 81.27  ? 58  C   A OP2   1 
ATOM   917  O  "O5'" . C   A 1 50 ? 4.794   -3.656  5.782   1.00 88.25  ? 58  C   A "O5'" 1 
ATOM   918  C  "C5'" . C   A 1 50 ? 6.181   -3.373  5.575   1.00 94.34  ? 58  C   A "C5'" 1 
ATOM   919  C  "C4'" . C   A 1 50 ? 6.941   -3.447  6.873   1.00 97.01  ? 58  C   A "C4'" 1 
ATOM   920  O  "O4'" . C   A 1 50 ? 6.515   -2.372  7.747   1.00 96.66  ? 58  C   A "O4'" 1 
ATOM   921  C  "C3'" . C   A 1 50 ? 6.708   -4.705  7.692   1.00 99.83  ? 58  C   A "C3'" 1 
ATOM   922  O  "O3'" . C   A 1 50 ? 7.532   -5.773  7.249   1.00 104.23 ? 58  C   A "O3'" 1 
ATOM   923  C  "C2'" . C   A 1 50 ? 7.088   -4.230  9.084   1.00 98.15  ? 58  C   A "C2'" 1 
ATOM   924  O  "O2'" . C   A 1 50 ? 8.490   -4.117  9.239   1.00 98.33  ? 58  C   A "O2'" 1 
ATOM   925  C  "C1'" . C   A 1 50 ? 6.465   -2.838  9.082   1.00 95.43  ? 58  C   A "C1'" 1 
ATOM   926  N  N1    . C   A 1 50 ? 5.061   -2.873  9.493   1.00 92.24  ? 58  C   A N1    1 
ATOM   927  C  C2    . C   A 1 50 ? 4.775   -3.094  10.824  1.00 91.32  ? 58  C   A C2    1 
ATOM   928  O  O2    . C   A 1 50 ? 5.713   -3.270  11.600  1.00 93.44  ? 58  C   A O2    1 
ATOM   929  N  N3    . C   A 1 50 ? 3.490   -3.119  11.242  1.00 89.94  ? 58  C   A N3    1 
ATOM   930  C  C4    . C   A 1 50 ? 2.508   -2.941  10.364  1.00 89.74  ? 58  C   A C4    1 
ATOM   931  N  N4    . C   A 1 50 ? 1.256   -2.980  10.815  1.00 87.18  ? 58  C   A N4    1 
ATOM   932  C  C5    . C   A 1 50 ? 2.770   -2.713  8.981   1.00 91.47  ? 58  C   A C5    1 
ATOM   933  C  C6    . C   A 1 50 ? 4.053   -2.689  8.592   1.00 91.49  ? 58  C   A C6    1 
ATOM   934  P  P     . U   A 1 51 ? 7.061   -7.284  7.500   1.00 107.31 ? 59  U   A P     1 
ATOM   935  O  OP1   . U   A 1 51 ? 8.197   -8.118  7.038   1.00 107.42 ? 59  U   A OP1   1 
ATOM   936  O  OP2   . U   A 1 51 ? 5.710   -7.489  6.914   1.00 105.91 ? 59  U   A OP2   1 
ATOM   937  O  "O5'" . U   A 1 51 ? 6.919   -7.384  9.086   1.00 109.37 ? 59  U   A "O5'" 1 
ATOM   938  C  "C5'" . U   A 1 51 ? 8.052   -7.221  9.941   1.00 113.95 ? 59  U   A "C5'" 1 
ATOM   939  C  "C4'" . U   A 1 51 ? 7.665   -7.483  11.381  1.00 116.92 ? 59  U   A "C4'" 1 
ATOM   940  O  "O4'" . U   A 1 51 ? 6.802   -6.425  11.877  1.00 116.33 ? 59  U   A "O4'" 1 
ATOM   941  C  "C3'" . U   A 1 51 ? 6.863   -8.750  11.602  1.00 119.15 ? 59  U   A "C3'" 1 
ATOM   942  O  "O3'" . U   A 1 51 ? 7.713   -9.874  11.693  1.00 124.08 ? 59  U   A "O3'" 1 
ATOM   943  C  "C2'" . U   A 1 51 ? 6.144   -8.457  12.909  1.00 118.07 ? 59  U   A "C2'" 1 
ATOM   944  O  "O2'" . U   A 1 51 ? 6.940   -8.671  14.057  1.00 116.43 ? 59  U   A "O2'" 1 
ATOM   945  C  "C1'" . U   A 1 51 ? 5.815   -6.975  12.734  1.00 116.56 ? 59  U   A "C1'" 1 
ATOM   946  N  N1    . U   A 1 51 ? 4.522   -6.803  12.069  1.00 116.25 ? 59  U   A N1    1 
ATOM   947  C  C2    . U   A 1 51 ? 3.381   -6.852  12.839  1.00 115.67 ? 59  U   A C2    1 
ATOM   948  O  O2    . U   A 1 51 ? 3.404   -7.027  14.044  1.00 114.17 ? 59  U   A O2    1 
ATOM   949  N  N3    . U   A 1 51 ? 2.210   -6.688  12.141  1.00 115.90 ? 59  U   A N3    1 
ATOM   950  C  C4    . U   A 1 51 ? 2.076   -6.483  10.782  1.00 115.98 ? 59  U   A C4    1 
ATOM   951  O  O4    . U   A 1 51 ? 0.953   -6.360  10.293  1.00 116.31 ? 59  U   A O4    1 
ATOM   952  C  C5    . U   A 1 51 ? 3.304   -6.446  10.062  1.00 116.95 ? 59  U   A C5    1 
ATOM   953  C  C6    . U   A 1 51 ? 4.457   -6.602  10.714  1.00 116.94 ? 59  U   A C6    1 
ATOM   954  P  P     . G   A 1 52 ? 7.328   -11.208 10.902  1.00 128.12 ? 60  G   A P     1 
ATOM   955  O  OP1   . G   A 1 52 ? 8.563   -12.030 10.872  1.00 128.00 ? 60  G   A OP1   1 
ATOM   956  O  OP2   . G   A 1 52 ? 6.670   -10.819 9.624   1.00 128.19 ? 60  G   A OP2   1 
ATOM   957  O  "O5'" . G   A 1 52 ? 6.235   -11.893 11.833  1.00 128.20 ? 60  G   A "O5'" 1 
ATOM   958  C  "C5'" . G   A 1 52 ? 6.540   -12.222 13.174  1.00 133.11 ? 60  G   A "C5'" 1 
ATOM   959  C  "C4'" . G   A 1 52 ? 5.268   -12.404 13.947  1.00 137.30 ? 60  G   A "C4'" 1 
ATOM   960  O  "O4'" . G   A 1 52 ? 4.524   -11.165 13.886  1.00 138.00 ? 60  G   A "O4'" 1 
ATOM   961  C  "C3'" . G   A 1 52 ? 4.320   -13.439 13.365  1.00 140.27 ? 60  G   A "C3'" 1 
ATOM   962  O  "O3'" . G   A 1 52 ? 4.626   -14.742 13.852  1.00 145.00 ? 60  G   A "O3'" 1 
ATOM   963  C  "C2'" . G   A 1 52 ? 2.965   -12.969 13.882  1.00 139.99 ? 60  G   A "C2'" 1 
ATOM   964  O  "O2'" . G   A 1 52 ? 2.676   -13.426 15.191  1.00 138.52 ? 60  G   A "O2'" 1 
ATOM   965  C  "C1'" . G   A 1 52 ? 3.133   -11.445 13.844  1.00 139.02 ? 60  G   A "C1'" 1 
ATOM   966  N  N9    . G   A 1 52 ? 2.582   -10.850 12.629  1.00 138.45 ? 60  G   A N9    1 
ATOM   967  C  C8    . G   A 1 52 ? 3.127   -10.888 11.366  1.00 138.33 ? 60  G   A C8    1 
ATOM   968  N  N7    . G   A 1 52 ? 2.386   -10.296 10.469  1.00 137.37 ? 60  G   A N7    1 
ATOM   969  C  C5    . G   A 1 52 ? 1.290   -9.829  11.183  1.00 136.84 ? 60  G   A C5    1 
ATOM   970  C  C6    . G   A 1 52 ? 0.155   -9.105  10.746  1.00 136.51 ? 60  G   A C6    1 
ATOM   971  O  O6    . G   A 1 52 ? -0.117  -8.714  9.604   1.00 136.17 ? 60  G   A O6    1 
ATOM   972  N  N1    . G   A 1 52 ? -0.716  -8.838  11.797  1.00 135.91 ? 60  G   A N1    1 
ATOM   973  C  C2    . G   A 1 52 ? -0.518  -9.211  13.103  1.00 135.79 ? 60  G   A C2    1 
ATOM   974  N  N2    . G   A 1 52 ? -1.479  -8.855  13.966  1.00 135.51 ? 60  G   A N2    1 
ATOM   975  N  N3    . G   A 1 52 ? 0.541   -9.882  13.526  1.00 135.98 ? 60  G   A N3    1 
ATOM   976  C  C4    . G   A 1 52 ? 1.398   -10.158 12.519  1.00 137.15 ? 60  G   A C4    1 
ATOM   977  P  P     . A   A 1 53 ? 4.828   -15.953 12.817  1.00 147.82 ? 61  A   A P     1 
ATOM   978  O  OP1   . A   A 1 53 ? 4.167   -17.154 13.400  1.00 147.29 ? 61  A   A OP1   1 
ATOM   979  O  OP2   . A   A 1 53 ? 6.276   -15.996 12.472  1.00 147.00 ? 61  A   A OP2   1 
ATOM   980  O  "O5'" . A   A 1 53 ? 3.998   -15.488 11.536  1.00 149.81 ? 61  A   A "O5'" 1 
ATOM   981  C  "C5'" . A   A 1 53 ? 3.841   -16.338 10.400  1.00 152.59 ? 61  A   A "C5'" 1 
ATOM   982  C  "C4'" . A   A 1 53 ? 3.542   -15.508 9.170   1.00 154.02 ? 61  A   A "C4'" 1 
ATOM   983  O  "O4'" . A   A 1 53 ? 2.328   -14.739 9.399   1.00 154.63 ? 61  A   A "O4'" 1 
ATOM   984  C  "C3'" . A   A 1 53 ? 4.602   -14.467 8.844   1.00 155.00 ? 61  A   A "C3'" 1 
ATOM   985  O  "O3'" . A   A 1 53 ? 5.621   -15.028 8.021   1.00 156.07 ? 61  A   A "O3'" 1 
ATOM   986  C  "C2'" . A   A 1 53 ? 3.804   -13.412 8.088   1.00 154.93 ? 61  A   A "C2'" 1 
ATOM   987  O  "O2'" . A   A 1 53 ? 3.611   -13.747 6.731   1.00 154.53 ? 61  A   A "O2'" 1 
ATOM   988  C  "C1'" . A   A 1 53 ? 2.467   -13.446 8.835   1.00 154.85 ? 61  A   A "C1'" 1 
ATOM   989  P  P     . U   A 1 54 ? 6.860   -15.795 8.696   1.00 157.07 ? 62  U   A P     1 
ATOM   990  O  OP1   . U   A 1 54 ? 7.046   -15.241 10.062  1.00 156.84 ? 62  U   A OP1   1 
ATOM   991  O  OP2   . U   A 1 54 ? 8.000   -15.781 7.739   1.00 156.66 ? 62  U   A OP2   1 
ATOM   992  O  "O5'" . U   A 1 54 ? 6.337   -17.296 8.843   1.00 157.93 ? 62  U   A "O5'" 1 
ATOM   993  C  "C5'" . U   A 1 54 ? 6.079   -18.101 7.689   1.00 159.25 ? 62  U   A "C5'" 1 
ATOM   994  C  "C4'" . U   A 1 54 ? 6.244   -19.568 8.023   1.00 159.62 ? 62  U   A "C4'" 1 
ATOM   995  O  "O4'" . U   A 1 54 ? 7.587   -19.780 8.533   1.00 159.87 ? 62  U   A "O4'" 1 
ATOM   996  C  "C3'" . U   A 1 54 ? 5.324   -20.099 9.114   1.00 159.95 ? 62  U   A "C3'" 1 
ATOM   997  O  "O3'" . U   A 1 54 ? 4.107   -20.573 8.545   1.00 160.44 ? 62  U   A "O3'" 1 
ATOM   998  C  "C2'" . U   A 1 54 ? 6.125   -21.271 9.672   1.00 159.88 ? 62  U   A "C2'" 1 
ATOM   999  O  "O2'" . U   A 1 54 ? 5.997   -22.449 8.898   1.00 159.47 ? 62  U   A "O2'" 1 
ATOM   1000 C  "C1'" . U   A 1 54 ? 7.556   -20.738 9.577   1.00 159.91 ? 62  U   A "C1'" 1 
ATOM   1001 P  P     . C   A 1 55 ? 2.785   -19.659 8.599   1.00 160.35 ? 63  C   A P     1 
ATOM   1002 O  OP1   . C   A 1 55 ? 1.761   -20.352 7.771   1.00 159.78 ? 63  C   A OP1   1 
ATOM   1003 O  OP2   . C   A 1 55 ? 3.185   -18.265 8.263   1.00 160.21 ? 63  C   A OP2   1 
ATOM   1004 O  "O5'" . C   A 1 55 ? 2.311   -19.707 10.122  1.00 158.92 ? 63  C   A "O5'" 1 
ATOM   1005 C  "C5'" . C   A 1 55 ? 1.506   -18.657 10.672  1.00 156.98 ? 63  C   A "C5'" 1 
ATOM   1006 C  "C4'" . C   A 1 55 ? 0.455   -19.219 11.608  1.00 155.07 ? 63  C   A "C4'" 1 
ATOM   1007 O  "O4'" . C   A 1 55 ? -0.272  -18.114 12.216  1.00 154.17 ? 63  C   A "O4'" 1 
ATOM   1008 C  "C3'" . C   A 1 55 ? -0.630  -20.061 10.950  1.00 153.59 ? 63  C   A "C3'" 1 
ATOM   1009 O  "O3'" . C   A 1 55 ? -0.221  -21.418 10.782  1.00 151.06 ? 63  C   A "O3'" 1 
ATOM   1010 C  "C2'" . C   A 1 55 ? -1.787  -19.926 11.933  1.00 153.48 ? 63  C   A "C2'" 1 
ATOM   1011 O  "O2'" . C   A 1 55 ? -1.678  -20.793 13.041  1.00 153.43 ? 63  C   A "O2'" 1 
ATOM   1012 C  "C1'" . C   A 1 55 ? -1.633  -18.472 12.390  1.00 153.56 ? 63  C   A "C1'" 1 
ATOM   1013 P  P     . U   A 1 56 ? -0.257  -22.083 9.316   1.00 149.93 ? 64  U   A P     1 
ATOM   1014 O  OP1   . U   A 1 56 ? -1.344  -23.093 9.280   1.00 149.53 ? 64  U   A OP1   1 
ATOM   1015 O  OP2   . U   A 1 56 ? 1.119   -22.467 8.918   1.00 149.02 ? 64  U   A OP2   1 
ATOM   1016 O  "O5'" . G   A 1 57 ? -8.042  -25.638 4.612   1.00 159.81 ? 65  G   A "O5'" 1 
ATOM   1017 C  "C5'" . G   A 1 57 ? -8.922  -25.319 3.541   1.00 161.70 ? 65  G   A "C5'" 1 
ATOM   1018 C  "C4'" . G   A 1 57 ? -10.293 -24.991 4.081   1.00 163.20 ? 65  G   A "C4'" 1 
ATOM   1019 O  "O4'" . G   A 1 57 ? -10.161 -23.968 5.096   1.00 164.21 ? 65  G   A "O4'" 1 
ATOM   1020 C  "C3'" . G   A 1 57 ? -11.288 -24.423 3.076   1.00 163.60 ? 65  G   A "C3'" 1 
ATOM   1021 O  "O3'" . G   A 1 57 ? -11.985 -25.476 2.410   1.00 162.78 ? 65  G   A "O3'" 1 
ATOM   1022 C  "C2'" . G   A 1 57 ? -12.235 -23.605 3.955   1.00 164.29 ? 65  G   A "C2'" 1 
ATOM   1023 O  "O2'" . G   A 1 57 ? -13.313 -24.349 4.483   1.00 164.07 ? 65  G   A "O2'" 1 
ATOM   1024 C  "C1'" . G   A 1 57 ? -11.311 -23.142 5.086   1.00 165.26 ? 65  G   A "C1'" 1 
ATOM   1025 N  N9    . G   A 1 57 ? -10.881 -21.751 4.982   1.00 166.45 ? 65  G   A N9    1 
ATOM   1026 C  C8    . G   A 1 57 ? -9.593  -21.279 4.896   1.00 166.88 ? 65  G   A C8    1 
ATOM   1027 N  N7    . G   A 1 57 ? -9.529  -19.977 4.823   1.00 167.45 ? 65  G   A N7    1 
ATOM   1028 C  C5    . G   A 1 57 ? -10.855 -19.566 4.863   1.00 167.77 ? 65  G   A C5    1 
ATOM   1029 C  C6    . G   A 1 57 ? -11.418 -18.260 4.820   1.00 168.33 ? 65  G   A C6    1 
ATOM   1030 O  O6    . G   A 1 57 ? -10.833 -17.166 4.737   1.00 168.17 ? 65  G   A O6    1 
ATOM   1031 N  N1    . G   A 1 57 ? -12.810 -18.304 4.886   1.00 168.22 ? 65  G   A N1    1 
ATOM   1032 C  C2    . G   A 1 57 ? -13.564 -19.453 4.981   1.00 167.71 ? 65  G   A C2    1 
ATOM   1033 N  N2    . G   A 1 57 ? -14.894 -19.290 5.034   1.00 167.29 ? 65  G   A N2    1 
ATOM   1034 N  N3    . G   A 1 57 ? -13.051 -20.671 5.021   1.00 167.34 ? 65  G   A N3    1 
ATOM   1035 C  C4    . G   A 1 57 ? -11.702 -20.652 4.959   1.00 167.25 ? 65  G   A C4    1 
ATOM   1036 P  P     . G   A 1 58 ? -12.531 -25.260 0.910   1.00 162.59 ? 66  G   A P     1 
ATOM   1037 O  OP1   . G   A 1 58 ? -13.512 -26.344 0.619   1.00 161.86 ? 66  G   A OP1   1 
ATOM   1038 O  OP2   . G   A 1 58 ? -11.365 -25.064 0.008   1.00 162.42 ? 66  G   A OP2   1 
ATOM   1039 O  "O5'" . G   A 1 58 ? -13.323 -23.882 0.988   1.00 161.26 ? 66  G   A "O5'" 1 
ATOM   1040 C  "C5'" . G   A 1 58 ? -14.376 -23.590 0.076   1.00 158.59 ? 66  G   A "C5'" 1 
ATOM   1041 C  "C4'" . G   A 1 58 ? -13.973 -22.457 -0.837  1.00 156.51 ? 66  G   A "C4'" 1 
ATOM   1042 O  "O4'" . G   A 1 58 ? -13.566 -21.318 -0.024  1.00 155.61 ? 66  G   A "O4'" 1 
ATOM   1043 C  "C3'" . G   A 1 58 ? -12.765 -22.717 -1.722  1.00 155.73 ? 66  G   A "C3'" 1 
ATOM   1044 O  "O3'" . G   A 1 58 ? -13.120 -23.423 -2.908  1.00 155.00 ? 66  G   A "O3'" 1 
ATOM   1045 C  "C2'" . G   A 1 58 ? -12.310 -21.297 -2.016  1.00 155.35 ? 66  G   A "C2'" 1 
ATOM   1046 O  "O2'" . G   A 1 58 ? -13.180 -20.648 -2.914  1.00 154.85 ? 66  G   A "O2'" 1 
ATOM   1047 C  "C1'" . G   A 1 58 ? -12.475 -20.653 -0.642  1.00 155.30 ? 66  G   A "C1'" 1 
ATOM   1048 N  N9    . G   A 1 58 ? -11.299 -20.820 0.206   1.00 155.19 ? 66  G   A N9    1 
ATOM   1049 C  C8    . G   A 1 58 ? -11.128 -21.758 1.192   1.00 155.06 ? 66  G   A C8    1 
ATOM   1050 N  N7    . G   A 1 58 ? -9.979  -21.661 1.802   1.00 154.95 ? 66  G   A N7    1 
ATOM   1051 C  C5    . G   A 1 58 ? -9.348  -20.595 1.179   1.00 154.72 ? 66  G   A C5    1 
ATOM   1052 C  C6    . G   A 1 58 ? -8.077  -20.017 1.418   1.00 154.60 ? 66  G   A C6    1 
ATOM   1053 O  O6    . G   A 1 58 ? -7.228  -20.340 2.257   1.00 154.28 ? 66  G   A O6    1 
ATOM   1054 N  N1    . G   A 1 58 ? -7.830  -18.954 0.559   1.00 154.69 ? 66  G   A N1    1 
ATOM   1055 C  C2    . G   A 1 58 ? -8.694  -18.504 -0.407  1.00 154.74 ? 66  G   A C2    1 
ATOM   1056 N  N2    . G   A 1 58 ? -8.268  -17.467 -1.135  1.00 154.75 ? 66  G   A N2    1 
ATOM   1057 N  N3    . G   A 1 58 ? -9.885  -19.032 -0.640  1.00 154.69 ? 66  G   A N3    1 
ATOM   1058 C  C4    . G   A 1 58 ? -10.145 -20.066 0.186   1.00 154.94 ? 66  G   A C4    1 
ATOM   1059 P  P     . A   A 1 59 ? -11.966 -24.026 -3.859  1.00 154.73 ? 67  A   A P     1 
ATOM   1060 O  OP1   . A   A 1 59 ? -12.573 -25.051 -4.748  1.00 154.33 ? 67  A   A OP1   1 
ATOM   1061 O  OP2   . A   A 1 59 ? -10.792 -24.384 -3.019  1.00 154.00 ? 67  A   A OP2   1 
ATOM   1062 O  "O5'" . A   A 1 59 ? -11.566 -22.789 -4.774  1.00 153.25 ? 67  A   A "O5'" 1 
ATOM   1063 C  "C5'" . A   A 1 59 ? -12.568 -21.929 -5.297  1.00 151.25 ? 67  A   A "C5'" 1 
ATOM   1064 C  "C4'" . A   A 1 59 ? -11.984 -20.569 -5.563  1.00 150.13 ? 67  A   A "C4'" 1 
ATOM   1065 O  "O4'" . A   A 1 59 ? -11.519 -19.982 -4.316  1.00 150.21 ? 67  A   A "O4'" 1 
ATOM   1066 C  "C3'" . A   A 1 59 ? -10.747 -20.600 -6.434  1.00 148.93 ? 67  A   A "C3'" 1 
ATOM   1067 O  "O3'" . A   A 1 59 ? -11.111 -20.666 -7.801  1.00 145.63 ? 67  A   A "O3'" 1 
ATOM   1068 C  "C2'" . A   A 1 59 ? -10.058 -19.304 -6.040  1.00 149.97 ? 67  A   A "C2'" 1 
ATOM   1069 O  "O2'" . A   A 1 59 ? -10.674 -18.164 -6.605  1.00 150.50 ? 67  A   A "O2'" 1 
ATOM   1070 C  "C1'" . A   A 1 59 ? -10.291 -19.309 -4.531  1.00 150.55 ? 67  A   A "C1'" 1 
ATOM   1071 N  N9    . A   A 1 59 ? -9.250  -20.044 -3.821  1.00 151.48 ? 67  A   A N9    1 
ATOM   1072 C  C8    . A   A 1 59 ? -9.407  -21.074 -2.927  1.00 152.41 ? 67  A   A C8    1 
ATOM   1073 N  N7    . A   A 1 59 ? -8.279  -21.542 -2.456  1.00 152.62 ? 67  A   A N7    1 
ATOM   1074 C  C5    . A   A 1 59 ? -7.314  -20.769 -3.081  1.00 152.20 ? 67  A   A C5    1 
ATOM   1075 C  C6    . A   A 1 59 ? -5.918  -20.770 -3.008  1.00 152.64 ? 67  A   A C6    1 
ATOM   1076 N  N6    . A   A 1 59 ? -5.219  -21.610 -2.239  1.00 153.13 ? 67  A   A N6    1 
ATOM   1077 N  N1    . A   A 1 59 ? -5.251  -19.867 -3.759  1.00 152.70 ? 67  A   A N1    1 
ATOM   1078 C  C2    . A   A 1 59 ? -5.957  -19.029 -4.528  1.00 152.14 ? 67  A   A C2    1 
ATOM   1079 N  N3    . A   A 1 59 ? -7.270  -18.936 -4.684  1.00 151.30 ? 67  A   A N3    1 
ATOM   1080 C  C4    . A   A 1 59 ? -7.898  -19.843 -3.923  1.00 151.54 ? 67  A   A C4    1 
ATOM   1081 P  P     . U   A 1 60 ? -10.608 -21.905 -8.681  1.00 143.53 ? 68  U   A P     1 
ATOM   1082 O  OP1   . U   A 1 60 ? -11.747 -22.366 -9.514  1.00 142.52 ? 68  U   A OP1   1 
ATOM   1083 O  OP2   . U   A 1 60 ? -9.944  -22.848 -7.747  1.00 144.11 ? 68  U   A OP2   1 
ATOM   1084 O  "O5'" . U   A 1 60 ? -9.493  -21.276 -9.622  1.00 141.59 ? 68  U   A "O5'" 1 
ATOM   1085 C  "C5'" . U   A 1 60 ? -9.725  -20.037 -10.273 1.00 139.31 ? 68  U   A "C5'" 1 
ATOM   1086 C  "C4'" . U   A 1 60 ? -8.457  -19.226 -10.314 1.00 137.49 ? 68  U   A "C4'" 1 
ATOM   1087 O  "O4'" . U   A 1 60 ? -8.006  -18.927 -8.965  1.00 137.27 ? 68  U   A "O4'" 1 
ATOM   1088 C  "C3'" . U   A 1 60 ? -7.263  -19.928 -10.919 1.00 136.11 ? 68  U   A "C3'" 1 
ATOM   1089 O  "O3'" . U   A 1 60 ? -7.361  -19.923 -12.337 1.00 134.69 ? 68  U   A "O3'" 1 
ATOM   1090 C  "C2'" . U   A 1 60 ? -6.114  -19.076 -10.387 1.00 136.04 ? 68  U   A "C2'" 1 
ATOM   1091 O  "O2'" . U   A 1 60 ? -5.965  -17.863 -11.097 1.00 135.65 ? 68  U   A "O2'" 1 
ATOM   1092 C  "C1'" . U   A 1 60 ? -6.594  -18.774 -8.963  1.00 136.03 ? 68  U   A "C1'" 1 
ATOM   1093 N  N1    . U   A 1 60 ? -6.023  -19.693 -7.967  1.00 135.36 ? 68  U   A N1    1 
ATOM   1094 C  C2    . U   A 1 60 ? -4.751  -19.417 -7.491  1.00 134.75 ? 68  U   A C2    1 
ATOM   1095 O  O2    . U   A 1 60 ? -4.123  -18.425 -7.818  1.00 133.75 ? 68  U   A O2    1 
ATOM   1096 N  N3    . U   A 1 60 ? -4.244  -20.349 -6.618  1.00 134.66 ? 68  U   A N3    1 
ATOM   1097 C  C4    . U   A 1 60 ? -4.867  -21.498 -6.174  1.00 134.84 ? 68  U   A C4    1 
ATOM   1098 O  O4    . U   A 1 60 ? -4.274  -22.249 -5.397  1.00 133.94 ? 68  U   A O4    1 
ATOM   1099 C  C5    . U   A 1 60 ? -6.191  -21.693 -6.687  1.00 135.72 ? 68  U   A C5    1 
ATOM   1100 C  C6    . U   A 1 60 ? -6.713  -20.803 -7.542  1.00 135.38 ? 68  U   A C6    1 
ATOM   1101 P  P     . A   A 1 61 ? -7.202  -21.303 -13.147 1.00 132.65 ? 69  A   A P     1 
ATOM   1102 O  OP1   . A   A 1 61 ? -8.168  -21.261 -14.273 1.00 132.82 ? 69  A   A OP1   1 
ATOM   1103 O  OP2   . A   A 1 61 ? -7.269  -22.409 -12.159 1.00 133.16 ? 69  A   A OP2   1 
ATOM   1104 O  "O5'" . A   A 1 61 ? -5.725  -21.222 -13.743 1.00 130.37 ? 69  A   A "O5'" 1 
ATOM   1105 C  "C5'" . A   A 1 61 ? -4.881  -22.371 -13.832 1.00 126.38 ? 69  A   A "C5'" 1 
ATOM   1106 C  "C4'" . A   A 1 61 ? -3.430  -21.955 -13.701 1.00 124.58 ? 69  A   A "C4'" 1 
ATOM   1107 O  "O4'" . A   A 1 61 ? -3.129  -20.954 -14.714 1.00 124.65 ? 69  A   A "O4'" 1 
ATOM   1108 C  "C3'" . A   A 1 61 ? -3.082  -21.309 -12.366 1.00 122.65 ? 69  A   A "C3'" 1 
ATOM   1109 O  "O3'" . A   A 1 61 ? -2.639  -22.325 -11.465 1.00 120.22 ? 69  A   A "O3'" 1 
ATOM   1110 C  "C2'" . A   A 1 61 ? -1.971  -20.324 -12.730 1.00 122.75 ? 69  A   A "C2'" 1 
ATOM   1111 O  "O2'" . A   A 1 61 ? -0.683  -20.903 -12.756 1.00 121.80 ? 69  A   A "O2'" 1 
ATOM   1112 C  "C1'" . A   A 1 61 ? -2.370  -19.902 -14.147 1.00 123.31 ? 69  A   A "C1'" 1 
ATOM   1113 N  N9    . A   A 1 61 ? -3.160  -18.672 -14.256 1.00 123.13 ? 69  A   A N9    1 
ATOM   1114 C  C8    . A   A 1 61 ? -4.513  -18.577 -14.475 1.00 122.51 ? 69  A   A C8    1 
ATOM   1115 N  N7    . A   A 1 61 ? -4.947  -17.347 -14.593 1.00 122.73 ? 69  A   A N7    1 
ATOM   1116 C  C5    . A   A 1 61 ? -3.805  -16.572 -14.425 1.00 123.11 ? 69  A   A C5    1 
ATOM   1117 C  C6    . A   A 1 61 ? -3.589  -15.172 -14.444 1.00 122.87 ? 69  A   A C6    1 
ATOM   1118 N  N6    . A   A 1 61 ? -4.553  -14.266 -14.645 1.00 122.84 ? 69  A   A N6    1 
ATOM   1119 N  N1    . A   A 1 61 ? -2.331  -14.732 -14.245 1.00 122.14 ? 69  A   A N1    1 
ATOM   1120 C  C2    . A   A 1 61 ? -1.365  -15.633 -14.039 1.00 122.94 ? 69  A   A C2    1 
ATOM   1121 N  N3    . A   A 1 61 ? -1.439  -16.963 -13.997 1.00 123.23 ? 69  A   A N3    1 
ATOM   1122 C  C4    . A   A 1 61 ? -2.701  -17.376 -14.202 1.00 123.13 ? 69  A   A C4    1 
ATOM   1123 P  P     . A   A 1 62 ? -3.023  -22.246 -9.906  1.00 119.13 ? 70  A   A P     1 
ATOM   1124 O  OP1   . A   A 1 62 ? -2.841  -23.596 -9.302  1.00 117.91 ? 70  A   A OP1   1 
ATOM   1125 O  OP2   . A   A 1 62 ? -4.343  -21.582 -9.809  1.00 118.81 ? 70  A   A OP2   1 
ATOM   1126 O  "O5'" . A   A 1 62 ? -1.903  -21.279 -9.305  1.00 117.92 ? 70  A   A "O5'" 1 
ATOM   1127 C  "C5'" . A   A 1 62 ? -0.518  -21.641 -9.347  1.00 114.76 ? 70  A   A "C5'" 1 
ATOM   1128 C  "C4'" . A   A 1 62 ? 0.367   -20.412 -9.243  1.00 112.17 ? 70  A   A "C4'" 1 
ATOM   1129 O  "O4'" . A   A 1 62 ? 0.191   -19.585 -10.426 1.00 111.13 ? 70  A   A "O4'" 1 
ATOM   1130 C  "C3'" . A   A 1 62 ? 0.114   -19.479 -8.062  1.00 110.81 ? 70  A   A "C3'" 1 
ATOM   1131 O  "O3'" . A   A 1 62 ? 0.844   -19.892 -6.907  1.00 109.57 ? 70  A   A "O3'" 1 
ATOM   1132 C  "C2'" . A   A 1 62 ? 0.645   -18.159 -8.601  1.00 110.43 ? 70  A   A "C2'" 1 
ATOM   1133 O  "O2'" . A   A 1 62 ? 2.057   -18.086 -8.552  1.00 109.09 ? 70  A   A "O2'" 1 
ATOM   1134 C  "C1'" . A   A 1 62 ? 0.168   -18.220 -10.052 1.00 110.30 ? 70  A   A "C1'" 1 
ATOM   1135 N  N9    . A   A 1 62 ? -1.209  -17.751 -10.200 1.00 110.62 ? 70  A   A N9    1 
ATOM   1136 C  C8    . A   A 1 62 ? -2.337  -18.519 -10.101 1.00 111.29 ? 70  A   A C8    1 
ATOM   1137 N  N7    . A   A 1 62 ? -3.450  -17.854 -10.269 1.00 111.74 ? 70  A   A N7    1 
ATOM   1138 C  C5    . A   A 1 62 ? -3.028  -16.553 -10.496 1.00 111.46 ? 70  A   A C5    1 
ATOM   1139 C  C6    . A   A 1 62 ? -3.732  -15.366 -10.742 1.00 110.62 ? 70  A   A C6    1 
ATOM   1140 N  N6    . A   A 1 62 ? -5.062  -15.306 -10.804 1.00 110.15 ? 70  A   A N6    1 
ATOM   1141 N  N1    . A   A 1 62 ? -3.019  -14.233 -10.923 1.00 110.04 ? 70  A   A N1    1 
ATOM   1142 C  C2    . A   A 1 62 ? -1.688  -14.301 -10.855 1.00 110.96 ? 70  A   A C2    1 
ATOM   1143 N  N3    . A   A 1 62 ? -0.907  -15.361 -10.629 1.00 112.49 ? 70  A   A N3    1 
ATOM   1144 C  C4    . A   A 1 62 ? -1.649  -16.471 -10.456 1.00 111.56 ? 70  A   A C4    1 
ATOM   1145 P  P     . U   A 1 63 ? 0.284   -19.562 -5.431  1.00 108.56 ? 71  U   A P     1 
ATOM   1146 O  OP1   . U   A 1 63 ? 1.195   -20.287 -4.513  1.00 108.41 ? 71  U   A OP1   1 
ATOM   1147 O  OP2   . U   A 1 63 ? -1.183  -19.817 -5.360  1.00 107.53 ? 71  U   A OP2   1 
ATOM   1148 O  "O5'" . U   A 1 63 ? 0.550   -18.001 -5.246  1.00 106.12 ? 71  U   A "O5'" 1 
ATOM   1149 C  "C5'" . U   A 1 63 ? 1.848   -17.526 -4.892  1.00 106.22 ? 71  U   A "C5'" 1 
ATOM   1150 C  "C4'" . U   A 1 63 ? 1.863   -16.017 -4.821  1.00 104.58 ? 71  U   A "C4'" 1 
ATOM   1151 O  "O4'" . U   A 1 63 ? 1.483   -15.506 -6.119  1.00 103.59 ? 71  U   A "O4'" 1 
ATOM   1152 C  "C3'" . U   A 1 63 ? 0.879   -15.380 -3.855  1.00 105.44 ? 71  U   A "C3'" 1 
ATOM   1153 O  "O3'" . U   A 1 63 ? 1.448   -15.247 -2.553  1.00 106.42 ? 71  U   A "O3'" 1 
ATOM   1154 C  "C2'" . U   A 1 63 ? 0.687   -14.011 -4.476  1.00 105.12 ? 71  U   A "C2'" 1 
ATOM   1155 O  "O2'" . U   A 1 63 ? 1.787   -13.184 -4.180  1.00 106.75 ? 71  U   A "O2'" 1 
ATOM   1156 C  "C1'" . U   A 1 63 ? 0.694   -14.348 -5.967  1.00 103.97 ? 71  U   A "C1'" 1 
ATOM   1157 N  N1    . U   A 1 63 ? -0.635  -14.637 -6.514  1.00 104.21 ? 71  U   A N1    1 
ATOM   1158 C  C2    . U   A 1 63 ? -1.366  -13.584 -7.009  1.00 105.11 ? 71  U   A C2    1 
ATOM   1159 O  O2    . U   A 1 63 ? -0.947  -12.436 -7.012  1.00 106.73 ? 71  U   A O2    1 
ATOM   1160 N  N3    . U   A 1 63 ? -2.608  -13.922 -7.500  1.00 104.30 ? 71  U   A N3    1 
ATOM   1161 C  C4    . U   A 1 63 ? -3.176  -15.182 -7.534  1.00 103.35 ? 71  U   A C4    1 
ATOM   1162 O  O4    . U   A 1 63 ? -4.313  -15.330 -7.987  1.00 101.47 ? 71  U   A O4    1 
ATOM   1163 C  C5    . U   A 1 63 ? -2.348  -16.214 -7.004  1.00 104.01 ? 71  U   A C5    1 
ATOM   1164 C  C6    . U   A 1 63 ? -1.135  -15.913 -6.524  1.00 104.30 ? 71  U   A C6    1 
ATOM   1165 P  P     . G   A 1 64 ? 0.606   -15.711 -1.262  1.00 108.63 ? 72  G   A P     1 
ATOM   1166 O  OP1   . G   A 1 64 ? 1.525   -16.411 -0.333  1.00 108.65 ? 72  G   A OP1   1 
ATOM   1167 O  OP2   . G   A 1 64 ? -0.646  -16.379 -1.702  1.00 107.01 ? 72  G   A OP2   1 
ATOM   1168 O  "O5'" . G   A 1 64 ? 0.234   -14.363 -0.510  1.00 111.43 ? 72  G   A "O5'" 1 
ATOM   1169 C  "C5'" . G   A 1 64 ? -0.200  -13.205 -1.211  1.00 114.95 ? 72  G   A "C5'" 1 
ATOM   1170 C  "C4'" . G   A 1 64 ? -0.787  -12.218 -0.232  1.00 116.85 ? 72  G   A "C4'" 1 
ATOM   1171 O  "O4'" . G   A 1 64 ? 0.108   -12.114 0.913   1.00 120.09 ? 72  G   A "O4'" 1 
ATOM   1172 C  "C3'" . G   A 1 64 ? -0.926  -10.792 -0.729  1.00 117.75 ? 72  G   A "C3'" 1 
ATOM   1173 O  "O3'" . G   A 1 64 ? -2.114  -10.582 -1.474  1.00 116.69 ? 72  G   A "O3'" 1 
ATOM   1174 C  "C2'" . G   A 1 64 ? -0.874  -10.034 0.586   1.00 119.93 ? 72  G   A "C2'" 1 
ATOM   1175 O  "O2'" . G   A 1 64 ? -2.047  -10.245 1.349   1.00 119.77 ? 72  G   A "O2'" 1 
ATOM   1176 C  "C1'" . G   A 1 64 ? 0.306   -10.750 1.251   1.00 121.25 ? 72  G   A "C1'" 1 
ATOM   1177 N  N9    . G   A 1 64 ? 1.575   -10.328 0.651   1.00 123.89 ? 72  G   A N9    1 
ATOM   1178 C  C8    . G   A 1 64 ? 1.943   -9.040  0.327   1.00 124.09 ? 72  G   A C8    1 
ATOM   1179 N  N7    . G   A 1 64 ? 3.110   -8.968  -0.254  1.00 124.24 ? 72  G   A N7    1 
ATOM   1180 C  C5    . G   A 1 64 ? 3.554   -10.282 -0.307  1.00 124.35 ? 72  G   A C5    1 
ATOM   1181 C  C6    . G   A 1 64 ? 4.756   -10.826 -0.835  1.00 124.64 ? 72  G   A C6    1 
ATOM   1182 O  O6    . G   A 1 64 ? 5.694   -10.234 -1.384  1.00 124.58 ? 72  G   A O6    1 
ATOM   1183 N  N1    . G   A 1 64 ? 4.808   -12.209 -0.678  1.00 125.59 ? 72  G   A N1    1 
ATOM   1184 C  C2    . G   A 1 64 ? 3.834   -12.974 -0.091  1.00 125.45 ? 72  G   A C2    1 
ATOM   1185 N  N2    . G   A 1 64 ? 4.076   -14.288 -0.034  1.00 124.35 ? 72  G   A N2    1 
ATOM   1186 N  N3    . G   A 1 64 ? 2.703   -12.484 0.402   1.00 125.89 ? 72  G   A N3    1 
ATOM   1187 C  C4    . G   A 1 64 ? 2.630   -11.137 0.262   1.00 124.64 ? 72  G   A C4    1 
ATOM   1188 P  P     . C   A 1 65 ? -2.014  -9.985  -2.965  1.00 117.57 ? 73  C   A P     1 
ATOM   1189 O  OP1   . C   A 1 65 ? -0.665  -10.314 -3.484  1.00 117.86 ? 73  C   A OP1   1 
ATOM   1190 O  OP2   . C   A 1 65 ? -2.469  -8.577  -2.991  1.00 117.91 ? 73  C   A OP2   1 
ATOM   1191 O  "O5'" . C   A 1 65 ? -3.077  -10.843 -3.778  1.00 119.10 ? 73  C   A "O5'" 1 
ATOM   1192 C  "C5'" . C   A 1 65 ? -3.799  -10.271 -4.862  1.00 120.61 ? 73  C   A "C5'" 1 
ATOM   1193 C  "C4'" . C   A 1 65 ? -5.155  -10.918 -4.976  1.00 120.95 ? 73  C   A "C4'" 1 
ATOM   1194 O  "O4'" . C   A 1 65 ? -4.973  -12.322 -5.274  1.00 120.13 ? 73  C   A "O4'" 1 
ATOM   1195 C  "C3'" . C   A 1 65 ? -5.989  -10.901 -3.703  1.00 121.63 ? 73  C   A "C3'" 1 
ATOM   1196 O  "O3'" . C   A 1 65 ? -6.745  -9.695  -3.626  1.00 125.22 ? 73  C   A "O3'" 1 
ATOM   1197 C  "C2'" . C   A 1 65 ? -6.907  -12.096 -3.906  1.00 120.36 ? 73  C   A "C2'" 1 
ATOM   1198 O  "O2'" . C   A 1 65 ? -8.019  -11.775 -4.708  1.00 119.43 ? 73  C   A "O2'" 1 
ATOM   1199 C  "C1'" . C   A 1 65 ? -5.993  -13.073 -4.649  1.00 119.89 ? 73  C   A "C1'" 1 
ATOM   1200 N  N1    . C   A 1 65 ? -5.370  -14.067 -3.766  1.00 119.38 ? 73  C   A N1    1 
ATOM   1201 C  C2    . C   A 1 65 ? -6.095  -15.200 -3.450  1.00 119.36 ? 73  C   A C2    1 
ATOM   1202 O  O2    . C   A 1 65 ? -7.220  -15.340 -3.950  1.00 119.27 ? 73  C   A O2    1 
ATOM   1203 N  N3    . C   A 1 65 ? -5.564  -16.120 -2.614  1.00 119.46 ? 73  C   A N3    1 
ATOM   1204 C  C4    . C   A 1 65 ? -4.346  -15.936 -2.111  1.00 118.93 ? 73  C   A C4    1 
ATOM   1205 N  N4    . C   A 1 65 ? -3.868  -16.872 -1.292  1.00 118.86 ? 73  C   A N4    1 
ATOM   1206 C  C5    . C   A 1 65 ? -3.569  -14.788 -2.429  1.00 119.07 ? 73  C   A C5    1 
ATOM   1207 C  C6    . C   A 1 65 ? -4.116  -13.885 -3.255  1.00 119.38 ? 73  C   A C6    1 
ATOM   1208 P  P     . C   A 1 66 ? -7.074  -9.038  -2.194  1.00 126.68 ? 74  C   A P     1 
ATOM   1209 O  OP1   . C   A 1 66 ? -7.983  -7.889  -2.440  1.00 126.64 ? 74  C   A OP1   1 
ATOM   1210 O  OP2   . C   A 1 66 ? -5.807  -8.828  -1.454  1.00 126.17 ? 74  C   A OP2   1 
ATOM   1211 O  "O5'" . C   A 1 66 ? -7.905  -10.162 -1.443  1.00 128.77 ? 74  C   A "O5'" 1 
ATOM   1212 C  "C5'" . C   A 1 66 ? -8.620  -9.876  -0.254  1.00 132.81 ? 74  C   A "C5'" 1 
ATOM   1213 C  "C4'" . C   A 1 66 ? -9.912  -10.638 -0.269  1.00 136.57 ? 74  C   A "C4'" 1 
ATOM   1214 O  "O4'" . C   A 1 66 ? -9.700  -11.870 -0.996  1.00 136.89 ? 74  C   A "O4'" 1 
ATOM   1215 C  "C3'" . C   A 1 66 ? -10.452 -11.026 1.094   1.00 139.33 ? 74  C   A "C3'" 1 
ATOM   1216 O  "O3'" . C   A 1 66 ? -11.350 -10.027 1.560   1.00 143.35 ? 74  C   A "O3'" 1 
ATOM   1217 C  "C2'" . C   A 1 66 ? -11.164 -12.343 0.806   1.00 139.06 ? 74  C   A "C2'" 1 
ATOM   1218 O  "O2'" . C   A 1 66 ? -12.473 -12.157 0.306   1.00 138.47 ? 74  C   A "O2'" 1 
ATOM   1219 C  "C1'" . C   A 1 66 ? -10.271 -12.944 -0.287  1.00 138.11 ? 74  C   A "C1'" 1 
ATOM   1220 N  N1    . C   A 1 66 ? -9.162  -13.795 0.178   1.00 137.95 ? 74  C   A N1    1 
ATOM   1221 C  C2    . C   A 1 66 ? -9.426  -15.117 0.517   1.00 137.82 ? 74  C   A C2    1 
ATOM   1222 O  O2    . C   A 1 66 ? -10.594 -15.525 0.465   1.00 138.04 ? 74  C   A O2    1 
ATOM   1223 N  N3    . C   A 1 66 ? -8.405  -15.920 0.888   1.00 137.44 ? 74  C   A N3    1 
ATOM   1224 C  C4    . C   A 1 66 ? -7.163  -15.443 0.929   1.00 136.76 ? 74  C   A C4    1 
ATOM   1225 N  N4    . C   A 1 66 ? -6.189  -16.281 1.277   1.00 136.56 ? 74  C   A N4    1 
ATOM   1226 C  C5    . C   A 1 66 ? -6.866  -14.089 0.610   1.00 136.45 ? 74  C   A C5    1 
ATOM   1227 C  C6    . C   A 1 66 ? -7.886  -13.306 0.248   1.00 136.93 ? 74  C   A C6    1 
ATOM   1228 P  P     . A   A 1 67 ? -11.241 -9.498  3.070   1.00 147.50 ? 75  A   A P     1 
ATOM   1229 O  OP1   . A   A 1 67 ? -12.080 -8.276  3.170   1.00 147.20 ? 75  A   A OP1   1 
ATOM   1230 O  OP2   . A   A 1 67 ? -9.800  -9.433  3.433   1.00 146.86 ? 75  A   A OP2   1 
ATOM   1231 O  "O5'" . A   A 1 67 ? -11.950 -10.636 3.934   1.00 149.45 ? 75  A   A "O5'" 1 
ATOM   1232 C  "C5'" . A   A 1 67 ? -13.168 -10.372 4.632   1.00 152.35 ? 75  A   A "C5'" 1 
ATOM   1233 C  "C4'" . A   A 1 67 ? -13.308 -11.306 5.808   1.00 154.01 ? 75  A   A "C4'" 1 
ATOM   1234 O  "O4'" . A   A 1 67 ? -13.384 -12.671 5.316   1.00 155.26 ? 75  A   A "O4'" 1 
ATOM   1235 C  "C3'" . A   A 1 67 ? -12.134 -11.305 6.777   1.00 154.84 ? 75  A   A "C3'" 1 
ATOM   1236 O  "O3'" . A   A 1 67 ? -12.294 -10.299 7.769   1.00 156.23 ? 75  A   A "O3'" 1 
ATOM   1237 C  "C2'" . A   A 1 67 ? -12.220 -12.706 7.359   1.00 155.35 ? 75  A   A "C2'" 1 
ATOM   1238 O  "O2'" . A   A 1 67 ? -13.263 -12.828 8.305   1.00 154.69 ? 75  A   A "O2'" 1 
ATOM   1239 C  "C1'" . A   A 1 67 ? -12.551 -13.510 6.100   1.00 156.11 ? 75  A   A "C1'" 1 
ATOM   1240 N  N9    . A   A 1 67 ? -11.354 -13.780 5.308   1.00 157.33 ? 75  A   A N9    1 
ATOM   1241 C  C8    . A   A 1 67 ? -11.163 -13.511 3.975   1.00 157.21 ? 75  A   A C8    1 
ATOM   1242 N  N7    . A   A 1 67 ? -9.960  -13.797 3.545   1.00 157.51 ? 75  A   A N7    1 
ATOM   1243 C  C5    . A   A 1 67 ? -9.318  -14.305 4.665   1.00 157.95 ? 75  A   A C5    1 
ATOM   1244 C  C6    . A   A 1 67 ? -8.017  -14.780 4.868   1.00 157.94 ? 75  A   A C6    1 
ATOM   1245 N  N6    . A   A 1 67 ? -7.091  -14.817 3.912   1.00 157.93 ? 75  A   A N6    1 
ATOM   1246 N  N1    . A   A 1 67 ? -7.693  -15.216 6.104   1.00 158.27 ? 75  A   A N1    1 
ATOM   1247 C  C2    . A   A 1 67 ? -8.625  -15.173 7.065   1.00 158.60 ? 75  A   A C2    1 
ATOM   1248 N  N3    . A   A 1 67 ? -9.883  -14.744 6.999   1.00 158.57 ? 75  A   A N3    1 
ATOM   1249 C  C4    . A   A 1 67 ? -10.170 -14.316 5.756   1.00 158.16 ? 75  A   A C4    1 
ATOM   1250 P  P     . G   A 1 68 ? -10.999 -9.575  8.391   1.00 157.11 ? 76  G   A P     1 
ATOM   1251 O  OP1   . G   A 1 68 ? -11.402 -8.208  8.806   1.00 156.67 ? 76  G   A OP1   1 
ATOM   1252 O  OP2   . G   A 1 68 ? -9.866  -9.753  7.443   1.00 155.97 ? 76  G   A OP2   1 
ATOM   1253 O  "O5'" . G   A 1 68 ? -10.689 -10.401 9.719   1.00 158.33 ? 76  G   A "O5'" 1 
ATOM   1254 C  "C5'" . G   A 1 68 ? -11.735 -10.795 10.614  1.00 159.74 ? 76  G   A "C5'" 1 
ATOM   1255 C  "C4'" . G   A 1 68 ? -11.309 -12.018 11.401  1.00 160.70 ? 76  G   A "C4'" 1 
ATOM   1256 O  "O4'" . G   A 1 68 ? -11.016 -13.097 10.466  1.00 161.51 ? 76  G   A "O4'" 1 
ATOM   1257 C  "C3'" . G   A 1 68 ? -10.026 -11.844 12.202  1.00 160.92 ? 76  G   A "C3'" 1 
ATOM   1258 O  "O3'" . G   A 1 68 ? -10.294 -11.316 13.493  1.00 161.20 ? 76  G   A "O3'" 1 
ATOM   1259 C  "C2'" . G   A 1 68 ? -9.467  -13.261 12.232  1.00 160.73 ? 76  G   A "C2'" 1 
ATOM   1260 O  "O2'" . G   A 1 68 ? -10.123 -14.118 13.144  1.00 160.48 ? 76  G   A "O2'" 1 
ATOM   1261 C  "C1'" . G   A 1 68 ? -9.782  -13.710 10.807  1.00 160.58 ? 76  G   A "C1'" 1 
ATOM   1262 N  N9    . G   A 1 68 ? -8.781  -13.229 9.861   1.00 159.89 ? 76  G   A N9    1 
ATOM   1263 C  C8    . G   A 1 68 ? -9.000  -12.466 8.738   1.00 159.57 ? 76  G   A C8    1 
ATOM   1264 N  N7    . G   A 1 68 ? -7.905  -12.176 8.093   1.00 159.28 ? 76  G   A N7    1 
ATOM   1265 C  C5    . G   A 1 68 ? -6.901  -12.787 8.833   1.00 159.06 ? 76  G   A C5    1 
ATOM   1266 C  C6    . G   A 1 68 ? -5.503  -12.823 8.626   1.00 158.56 ? 76  G   A C6    1 
ATOM   1267 O  O6    . G   A 1 68 ? -4.842  -12.301 7.719   1.00 157.82 ? 76  G   A O6    1 
ATOM   1268 N  N1    . G   A 1 68 ? -4.862  -13.557 9.618   1.00 158.39 ? 76  G   A N1    1 
ATOM   1269 C  C2    . G   A 1 68 ? -5.486  -14.174 10.675  1.00 158.26 ? 76  G   A C2    1 
ATOM   1270 N  N2    . G   A 1 68 ? -4.689  -14.836 11.524  1.00 158.12 ? 76  G   A N2    1 
ATOM   1271 N  N3    . G   A 1 68 ? -6.789  -14.144 10.882  1.00 158.32 ? 76  G   A N3    1 
ATOM   1272 C  C4    . G   A 1 68 ? -7.430  -13.441 9.928   1.00 159.18 ? 76  G   A C4    1 
ATOM   1273 P  P     . C   A 1 69 ? -9.464  -10.043 14.017  1.00 161.53 ? 77  C   A P     1 
ATOM   1274 O  OP1   . C   A 1 69 ? -10.215 -9.456  15.156  1.00 161.70 ? 77  C   A OP1   1 
ATOM   1275 O  OP2   . C   A 1 69 ? -9.124  -9.195  12.848  1.00 160.97 ? 77  C   A OP2   1 
ATOM   1276 O  "O5'" . C   A 1 69 ? -8.104  -10.662 14.568  1.00 161.51 ? 77  C   A "O5'" 1 
ATOM   1277 C  "C5'" . C   A 1 69 ? -8.096  -11.569 15.666  1.00 161.75 ? 77  C   A "C5'" 1 
ATOM   1278 C  "C4'" . C   A 1 69 ? -6.683  -12.018 15.952  1.00 162.37 ? 77  C   A "C4'" 1 
ATOM   1279 O  "O4'" . C   A 1 69 ? -6.151  -12.700 14.782  1.00 162.48 ? 77  C   A "O4'" 1 
ATOM   1280 C  "C3'" . C   A 1 69 ? -5.695  -10.892 16.218  1.00 162.61 ? 77  C   A "C3'" 1 
ATOM   1281 O  "O3'" . C   A 1 69 ? -5.745  -10.514 17.593  1.00 162.98 ? 77  C   A "O3'" 1 
ATOM   1282 C  "C2'" . C   A 1 69 ? -4.357  -11.510 15.813  1.00 162.05 ? 77  C   A "C2'" 1 
ATOM   1283 O  "O2'" . C   A 1 69 ? -3.775  -12.304 16.827  1.00 161.36 ? 77  C   A "O2'" 1 
ATOM   1284 C  "C1'" . C   A 1 69 ? -4.770  -12.401 14.635  1.00 161.59 ? 77  C   A "C1'" 1 
ATOM   1285 N  N1    . C   A 1 69 ? -4.566  -11.810 13.298  1.00 160.20 ? 77  C   A N1    1 
ATOM   1286 C  C2    . C   A 1 69 ? -3.260  -11.671 12.808  1.00 159.07 ? 77  C   A C2    1 
ATOM   1287 O  O2    . C   A 1 69 ? -2.310  -12.031 13.519  1.00 157.85 ? 77  C   A O2    1 
ATOM   1288 N  N3    . C   A 1 69 ? -3.071  -11.150 11.573  1.00 158.69 ? 77  C   A N3    1 
ATOM   1289 C  C4    . C   A 1 69 ? -4.121  -10.773 10.839  1.00 159.21 ? 77  C   A C4    1 
ATOM   1290 N  N4    . C   A 1 69 ? -3.891  -10.270 9.621   1.00 158.81 ? 77  C   A N4    1 
ATOM   1291 C  C5    . C   A 1 69 ? -5.460  -10.895 11.318  1.00 159.56 ? 77  C   A C5    1 
ATOM   1292 C  C6    . C   A 1 69 ? -5.634  -11.414 12.540  1.00 159.97 ? 77  C   A C6    1 
ATOM   1293 P  P     . G   A 1 70 ? -5.037  -9.152  18.082  1.00 163.22 ? 78  G   A P     1 
ATOM   1294 O  OP1   . G   A 1 70 ? -3.603  -9.461  18.317  1.00 162.42 ? 78  G   A OP1   1 
ATOM   1295 O  OP2   . G   A 1 70 ? -5.850  -8.569  19.178  1.00 163.35 ? 78  G   A OP2   1 
ATOM   1296 O  "O5'" . G   A 1 70 ? -5.142  -8.167  16.833  1.00 162.96 ? 78  G   A "O5'" 1 
ATOM   1297 C  "C5'" . G   A 1 70 ? -6.404  -7.730  16.335  1.00 161.35 ? 78  G   A "C5'" 1 
ATOM   1298 C  "C4'" . G   A 1 70 ? -6.208  -6.904  15.083  1.00 160.63 ? 78  G   A "C4'" 1 
ATOM   1299 O  "O4'" . G   A 1 70 ? -5.340  -7.615  14.156  1.00 161.11 ? 78  G   A "O4'" 1 
ATOM   1300 C  "C3'" . G   A 1 70 ? -7.474  -6.609  14.293  1.00 159.79 ? 78  G   A "C3'" 1 
ATOM   1301 O  "O3'" . G   A 1 70 ? -8.121  -5.446  14.817  1.00 157.82 ? 78  G   A "O3'" 1 
ATOM   1302 C  "C2'" . G   A 1 70 ? -6.918  -6.384  12.887  1.00 160.40 ? 78  G   A "C2'" 1 
ATOM   1303 O  "O2'" . G   A 1 70 ? -6.347  -5.104  12.705  1.00 160.77 ? 78  G   A "O2'" 1 
ATOM   1304 C  "C1'" . G   A 1 70 ? -5.796  -7.422  12.828  1.00 160.46 ? 78  G   A "C1'" 1 
ATOM   1305 P  P     . U   A 1 71 ? -9.654  -5.526  15.314  1.00 155.92 ? 79  U   A P     1 
ATOM   1306 O  OP1   . U   A 1 71 ? -9.886  -6.905  15.823  1.00 155.24 ? 79  U   A OP1   1 
ATOM   1307 O  OP2   . U   A 1 71 ? -10.538 -4.977  14.250  1.00 155.59 ? 79  U   A OP2   1 
ATOM   1308 O  "O5'" . U   A 1 71 ? -9.712  -4.508  16.542  1.00 153.93 ? 79  U   A "O5'" 1 
ATOM   1309 C  "C5'" . U   A 1 71 ? -9.761  -3.096  16.331  1.00 150.18 ? 79  U   A "C5'" 1 
ATOM   1310 C  "C4'" . U   A 1 71 ? -9.532  -2.358  17.636  1.00 148.13 ? 79  U   A "C4'" 1 
ATOM   1311 O  "O4'" . U   A 1 71 ? -10.485 -2.846  18.617  1.00 148.37 ? 79  U   A "O4'" 1 
ATOM   1312 C  "C3'" . U   A 1 71 ? -8.163  -2.524  18.300  1.00 145.95 ? 79  U   A "C3'" 1 
ATOM   1313 O  "O3'" . U   A 1 71 ? -7.252  -1.549  17.786  1.00 142.08 ? 79  U   A "O3'" 1 
ATOM   1314 C  "C2'" . U   A 1 71 ? -8.481  -2.262  19.770  1.00 146.39 ? 79  U   A "C2'" 1 
ATOM   1315 O  "O2'" . U   A 1 71 ? -8.533  -0.887  20.099  1.00 145.95 ? 79  U   A "O2'" 1 
ATOM   1316 C  "C1'" . U   A 1 71 ? -9.875  -2.883  19.898  1.00 147.55 ? 79  U   A "C1'" 1 
ATOM   1317 P  P     . A   A 1 72 ? -5.696  -1.557  18.229  1.00 138.44 ? 80  A   A P     1 
ATOM   1318 O  OP1   . A   A 1 72 ? -5.429  -0.289  18.964  1.00 137.71 ? 80  A   A OP1   1 
ATOM   1319 O  OP2   . A   A 1 72 ? -4.894  -1.883  17.015  1.00 137.47 ? 80  A   A OP2   1 
ATOM   1320 O  "O5'" . A   A 1 72 ? -5.547  -2.766  19.258  1.00 134.54 ? 80  A   A "O5'" 1 
ATOM   1321 C  "C5'" . A   A 1 72 ? -5.181  -4.057  18.788  1.00 128.13 ? 80  A   A "C5'" 1 
ATOM   1322 C  "C4'" . A   A 1 72 ? -4.091  -4.678  19.645  1.00 123.37 ? 80  A   A "C4'" 1 
ATOM   1323 O  "O4'" . A   A 1 72 ? -3.706  -5.900  18.962  1.00 121.02 ? 80  A   A "O4'" 1 
ATOM   1324 C  "C3'" . A   A 1 72 ? -2.797  -3.879  19.869  1.00 120.44 ? 80  A   A "C3'" 1 
ATOM   1325 O  "O3'" . A   A 1 72 ? -2.845  -3.238  21.165  1.00 118.92 ? 80  A   A "O3'" 1 
ATOM   1326 C  "C2'" . A   A 1 72 ? -1.720  -4.964  19.818  1.00 119.31 ? 80  A   A "C2'" 1 
ATOM   1327 O  "O2'" . A   A 1 72 ? -1.566  -5.654  21.044  1.00 116.03 ? 80  A   A "O2'" 1 
ATOM   1328 C  "C1'" . A   A 1 72 ? -2.308  -5.936  18.793  1.00 119.00 ? 80  A   A "C1'" 1 
ATOM   1329 N  N9    . A   A 1 72 ? -2.035  -5.665  17.376  1.00 117.68 ? 80  A   A N9    1 
ATOM   1330 C  C8    . A   A 1 72 ? -2.933  -5.210  16.436  1.00 117.21 ? 80  A   A C8    1 
ATOM   1331 N  N7    . A   A 1 72 ? -2.434  -5.111  15.228  1.00 115.82 ? 80  A   A N7    1 
ATOM   1332 C  C5    . A   A 1 72 ? -1.116  -5.511  15.380  1.00 115.16 ? 80  A   A C5    1 
ATOM   1333 C  C6    . A   A 1 72 ? -0.063  -5.633  14.469  1.00 114.88 ? 80  A   A C6    1 
ATOM   1334 N  N6    . A   A 1 72 ? -0.170  -5.340  13.175  1.00 113.76 ? 80  A   A N6    1 
ATOM   1335 N  N1    . A   A 1 72 ? 1.125   -6.070  14.937  1.00 115.36 ? 80  A   A N1    1 
ATOM   1336 C  C2    . A   A 1 72 ? 1.233   -6.360  16.238  1.00 114.99 ? 80  A   A C2    1 
ATOM   1337 N  N3    . A   A 1 72 ? 0.315   -6.284  17.197  1.00 114.64 ? 80  A   A N3    1 
ATOM   1338 C  C4    . A   A 1 72 ? -0.852  -5.848  16.698  1.00 115.78 ? 80  A   A C4    1 
ATOM   1339 P  P     . G   A 1 73 ? -1.692  -2.189  21.631  1.00 117.36 ? 81  G   A P     1 
ATOM   1340 O  OP1   . G   A 1 73 ? -1.603  -2.256  23.116  1.00 115.15 ? 81  G   A OP1   1 
ATOM   1341 O  OP2   . G   A 1 73 ? -1.942  -0.877  20.981  1.00 117.61 ? 81  G   A OP2   1 
ATOM   1342 O  "O5'" . G   A 1 73 ? -0.326  -2.784  21.057  1.00 113.22 ? 81  G   A "O5'" 1 
ATOM   1343 C  "C5'" . G   A 1 73 ? 0.711   -3.213  21.941  1.00 105.52 ? 81  G   A "C5'" 1 
ATOM   1344 C  "C4'" . G   A 1 73 ? 2.060   -3.175  21.248  1.00 100.31 ? 81  G   A "C4'" 1 
ATOM   1345 O  "O4'" . G   A 1 73 ? 2.033   -4.049  20.088  1.00 97.74  ? 81  G   A "O4'" 1 
ATOM   1346 C  "C3'" . G   A 1 73 ? 2.522   -1.844  20.676  1.00 97.86  ? 81  G   A "C3'" 1 
ATOM   1347 O  "O3'" . G   A 1 73 ? 3.145   -1.014  21.645  1.00 95.34  ? 81  G   A "O3'" 1 
ATOM   1348 C  "C2'" . G   A 1 73 ? 3.563   -2.283  19.659  1.00 96.96  ? 81  G   A "C2'" 1 
ATOM   1349 O  "O2'" . G   A 1 73 ? 4.795   -2.553  20.299  1.00 97.53  ? 81  G   A "O2'" 1 
ATOM   1350 C  "C1'" . G   A 1 73 ? 2.928   -3.562  19.100  1.00 95.14  ? 81  G   A "C1'" 1 
ATOM   1351 N  N9    . G   A 1 73 ? 2.176   -3.348  17.864  1.00 92.69  ? 81  G   A N9    1 
ATOM   1352 C  C8    . G   A 1 73 ? 0.818   -3.165  17.739  1.00 91.66  ? 81  G   A C8    1 
ATOM   1353 N  N7    . G   A 1 73 ? 0.436   -2.993  16.502  1.00 89.94  ? 81  G   A N7    1 
ATOM   1354 C  C5    . G   A 1 73 ? 1.611   -3.063  15.766  1.00 90.07  ? 81  G   A C5    1 
ATOM   1355 C  C6    . G   A 1 73 ? 1.833   -2.942  14.366  1.00 90.20  ? 81  G   A C6    1 
ATOM   1356 O  O6    . G   A 1 73 ? 1.011   -2.741  13.462  1.00 89.79  ? 81  G   A O6    1 
ATOM   1357 N  N1    . G   A 1 73 ? 3.173   -3.083  14.051  1.00 90.07  ? 81  G   A N1    1 
ATOM   1358 C  C2    . G   A 1 73 ? 4.174   -3.311  14.953  1.00 90.99  ? 81  G   A C2    1 
ATOM   1359 N  N2    . G   A 1 73 ? 5.408   -3.431  14.440  1.00 93.42  ? 81  G   A N2    1 
ATOM   1360 N  N3    . G   A 1 73 ? 3.986   -3.416  16.256  1.00 90.80  ? 81  G   A N3    1 
ATOM   1361 C  C4    . G   A 1 73 ? 2.691   -3.286  16.590  1.00 90.66  ? 81  G   A C4    1 
ATOM   1362 P  P     . G   A 1 74 ? 3.578   0.477   21.235  1.00 96.03  ? 82  G   A P     1 
ATOM   1363 O  OP1   . G   A 1 74 ? 3.876   1.254   22.470  1.00 95.60  ? 82  G   A OP1   1 
ATOM   1364 O  OP2   . G   A 1 74 ? 2.598   1.015   20.248  1.00 96.06  ? 82  G   A OP2   1 
ATOM   1365 O  "O5'" . G   A 1 74 ? 4.948   0.266   20.470  1.00 92.61  ? 82  G   A "O5'" 1 
ATOM   1366 C  "C5'" . G   A 1 74 ? 5.528   1.324   19.735  1.00 87.88  ? 82  G   A "C5'" 1 
ATOM   1367 C  "C4'" . G   A 1 74 ? 6.371   0.758   18.644  1.00 85.31  ? 82  G   A "C4'" 1 
ATOM   1368 O  "O4'" . G   A 1 74 ? 5.702   -0.418  18.124  1.00 83.45  ? 82  G   A "O4'" 1 
ATOM   1369 C  "C3'" . G   A 1 74 ? 6.554   1.666   17.446  1.00 84.74  ? 82  G   A "C3'" 1 
ATOM   1370 O  "O3'" . G   A 1 74 ? 7.617   2.590   17.663  1.00 83.87  ? 82  G   A "O3'" 1 
ATOM   1371 C  "C2'" . G   A 1 74 ? 6.828   0.643   16.351  1.00 84.56  ? 82  G   A "C2'" 1 
ATOM   1372 O  "O2'" . G   A 1 74 ? 8.126   0.102   16.429  1.00 86.77  ? 82  G   A "O2'" 1 
ATOM   1373 C  "C1'" . G   A 1 74 ? 5.821   -0.452  16.716  1.00 82.20  ? 82  G   A "C1'" 1 
ATOM   1374 N  N9    . G   A 1 74 ? 4.503   -0.178  16.147  1.00 80.96  ? 82  G   A N9    1 
ATOM   1375 C  C8    . G   A 1 74 ? 3.291   -0.131  16.800  1.00 78.72  ? 82  G   A C8    1 
ATOM   1376 N  N7    . G   A 1 74 ? 2.298   0.188   16.012  1.00 76.45  ? 82  G   A N7    1 
ATOM   1377 C  C5    . G   A 1 74 ? 2.888   0.351   14.767  1.00 77.02  ? 82  G   A C5    1 
ATOM   1378 C  C6    . G   A 1 74 ? 2.322   0.692   13.520  1.00 76.59  ? 82  G   A C6    1 
ATOM   1379 O  O6    . G   A 1 74 ? 1.137   0.936   13.248  1.00 75.44  ? 82  G   A O6    1 
ATOM   1380 N  N1    . G   A 1 74 ? 3.288   0.741   12.519  1.00 77.51  ? 82  G   A N1    1 
ATOM   1381 C  C2    . G   A 1 74 ? 4.628   0.492   12.694  1.00 78.47  ? 82  G   A C2    1 
ATOM   1382 N  N2    . G   A 1 74 ? 5.409   0.575   11.608  1.00 78.99  ? 82  G   A N2    1 
ATOM   1383 N  N3    . G   A 1 74 ? 5.166   0.180   13.849  1.00 79.28  ? 82  G   A N3    1 
ATOM   1384 C  C4    . G   A 1 74 ? 4.247   0.123   14.835  1.00 79.31  ? 82  G   A C4    1 
ATOM   1385 P  P     . G   A 1 75 ? 7.306   4.169   17.692  1.00 84.56  ? 83  G   A P     1 
ATOM   1386 O  OP1   . G   A 1 75 ? 8.590   4.849   17.983  1.00 85.54  ? 83  G   A OP1   1 
ATOM   1387 O  OP2   . G   A 1 75 ? 6.105   4.456   18.530  1.00 81.80  ? 83  G   A OP2   1 
ATOM   1388 O  "O5'" . G   A 1 75 ? 6.940   4.535   16.188  1.00 84.57  ? 83  G   A "O5'" 1 
ATOM   1389 C  "C5'" . G   A 1 75 ? 7.805   4.183   15.116  1.00 81.77  ? 83  G   A "C5'" 1 
ATOM   1390 C  "C4'" . G   A 1 75 ? 7.050   4.199   13.800  1.00 80.82  ? 83  G   A "C4'" 1 
ATOM   1391 O  "O4'" . G   A 1 75 ? 5.909   3.298   13.864  1.00 79.46  ? 83  G   A "O4'" 1 
ATOM   1392 C  "C3'" . G   A 1 75 ? 6.419   5.511   13.377  1.00 79.73  ? 83  G   A "C3'" 1 
ATOM   1393 O  "O3'" . G   A 1 75 ? 7.397   6.335   12.740  1.00 85.02  ? 83  G   A "O3'" 1 
ATOM   1394 C  "C2'" . G   A 1 75 ? 5.440   5.019   12.321  1.00 77.74  ? 83  G   A "C2'" 1 
ATOM   1395 O  "O2'" . G   A 1 75 ? 6.168   4.673   11.152  1.00 76.08  ? 83  G   A "O2'" 1 
ATOM   1396 C  "C1'" . G   A 1 75 ? 4.918   3.726   12.951  1.00 74.75  ? 83  G   A "C1'" 1 
ATOM   1397 N  N9    . G   A 1 75 ? 3.632   3.778   13.644  1.00 70.96  ? 83  G   A N9    1 
ATOM   1398 C  C8    . G   A 1 75 ? 3.432   3.791   14.997  1.00 69.98  ? 83  G   A C8    1 
ATOM   1399 N  N7    . G   A 1 75 ? 2.169   3.793   15.335  1.00 68.07  ? 83  G   A N7    1 
ATOM   1400 C  C5    . G   A 1 75 ? 1.490   3.791   14.131  1.00 69.21  ? 83  G   A C5    1 
ATOM   1401 C  C6    . G   A 1 75 ? 0.090   3.789   13.860  1.00 69.54  ? 83  G   A C6    1 
ATOM   1402 O  O6    . G   A 1 75 ? -0.854  3.817   14.660  1.00 73.54  ? 83  G   A O6    1 
ATOM   1403 N  N1    . G   A 1 75 ? -0.168  3.768   12.498  1.00 66.61  ? 83  G   A N1    1 
ATOM   1404 C  C2    . G   A 1 75 ? 0.784   3.777   11.525  1.00 68.54  ? 83  G   A C2    1 
ATOM   1405 N  N2    . G   A 1 75 ? 0.327   3.778   10.272  1.00 70.91  ? 83  G   A N2    1 
ATOM   1406 N  N3    . G   A 1 75 ? 2.093   3.789   11.755  1.00 70.00  ? 83  G   A N3    1 
ATOM   1407 C  C4    . G   A 1 75 ? 2.373   3.791   13.073  1.00 70.58  ? 83  G   A C4    1 
ATOM   1408 P  P     . A   A 1 76 ? 8.122   7.518   13.562  1.00 85.75  ? 84  A   A P     1 
ATOM   1409 O  OP1   . A   A 1 76 ? 9.575   7.196   13.491  1.00 82.61  ? 84  A   A OP1   1 
ATOM   1410 O  OP2   . A   A 1 76 ? 7.451   7.714   14.873  1.00 84.42  ? 84  A   A OP2   1 
ATOM   1411 O  "O5'" . A   A 1 76 ? 7.859   8.828   12.712  1.00 84.39  ? 84  A   A "O5'" 1 
ATOM   1412 C  "C5'" . A   A 1 76 ? 8.887   9.377   11.909  1.00 85.60  ? 84  A   A "C5'" 1 
ATOM   1413 C  "C4'" . A   A 1 76 ? 8.279   10.150  10.772  1.00 85.85  ? 84  A   A "C4'" 1 
ATOM   1414 O  "O4'" . A   A 1 76 ? 7.483   9.240   9.973   1.00 85.06  ? 84  A   A "O4'" 1 
ATOM   1415 C  "C3'" . A   A 1 76 ? 7.304   11.247  11.157  1.00 85.10  ? 84  A   A "C3'" 1 
ATOM   1416 O  "O3'" . A   A 1 76 ? 8.021   12.447  11.364  1.00 87.94  ? 84  A   A "O3'" 1 
ATOM   1417 C  "C2'" . A   A 1 76 ? 6.499   11.389  9.880   1.00 84.54  ? 84  A   A "C2'" 1 
ATOM   1418 O  "O2'" . A   A 1 76 ? 7.243   12.133  8.932   1.00 86.24  ? 84  A   A "O2'" 1 
ATOM   1419 C  "C1'" . A   A 1 76 ? 6.382   9.928   9.426   1.00 81.56  ? 84  A   A "C1'" 1 
ATOM   1420 N  N9    . A   A 1 76 ? 5.173   9.267   9.900   1.00 77.00  ? 84  A   A N9    1 
ATOM   1421 C  C8    . A   A 1 76 ? 4.816   9.032   11.199  1.00 76.77  ? 84  A   A C8    1 
ATOM   1422 N  N7    . A   A 1 76 ? 3.646   8.456   11.330  1.00 75.59  ? 84  A   A N7    1 
ATOM   1423 C  C5    . A   A 1 76 ? 3.212   8.292   10.025  1.00 74.34  ? 84  A   A C5    1 
ATOM   1424 C  C6    . A   A 1 76 ? 2.044   7.746   9.491   1.00 72.93  ? 84  A   A C6    1 
ATOM   1425 N  N6    . A   A 1 76 ? 1.064   7.250   10.240  1.00 73.26  ? 84  A   A N6    1 
ATOM   1426 N  N1    . A   A 1 76 ? 1.912   7.727   8.150   1.00 71.13  ? 84  A   A N1    1 
ATOM   1427 C  C2    . A   A 1 76 ? 2.899   8.228   7.409   1.00 73.06  ? 84  A   A C2    1 
ATOM   1428 N  N3    . A   A 1 76 ? 4.053   8.773   7.795   1.00 74.63  ? 84  A   A N3    1 
ATOM   1429 C  C4    . A   A 1 76 ? 4.146   8.776   9.134   1.00 75.22  ? 84  A   A C4    1 
ATOM   1430 P  P     . A   A 1 77 ? 7.718   13.352  12.649  1.00 91.21  ? 85  A   A P     1 
ATOM   1431 O  OP1   . A   A 1 77 ? 8.345   14.672  12.372  1.00 88.57  ? 85  A   A OP1   1 
ATOM   1432 O  OP2   . A   A 1 77 ? 8.081   12.603  13.875  1.00 90.99  ? 85  A   A OP2   1 
ATOM   1433 O  "O5'" . A   A 1 77 ? 6.135   13.524  12.669  1.00 93.33  ? 85  A   A "O5'" 1 
ATOM   1434 C  "C5'" . A   A 1 77 ? 5.542   14.591  13.399  1.00 93.65  ? 85  A   A "C5'" 1 
ATOM   1435 C  "C4'" . A   A 1 77 ? 5.988   15.886  12.794  1.00 94.63  ? 85  A   A "C4'" 1 
ATOM   1436 O  "O4'" . A   A 1 77 ? 5.703   15.837  11.381  1.00 94.25  ? 85  A   A "O4'" 1 
ATOM   1437 C  "C3'" . A   A 1 77 ? 5.370   17.180  13.296  1.00 96.39  ? 85  A   A "C3'" 1 
ATOM   1438 O  "O3'" . A   A 1 77 ? 6.091   17.624  14.463  1.00 95.03  ? 85  A   A "O3'" 1 
ATOM   1439 C  "C2'" . A   A 1 77 ? 5.588   18.106  12.096  1.00 97.79  ? 85  A   A "C2'" 1 
ATOM   1440 O  "O2'" . A   A 1 77 ? 6.915   18.628  12.063  1.00 99.53  ? 85  A   A "O2'" 1 
ATOM   1441 C  "C1'" . A   A 1 77 ? 5.423   17.141  10.913  1.00 95.91  ? 85  A   A "C1'" 1 
ATOM   1442 N  N9    . A   A 1 77 ? 4.134   17.101  10.221  1.00 93.45  ? 85  A   A N9    1 
ATOM   1443 C  C8    . A   A 1 77 ? 2.973   16.519  10.648  1.00 93.51  ? 85  A   A C8    1 
ATOM   1444 N  N7    . A   A 1 77 ? 2.014   16.536  9.755   1.00 91.83  ? 85  A   A N7    1 
ATOM   1445 C  C5    . A   A 1 77 ? 2.573   17.201  8.683   1.00 91.22  ? 85  A   A C5    1 
ATOM   1446 C  C6    . A   A 1 77 ? 2.067   17.533  7.432   1.00 92.35  ? 85  A   A C6    1 
ATOM   1447 N  N6    . A   A 1 77 ? 0.832   17.212  7.036   1.00 91.92  ? 85  A   A N6    1 
ATOM   1448 N  N1    . A   A 1 77 ? 2.879   18.209  6.584   1.00 92.69  ? 85  A   A N1    1 
ATOM   1449 C  C2    . A   A 1 77 ? 4.119   18.515  6.992   1.00 91.12  ? 85  A   A C2    1 
ATOM   1450 N  N3    . A   A 1 77 ? 4.708   18.249  8.149   1.00 90.76  ? 85  A   A N3    1 
ATOM   1451 C  C4    . A   A 1 77 ? 3.871   17.579  8.961   1.00 91.87  ? 85  A   A C4    1 
ATOM   1452 P  P     . G   A 1 78 ? 5.864   19.110  15.044  1.00 93.45  ? 86  G   A P     1 
ATOM   1453 O  OP1   . G   A 1 78 ? 7.149   19.833  14.854  1.00 92.54  ? 86  G   A OP1   1 
ATOM   1454 O  OP2   . G   A 1 78 ? 5.262   19.017  16.403  1.00 93.48  ? 86  G   A OP2   1 
ATOM   1455 O  "O5'" . G   A 1 78 ? 4.769   19.732  14.071  1.00 92.53  ? 86  G   A "O5'" 1 
ATOM   1456 C  "C5'" . G   A 1 78 ? 4.427   21.113  14.104  1.00 89.59  ? 86  G   A "C5'" 1 
ATOM   1457 C  "C4'" . G   A 1 78 ? 5.042   21.822  12.921  1.00 88.24  ? 86  G   A "C4'" 1 
ATOM   1458 O  "O4'" . G   A 1 78 ? 5.106   20.946  11.760  1.00 86.64  ? 86  G   A "O4'" 1 
ATOM   1459 C  "C3'" . G   A 1 78 ? 4.287   23.030  12.415  1.00 87.54  ? 86  G   A "C3'" 1 
ATOM   1460 O  "O3'" . G   A 1 78 ? 4.510   24.143  13.275  1.00 87.07  ? 86  G   A "O3'" 1 
ATOM   1461 C  "C2'" . G   A 1 78 ? 4.871   23.170  11.006  1.00 87.29  ? 86  G   A "C2'" 1 
ATOM   1462 O  "O2'" . G   A 1 78 ? 6.184   23.697  10.968  1.00 86.53  ? 86  G   A "O2'" 1 
ATOM   1463 C  "C1'" . G   A 1 78 ? 4.955   21.705  10.572  1.00 85.12  ? 86  G   A "C1'" 1 
ATOM   1464 N  N9    . G   A 1 78 ? 3.750   21.243  9.891   1.00 83.86  ? 86  G   A N9    1 
ATOM   1465 C  C8    . G   A 1 78 ? 2.773   20.435  10.411  1.00 84.51  ? 86  G   A C8    1 
ATOM   1466 N  N7    . G   A 1 78 ? 1.789   20.222  9.583   1.00 83.27  ? 86  G   A N7    1 
ATOM   1467 C  C5    . G   A 1 78 ? 2.144   20.923  8.447   1.00 82.14  ? 86  G   A C5    1 
ATOM   1468 C  C6    . G   A 1 78 ? 1.457   21.076  7.225   1.00 83.00  ? 86  G   A C6    1 
ATOM   1469 O  O6    . G   A 1 78 ? 0.361   20.609  6.889   1.00 81.37  ? 86  G   A O6    1 
ATOM   1470 N  N1    . G   A 1 78 ? 2.168   21.877  6.343   1.00 84.38  ? 86  G   A N1    1 
ATOM   1471 C  C2    . G   A 1 78 ? 3.382   22.461  6.608   1.00 84.01  ? 86  G   A C2    1 
ATOM   1472 N  N2    . G   A 1 78 ? 3.902   23.215  5.619   1.00 82.36  ? 86  G   A N2    1 
ATOM   1473 N  N3    . G   A 1 78 ? 4.033   22.320  7.751   1.00 82.65  ? 86  G   A N3    1 
ATOM   1474 C  C4    . G   A 1 78 ? 3.358   21.547  8.617   1.00 82.00  ? 86  G   A C4    1 
ATOM   1475 P  P     . U   A 1 79 ? 3.372   25.266  13.430  1.00 87.04  ? 87  U   A P     1 
ATOM   1476 O  OP1   . U   A 1 79 ? 3.899   26.324  14.329  1.00 85.95  ? 87  U   A OP1   1 
ATOM   1477 O  OP2   . U   A 1 79 ? 2.046   24.651  13.718  1.00 85.16  ? 87  U   A OP2   1 
ATOM   1478 O  "O5'" . U   A 1 79 ? 3.322   25.902  11.979  1.00 85.58  ? 87  U   A "O5'" 1 
ATOM   1479 C  "C5'" . U   A 1 79 ? 4.415   26.663  11.504  1.00 83.73  ? 87  U   A "C5'" 1 
ATOM   1480 C  "C4'" . U   A 1 79 ? 4.100   27.225  10.147  1.00 83.00  ? 87  U   A "C4'" 1 
ATOM   1481 O  "O4'" . U   A 1 79 ? 4.080   26.135  9.183   1.00 81.23  ? 87  U   A "O4'" 1 
ATOM   1482 C  "C3'" . U   A 1 79 ? 2.735   27.886  10.003  1.00 81.99  ? 87  U   A "C3'" 1 
ATOM   1483 O  "O3'" . U   A 1 79 ? 2.721   29.240  10.465  1.00 80.56  ? 87  U   A "O3'" 1 
ATOM   1484 C  "C2'" . U   A 1 79 ? 2.532   27.789  8.497   1.00 81.95  ? 87  U   A "C2'" 1 
ATOM   1485 O  "O2'" . U   A 1 79 ? 3.346   28.721  7.822   1.00 83.22  ? 87  U   A "O2'" 1 
ATOM   1486 C  "C1'" . U   A 1 79 ? 3.072   26.381  8.209   1.00 81.49  ? 87  U   A "C1'" 1 
ATOM   1487 N  N1    . U   A 1 79 ? 2.034   25.336  8.314   1.00 79.06  ? 87  U   A N1    1 
ATOM   1488 C  C2    . U   A 1 79 ? 1.199   25.140  7.234   1.00 76.79  ? 87  U   A C2    1 
ATOM   1489 O  O2    . U   A 1 79 ? 1.315   25.751  6.194   1.00 77.93  ? 87  U   A O2    1 
ATOM   1490 N  N3    . U   A 1 79 ? 0.220   24.202  7.420   1.00 73.62  ? 87  U   A N3    1 
ATOM   1491 C  C4    . U   A 1 79 ? 0.005   23.450  8.539   1.00 74.32  ? 87  U   A C4    1 
ATOM   1492 O  O4    . U   A 1 79 ? -0.917  22.643  8.556   1.00 74.78  ? 87  U   A O4    1 
ATOM   1493 C  C5    . U   A 1 79 ? 0.920   23.688  9.599   1.00 76.34  ? 87  U   A C5    1 
ATOM   1494 C  C6    . U   A 1 79 ? 1.880   24.597  9.456   1.00 77.99  ? 87  U   A C6    1 
ATOM   1495 P  P     . C   A 1 80 ? 1.312   29.967  10.789  1.00 82.85  ? 88  C   A P     1 
ATOM   1496 O  OP1   . C   A 1 80 ? 1.583   31.385  11.114  1.00 83.42  ? 88  C   A OP1   1 
ATOM   1497 O  OP2   . C   A 1 80 ? 0.522   29.143  11.726  1.00 80.38  ? 88  C   A OP2   1 
ATOM   1498 O  "O5'" . C   A 1 80 ? 0.543   30.007  9.395   1.00 87.18  ? 88  C   A "O5'" 1 
ATOM   1499 C  "C5'" . C   A 1 80 ? 0.976   30.878  8.346   1.00 90.69  ? 88  C   A "C5'" 1 
ATOM   1500 C  "C4'" . C   A 1 80 ? 0.061   30.761  7.143   1.00 92.30  ? 88  C   A "C4'" 1 
ATOM   1501 O  "O4'" . C   A 1 80 ? 0.109   29.406  6.619   1.00 93.91  ? 88  C   A "O4'" 1 
ATOM   1502 C  "C3'" . C   A 1 80 ? -1.409  31.028  7.419   1.00 92.59  ? 88  C   A "C3'" 1 
ATOM   1503 O  "O3'" . C   A 1 80 ? -1.670  32.414  7.279   1.00 91.42  ? 88  C   A "O3'" 1 
ATOM   1504 C  "C2'" . C   A 1 80 ? -2.103  30.235  6.323   1.00 93.38  ? 88  C   A "C2'" 1 
ATOM   1505 O  "O2'" . C   A 1 80 ? -2.133  30.959  5.121   1.00 92.65  ? 88  C   A "O2'" 1 
ATOM   1506 C  "C1'" . C   A 1 80 ? -1.181  29.021  6.179   1.00 94.52  ? 88  C   A "C1'" 1 
ATOM   1507 N  N1    . C   A 1 80 ? -1.596  27.861  6.979   1.00 95.34  ? 88  C   A N1    1 
ATOM   1508 C  C2    . C   A 1 80 ? -2.722  27.145  6.599   1.00 95.05  ? 88  C   A C2    1 
ATOM   1509 O  O2    . C   A 1 80 ? -3.351  27.510  5.603   1.00 96.77  ? 88  C   A O2    1 
ATOM   1510 N  N3    . C   A 1 80 ? -3.098  26.075  7.324   1.00 94.15  ? 88  C   A N3    1 
ATOM   1511 C  C4    . C   A 1 80 ? -2.396  25.719  8.393   1.00 93.71  ? 88  C   A C4    1 
ATOM   1512 N  N4    . C   A 1 80 ? -2.803  24.663  9.082   1.00 94.37  ? 88  C   A N4    1 
ATOM   1513 C  C5    . C   A 1 80 ? -1.245  26.433  8.805   1.00 95.23  ? 88  C   A C5    1 
ATOM   1514 C  C6    . C   A 1 80 ? -0.882  27.489  8.078   1.00 94.75  ? 88  C   A C6    1 
ATOM   1515 P  P     . G   A 1 81 ? -3.089  33.013  7.742   1.00 92.29  ? 89  G   A P     1 
ATOM   1516 O  OP1   . G   A 1 81 ? -3.098  34.444  7.341   1.00 91.20  ? 89  G   A OP1   1 
ATOM   1517 O  OP2   . G   A 1 81 ? -3.334  32.646  9.168   1.00 91.20  ? 89  G   A OP2   1 
ATOM   1518 O  "O5'" . G   A 1 81 ? -4.147  32.251  6.828   1.00 89.96  ? 89  G   A "O5'" 1 
ATOM   1519 C  "C5'" . G   A 1 81 ? -4.304  32.601  5.456   1.00 86.28  ? 89  G   A "C5'" 1 
ATOM   1520 C  "C4'" . G   A 1 81 ? -5.367  31.748  4.816   1.00 83.28  ? 89  G   A "C4'" 1 
ATOM   1521 O  "O4'" . G   A 1 81 ? -5.012  30.355  4.968   1.00 82.44  ? 89  G   A "O4'" 1 
ATOM   1522 C  "C3'" . G   A 1 81 ? -6.737  31.842  5.455   1.00 81.32  ? 89  G   A "C3'" 1 
ATOM   1523 O  "O3'" . G   A 1 81 ? -7.425  32.941  4.899   1.00 80.26  ? 89  G   A "O3'" 1 
ATOM   1524 C  "C2'" . G   A 1 81 ? -7.376  30.531  5.032   1.00 80.51  ? 89  G   A "C2'" 1 
ATOM   1525 O  "O2'" . G   A 1 81 ? -7.799  30.574  3.692   1.00 79.33  ? 89  G   A "O2'" 1 
ATOM   1526 C  "C1'" . G   A 1 81 ? -6.188  29.579  5.099   1.00 81.24  ? 89  G   A "C1'" 1 
ATOM   1527 N  N9    . G   A 1 81 ? -6.073  28.791  6.317   1.00 81.92  ? 89  G   A N9    1 
ATOM   1528 C  C8    . G   A 1 81 ? -5.235  29.035  7.375   1.00 83.17  ? 89  G   A C8    1 
ATOM   1529 N  N7    . G   A 1 81 ? -5.266  28.093  8.279   1.00 84.40  ? 89  G   A N7    1 
ATOM   1530 C  C5    . G   A 1 81 ? -6.204  27.189  7.798   1.00 82.68  ? 89  G   A C5    1 
ATOM   1531 C  C6    . G   A 1 81 ? -6.657  25.952  8.337   1.00 82.63  ? 89  G   A C6    1 
ATOM   1532 O  O6    . G   A 1 81 ? -6.310  25.389  9.382   1.00 82.05  ? 89  G   A O6    1 
ATOM   1533 N  N1    . G   A 1 81 ? -7.609  25.365  7.520   1.00 81.00  ? 89  G   A N1    1 
ATOM   1534 C  C2    . G   A 1 81 ? -8.070  25.891  6.349   1.00 79.52  ? 89  G   A C2    1 
ATOM   1535 N  N2    . G   A 1 81 ? -9.001  25.181  5.730   1.00 79.65  ? 89  G   A N2    1 
ATOM   1536 N  N3    . G   A 1 81 ? -7.655  27.029  5.831   1.00 78.95  ? 89  G   A N3    1 
ATOM   1537 C  C4    . G   A 1 81 ? -6.728  27.620  6.599   1.00 80.99  ? 89  G   A C4    1 
ATOM   1538 P  P     . C   A 1 82 ? -8.707  33.528  5.644   1.00 81.05  ? 90  C   A P     1 
ATOM   1539 O  OP1   . C   A 1 82 ? -9.344  34.523  4.753   1.00 80.59  ? 90  C   A OP1   1 
ATOM   1540 O  OP2   . C   A 1 82 ? -8.249  33.939  7.001   1.00 78.29  ? 90  C   A OP2   1 
ATOM   1541 O  "O5'" . C   A 1 82 ? -9.727  32.305  5.692   1.00 83.41  ? 90  C   A "O5'" 1 
ATOM   1542 C  "C5'" . C   A 1 82 ? -10.597 32.065  4.586   1.00 88.94  ? 90  C   A "C5'" 1 
ATOM   1543 C  "C4'" . C   A 1 82 ? -11.404 30.794  4.781   1.00 92.37  ? 90  C   A "C4'" 1 
ATOM   1544 O  "O4'" . C   A 1 82 ? -10.537 29.694  5.127   1.00 93.55  ? 90  C   A "O4'" 1 
ATOM   1545 C  "C3'" . C   A 1 82 ? -12.456 30.802  5.867   1.00 94.85  ? 90  C   A "C3'" 1 
ATOM   1546 O  "O3'" . C   A 1 82 ? -13.641 31.332  5.302   1.00 100.93 ? 90  C   A "O3'" 1 
ATOM   1547 C  "C2'" . C   A 1 82 ? -12.637 29.316  6.159   1.00 93.96  ? 90  C   A "C2'" 1 
ATOM   1548 O  "O2'" . C   A 1 82 ? -13.450 28.664  5.213   1.00 92.76  ? 90  C   A "O2'" 1 
ATOM   1549 C  "C1'" . C   A 1 82 ? -11.224 28.785  5.961   1.00 93.39  ? 90  C   A "C1'" 1 
ATOM   1550 N  N1    . C   A 1 82 ? -10.426 28.586  7.177   1.00 93.32  ? 90  C   A N1    1 
ATOM   1551 C  C2    . C   A 1 82 ? -10.623 27.439  7.925   1.00 91.91  ? 90  C   A C2    1 
ATOM   1552 O  O2    . C   A 1 82 ? -11.510 26.656  7.589   1.00 90.07  ? 90  C   A O2    1 
ATOM   1553 N  N3    . C   A 1 82 ? -9.835  27.206  8.991   1.00 92.89  ? 90  C   A N3    1 
ATOM   1554 C  C4    . C   A 1 82 ? -8.880  28.079  9.317   1.00 93.44  ? 90  C   A C4    1 
ATOM   1555 N  N4    . C   A 1 82 ? -8.099  27.794  10.362  1.00 94.76  ? 90  C   A N4    1 
ATOM   1556 C  C5    . C   A 1 82 ? -8.678  29.275  8.587   1.00 93.17  ? 90  C   A C5    1 
ATOM   1557 C  C6    . C   A 1 82 ? -9.472  29.493  7.541   1.00 93.37  ? 90  C   A C6    1 
HETATM 1558 P  PC    . A23 A 1 83 ? -17.473 37.186  6.051   1.00 125.25 ? 91  A23 A PC    1 
HETATM 1559 O  O1C   . A23 A 1 83 ? -18.848 36.916  5.585   1.00 124.83 ? 91  A23 A O1C   1 
HETATM 1560 O  O2C   . A23 A 1 83 ? -17.300 37.824  7.376   1.00 124.30 ? 91  A23 A O2C   1 
HETATM 1561 P  P     . A23 A 1 83 ? -14.392 32.543  6.024   1.00 107.76 ? 91  A23 A P     1 
HETATM 1562 O  OP1   . A23 A 1 83 ? -14.223 32.387  7.485   1.00 108.10 ? 91  A23 A OP1   1 
HETATM 1563 O  OP2   . A23 A 1 83 ? -15.759 32.560  5.439   1.00 107.38 ? 91  A23 A OP2   1 
HETATM 1564 O  "O5'" . A23 A 1 83 ? -13.591 33.849  5.571   1.00 109.87 ? 91  A23 A "O5'" 1 
HETATM 1565 C  "C5'" . A23 A 1 83 ? -13.566 35.010  6.395   1.00 114.04 ? 91  A23 A "C5'" 1 
HETATM 1566 C  "C4'" . A23 A 1 83 ? -14.292 36.159  5.726   1.00 118.21 ? 91  A23 A "C4'" 1 
HETATM 1567 O  "O4'" . A23 A 1 83 ? -13.511 36.781  4.684   1.00 120.20 ? 91  A23 A "O4'" 1 
HETATM 1568 C  "C3'" . A23 A 1 83 ? -15.592 35.830  5.029   1.00 120.97 ? 91  A23 A "C3'" 1 
HETATM 1569 O  "O3'" . A23 A 1 83 ? -16.639 35.792  6.020   1.00 123.27 ? 91  A23 A "O3'" 1 
HETATM 1570 C  "C2'" . A23 A 1 83 ? -15.820 37.047  4.140   1.00 122.62 ? 91  A23 A "C2'" 1 
HETATM 1571 O  "O2'" . A23 A 1 83 ? -16.624 37.980  4.916   1.00 123.88 ? 91  A23 A "O2'" 1 
HETATM 1572 C  "C1'" . A23 A 1 83 ? -14.383 37.519  3.836   1.00 122.97 ? 91  A23 A "C1'" 1 
HETATM 1573 N  N9    . A23 A 1 83 ? -13.933 37.372  2.440   1.00 124.74 ? 91  A23 A N9    1 
HETATM 1574 C  C8    . A23 A 1 83 ? -14.648 36.915  1.361   1.00 124.40 ? 91  A23 A C8    1 
HETATM 1575 N  N7    . A23 A 1 83 ? -13.952 36.847  0.252   1.00 124.39 ? 91  A23 A N7    1 
HETATM 1576 C  C5    . A23 A 1 83 ? -12.694 37.304  0.615   1.00 125.58 ? 91  A23 A C5    1 
HETATM 1577 C  C6    . A23 A 1 83 ? -11.491 37.463  -0.110  1.00 126.49 ? 91  A23 A C6    1 
HETATM 1578 N  N6    . A23 A 1 83 ? -11.355 37.156  -1.404  1.00 126.99 ? 91  A23 A N6    1 
HETATM 1579 N  N1    . A23 A 1 83 ? -10.416 37.950  0.552   1.00 126.18 ? 91  A23 A N1    1 
HETATM 1580 C  C2    . A23 A 1 83 ? -10.546 38.249  1.848   1.00 125.55 ? 91  A23 A C2    1 
HETATM 1581 N  N3    . A23 A 1 83 ? -11.614 38.138  2.639   1.00 125.96 ? 91  A23 A N3    1 
HETATM 1582 C  C4    . A23 A 1 83 ? -12.670 37.651  1.955   1.00 125.55 ? 91  A23 A C4    1 
HETATM 1583 C  CM2   . VIB B 2 .  ? 1.344   -2.565  -4.600  1.00 81.61  ? 101 VIB A CM2   1 
HETATM 1584 N  N4A   . VIB B 2 .  ? -2.850  -4.645  -3.328  1.00 89.63  ? 101 VIB A N4A   1 
HETATM 1585 C  CM4   . VIB B 2 .  ? -3.314  -4.158  1.903   1.00 98.82  ? 101 VIB A CM4   1 
HETATM 1586 O  O1    . VIB B 2 .  ? -2.377  -6.171  6.626   1.00 102.42 ? 101 VIB A O1    1 
HETATM 1587 C  C7    . VIB B 2 .  ? -2.000  -6.398  5.275   1.00 101.30 ? 101 VIB A C7    1 
HETATM 1588 C  C6    . VIB B 2 .  ? -1.884  -5.058  4.522   1.00 102.31 ? 101 VIB A C6    1 
HETATM 1589 C  C2    . VIB B 2 .  ? -0.357  -6.190  0.835   1.00 101.11 ? 101 VIB A C2    1 
HETATM 1590 S  S1    . VIB B 2 .  ? -0.088  -6.316  2.542   1.00 103.74 ? 101 VIB A S1    1 
HETATM 1591 C  C5    . VIB B 2 .  ? -1.481  -5.361  3.096   1.00 101.14 ? 101 VIB A C5    1 
HETATM 1592 C  C4    . VIB B 2 .  ? -2.053  -5.006  1.899   1.00 99.61  ? 101 VIB A C4    1 
HETATM 1593 N  N3    . VIB B 2 .  ? -1.452  -5.446  0.751   1.00 98.25  ? 101 VIB A N3    1 
HETATM 1594 C  C7A   . VIB B 2 .  ? -2.021  -5.122  -0.606  1.00 91.66  ? 101 VIB A C7A   1 
HETATM 1595 C  C4A   . VIB B 2 .  ? -1.564  -4.244  -2.965  1.00 88.05  ? 101 VIB A C4A   1 
HETATM 1596 N  N3A   . VIB B 2 .  ? -0.755  -3.640  -3.888  1.00 85.51  ? 101 VIB A N3A   1 
HETATM 1597 C  C2A   . VIB B 2 .  ? 0.480   -3.244  -3.565  1.00 84.72  ? 101 VIB A C2A   1 
HETATM 1598 N  N1A   . VIB B 2 .  ? 0.953   -3.435  -2.330  1.00 85.51  ? 101 VIB A N1A   1 
HETATM 1599 C  C6A   . VIB B 2 .  ? 0.207   -4.025  -1.361  1.00 86.27  ? 101 VIB A C6A   1 
HETATM 1600 C  C5A   . VIB B 2 .  ? -1.096  -4.455  -1.636  1.00 87.62  ? 101 VIB A C5A   1 
HETATM 1601 MG MG    . MG  C 3 .  ? -6.035  0.396   -0.535  1.00 49.84  ? 102 MG  A MG    1 
HETATM 1602 MG MG    . MG  D 3 .  ? 8.118   10.409  0.418   1.00 77.36  ? 103 MG  A MG    1 
HETATM 1603 MG MG    . MG  E 3 .  ? -11.137 -5.871  -4.737  1.00 77.88  ? 104 MG  A MG    1 
HETATM 1604 MG MG    . MG  F 3 .  ? 6.350   -4.339  -18.576 1.00 84.07  ? 105 MG  A MG    1 
HETATM 1605 MG MG    . MG  G 3 .  ? -1.975  0.023   17.814  1.00 85.60  ? 106 MG  A MG    1 
HETATM 1606 MG MG    . MG  H 3 .  ? -6.514  -2.853  -12.192 1.00 77.98  ? 107 MG  A MG    1 
HETATM 1607 O  O     . HOH I 4 .  ? -7.734  -0.762  0.721   1.00 37.27  ? 201 HOH A O     1 
HETATM 1608 O  O     . HOH I 4 .  ? -9.096  0.455   -11.504 1.00 66.91  ? 202 HOH A O     1 
HETATM 1609 O  O     . HOH I 4 .  ? -3.686  -10.772 -8.481  1.00 65.58  ? 203 HOH A O     1 
HETATM 1610 O  O     . HOH I 4 .  ? -7.624  -3.952  -10.997 1.00 61.27  ? 204 HOH A O     1 
# 
loop_
_pdbx_poly_seq_scheme.asym_id 
_pdbx_poly_seq_scheme.entity_id 
_pdbx_poly_seq_scheme.seq_id 
_pdbx_poly_seq_scheme.mon_id 
_pdbx_poly_seq_scheme.ndb_seq_num 
_pdbx_poly_seq_scheme.pdb_seq_num 
_pdbx_poly_seq_scheme.auth_seq_num 
_pdbx_poly_seq_scheme.pdb_mon_id 
_pdbx_poly_seq_scheme.auth_mon_id 
_pdbx_poly_seq_scheme.pdb_strand_id 
_pdbx_poly_seq_scheme.pdb_ins_code 
_pdbx_poly_seq_scheme.hetero 
A 1 1  G   1  9  9  G   G   A . n 
A 1 2  C   2  10 10 C   C   A . n 
A 1 3  G   3  11 11 G   G   A . n 
A 1 4  A   4  12 12 A   A   A . n 
A 1 5  C   5  13 13 C   C   A . n 
A 1 6  U   6  14 14 U   U   A . n 
A 1 7  C   7  15 15 C   C   A . n 
A 1 8  G   8  16 16 G   G   A . n 
A 1 9  G   9  17 17 G   G   A . n 
A 1 10 G   10 18 18 G   G   A . n 
A 1 11 G   11 19 19 G   G   A . n 
A 1 12 U   12 20 20 U   U   A . n 
A 1 13 G   13 21 21 G   G   A . n 
A 1 14 C   14 22 22 C   C   A . n 
A 1 15 C   15 23 23 C   C   A . n 
A 1 16 C   16 24 24 C   C   A . n 
A 1 17 U   17 25 25 U   U   A . n 
A 1 18 U   18 26 ?  ?   ?   A . n 
A 1 19 C   19 27 ?  ?   ?   A . n 
A 1 20 U   20 28 ?  ?   ?   A . n 
A 1 21 G   21 29 ?  ?   ?   A . n 
A 1 22 C   22 30 30 C   C   A . n 
A 1 23 G   23 31 31 G   G   A . n 
A 1 24 U   24 32 32 U   U   A . n 
A 1 25 G   25 33 33 G   G   A . n 
A 1 26 A   26 34 34 A   A   A . n 
A 1 27 A   27 35 35 A   A   A . n 
A 1 28 G   28 36 36 G   G   A . n 
A 1 29 G   29 37 37 G   G   A . n 
A 1 30 C   30 38 38 C   C   A . n 
A 1 31 U   31 39 39 U   U   A . n 
A 1 32 G   32 40 40 G   G   A . n 
A 1 33 A   33 41 41 A   A   A . n 
A 1 34 G   34 42 42 G   G   A . n 
A 1 35 A   35 43 43 A   A   A . n 
A 1 36 A   36 44 44 A   A   A . n 
A 1 37 A   37 45 45 A   A   A . n 
A 1 38 U   38 46 46 U   U   A . n 
A 1 39 A   39 47 47 A   A   A . n 
A 1 40 C   40 48 48 C   C   A . n 
A 1 41 C   41 49 49 C   C   A . n 
A 1 42 C   42 50 50 C   C   A . n 
A 1 43 G   43 51 51 G   G   A . n 
A 1 44 U   44 52 52 U   U   A . n 
A 1 45 A   45 53 53 A   A   A . n 
A 1 46 U   46 54 54 U   U   A . n 
A 1 47 C   47 55 55 C   C   A . n 
A 1 48 A   48 56 56 A   A   A . n 
A 1 49 C   49 57 57 C   C   A . n 
A 1 50 C   50 58 58 C   C   A . n 
A 1 51 U   51 59 59 U   U   A . n 
A 1 52 G   52 60 60 G   G   A . n 
A 1 53 A   53 61 61 A   A   A . n 
A 1 54 U   54 62 62 U   U   A . n 
A 1 55 C   55 63 63 C   C   A . n 
A 1 56 U   56 64 64 U   U   A . n 
A 1 57 G   57 65 65 G   G   A . n 
A 1 58 G   58 66 66 G   G   A . n 
A 1 59 A   59 67 67 A   A   A . n 
A 1 60 U   60 68 68 U   U   A . n 
A 1 61 A   61 69 69 A   A   A . n 
A 1 62 A   62 70 70 A   A   A . n 
A 1 63 U   63 71 71 U   U   A . n 
A 1 64 G   64 72 72 G   G   A . n 
A 1 65 C   65 73 73 C   C   A . n 
A 1 66 C   66 74 74 C   C   A . n 
A 1 67 A   67 75 75 A   A   A . n 
A 1 68 G   68 76 76 G   G   A . n 
A 1 69 C   69 77 77 C   C   A . n 
A 1 70 G   70 78 78 G   G   A . n 
A 1 71 U   71 79 79 U   U   A . n 
A 1 72 A   72 80 80 A   A   A . n 
A 1 73 G   73 81 81 G   G   A . n 
A 1 74 G   74 82 82 G   G   A . n 
A 1 75 G   75 83 83 G   G   A . n 
A 1 76 A   76 84 84 A   A   A . n 
A 1 77 A   77 85 85 A   A   A . n 
A 1 78 G   78 86 86 G   G   A . n 
A 1 79 U   79 87 87 U   U   A . n 
A 1 80 C   80 88 88 C   C   A . n 
A 1 81 G   81 89 89 G   G   A . n 
A 1 82 C   82 90 90 C   C   A . n 
A 1 83 A23 83 91 91 A23 A23 A . n 
# 
loop_
_pdbx_nonpoly_scheme.asym_id 
_pdbx_nonpoly_scheme.entity_id 
_pdbx_nonpoly_scheme.mon_id 
_pdbx_nonpoly_scheme.ndb_seq_num 
_pdbx_nonpoly_scheme.pdb_seq_num 
_pdbx_nonpoly_scheme.auth_seq_num 
_pdbx_nonpoly_scheme.pdb_mon_id 
_pdbx_nonpoly_scheme.auth_mon_id 
_pdbx_nonpoly_scheme.pdb_strand_id 
_pdbx_nonpoly_scheme.pdb_ins_code 
B 2 VIB 1 101 200 VIB VIB A . 
C 3 MG  1 102 102 MG  MG  A . 
D 3 MG  1 103 103 MG  MG  A . 
E 3 MG  1 104 104 MG  MG  A . 
F 3 MG  1 105 105 MG  MG  A . 
G 3 MG  1 106 108 MG  MG  A . 
H 3 MG  1 107 109 MG  MG  A . 
I 4 HOH 1 201 110 HOH HOH A . 
I 4 HOH 2 202 107 HOH HOH A . 
I 4 HOH 3 203 111 HOH HOH A . 
I 4 HOH 4 204 101 HOH HOH A . 
# 
_pdbx_struct_mod_residue.id               1 
_pdbx_struct_mod_residue.label_asym_id    A 
_pdbx_struct_mod_residue.label_comp_id    A23 
_pdbx_struct_mod_residue.label_seq_id     83 
_pdbx_struct_mod_residue.auth_asym_id     A 
_pdbx_struct_mod_residue.auth_comp_id     A23 
_pdbx_struct_mod_residue.auth_seq_id      91 
_pdbx_struct_mod_residue.PDB_ins_code     ? 
_pdbx_struct_mod_residue.parent_comp_id   A 
_pdbx_struct_mod_residue.details          ? 
# 
_pdbx_struct_assembly.id                   1 
_pdbx_struct_assembly.details              author_and_software_defined_assembly 
_pdbx_struct_assembly.method_details       PISA 
_pdbx_struct_assembly.oligomeric_details   monomeric 
_pdbx_struct_assembly.oligomeric_count     1 
# 
_pdbx_struct_assembly_gen.assembly_id       1 
_pdbx_struct_assembly_gen.oper_expression   1 
_pdbx_struct_assembly_gen.asym_id_list      A,B,C,D,E,F,G,H,I 
# 
_pdbx_struct_oper_list.id                   1 
_pdbx_struct_oper_list.type                 'identity operation' 
_pdbx_struct_oper_list.name                 1_555 
_pdbx_struct_oper_list.symmetry_operation   x,y,z 
_pdbx_struct_oper_list.matrix[1][1]         1.0000000000 
_pdbx_struct_oper_list.matrix[1][2]         0.0000000000 
_pdbx_struct_oper_list.matrix[1][3]         0.0000000000 
_pdbx_struct_oper_list.vector[1]            0.0000000000 
_pdbx_struct_oper_list.matrix[2][1]         0.0000000000 
_pdbx_struct_oper_list.matrix[2][2]         1.0000000000 
_pdbx_struct_oper_list.matrix[2][3]         0.0000000000 
_pdbx_struct_oper_list.vector[2]            0.0000000000 
_pdbx_struct_oper_list.matrix[3][1]         0.0000000000 
_pdbx_struct_oper_list.matrix[3][2]         0.0000000000 
_pdbx_struct_oper_list.matrix[3][3]         1.0000000000 
_pdbx_struct_oper_list.vector[3]            0.0000000000 
# 
loop_
_pdbx_audit_revision_history.ordinal 
_pdbx_audit_revision_history.data_content_type 
_pdbx_audit_revision_history.major_revision 
_pdbx_audit_revision_history.minor_revision 
_pdbx_audit_revision_history.revision_date 
1 'Structure model' 1 0 2014-06-04 
2 'Structure model' 1 1 2023-09-20 
# 
_pdbx_audit_revision_details.ordinal             1 
_pdbx_audit_revision_details.revision_ordinal    1 
_pdbx_audit_revision_details.data_content_type   'Structure model' 
_pdbx_audit_revision_details.provider            repository 
_pdbx_audit_revision_details.type                'Initial release' 
_pdbx_audit_revision_details.description         ? 
_pdbx_audit_revision_details.details             ? 
# 
loop_
_pdbx_audit_revision_group.ordinal 
_pdbx_audit_revision_group.revision_ordinal 
_pdbx_audit_revision_group.data_content_type 
_pdbx_audit_revision_group.group 
1 2 'Structure model' 'Data collection'        
2 2 'Structure model' 'Database references'    
3 2 'Structure model' 'Derived calculations'   
4 2 'Structure model' 'Refinement description' 
5 2 'Structure model' 'Structure summary'      
# 
loop_
_pdbx_audit_revision_category.ordinal 
_pdbx_audit_revision_category.revision_ordinal 
_pdbx_audit_revision_category.data_content_type 
_pdbx_audit_revision_category.category 
1 2 'Structure model' chem_comp                     
2 2 'Structure model' chem_comp_atom                
3 2 'Structure model' chem_comp_bond                
4 2 'Structure model' database_2                    
5 2 'Structure model' pdbx_initial_refinement_model 
6 2 'Structure model' struct_conn                   
7 2 'Structure model' struct_site                   
# 
loop_
_pdbx_audit_revision_item.ordinal 
_pdbx_audit_revision_item.revision_ordinal 
_pdbx_audit_revision_item.data_content_type 
_pdbx_audit_revision_item.item 
1  2 'Structure model' '_chem_comp.pdbx_synonyms'            
2  2 'Structure model' '_database_2.pdbx_DOI'                
3  2 'Structure model' '_database_2.pdbx_database_accession' 
4  2 'Structure model' '_struct_conn.pdbx_dist_value'        
5  2 'Structure model' '_struct_conn.pdbx_leaving_atom_flag' 
6  2 'Structure model' '_struct_conn.ptnr1_auth_comp_id'     
7  2 'Structure model' '_struct_conn.ptnr1_auth_seq_id'      
8  2 'Structure model' '_struct_conn.ptnr1_label_asym_id'    
9  2 'Structure model' '_struct_conn.ptnr1_label_atom_id'    
10 2 'Structure model' '_struct_conn.ptnr1_label_comp_id'    
11 2 'Structure model' '_struct_conn.ptnr1_label_seq_id'     
12 2 'Structure model' '_struct_conn.ptnr2_auth_comp_id'     
13 2 'Structure model' '_struct_conn.ptnr2_auth_seq_id'      
14 2 'Structure model' '_struct_conn.ptnr2_label_asym_id'    
15 2 'Structure model' '_struct_conn.ptnr2_label_atom_id'    
16 2 'Structure model' '_struct_conn.ptnr2_label_comp_id'    
17 2 'Structure model' '_struct_site.pdbx_auth_asym_id'      
18 2 'Structure model' '_struct_site.pdbx_auth_comp_id'      
19 2 'Structure model' '_struct_site.pdbx_auth_seq_id'       
# 
loop_
_software.pdbx_ordinal 
_software.name 
_software.version 
_software.date 
_software.type 
_software.contact_author 
_software.contact_author_email 
_software.classification 
_software.location 
_software.language 
_software.citation_id 
1 SCALEPACK   .    ?                program 'Zbyszek Otwinowski' hkl@hkl-xray.com         'data scaling'    
http://www.hkl-xray.com/                  ?          ? 
2 CNS         .    ?                package 'Axel T. Brunger'    axel.brunger@yale.edu    refinement        http://cns-online.org/ 
Fortran_77 ? 
3 PDB_EXTRACT 3.11 'April 22, 2011' package PDB                  deposit@deposit.rcsb.org 'data extraction' 
http://sw-tools.pdb.org/apps/PDB_EXTRACT/ C++        ? 
4 HKL-2000    .    ?                ?       ?                    ?                        'data collection' ? ?          ? 
5 DENZO       .    ?                ?       ?                    ?                        'data reduction'  ? ?          ? 
6 PHASER      .    ?                ?       ?                    ?                        phasing           ? ?          ? 
# 
_pdbx_validate_close_contact.id               1 
_pdbx_validate_close_contact.PDB_model_num    1 
_pdbx_validate_close_contact.auth_atom_id_1   N7 
_pdbx_validate_close_contact.auth_asym_id_1   A 
_pdbx_validate_close_contact.auth_comp_id_1   A 
_pdbx_validate_close_contact.auth_seq_id_1    41 
_pdbx_validate_close_contact.PDB_ins_code_1   ? 
_pdbx_validate_close_contact.label_alt_id_1   ? 
_pdbx_validate_close_contact.auth_atom_id_2   MG 
_pdbx_validate_close_contact.auth_asym_id_2   A 
_pdbx_validate_close_contact.auth_comp_id_2   MG 
_pdbx_validate_close_contact.auth_seq_id_2    102 
_pdbx_validate_close_contact.PDB_ins_code_2   ? 
_pdbx_validate_close_contact.label_alt_id_2   ? 
_pdbx_validate_close_contact.dist             1.69 
# 
loop_
_pdbx_unobs_or_zero_occ_atoms.id 
_pdbx_unobs_or_zero_occ_atoms.PDB_model_num 
_pdbx_unobs_or_zero_occ_atoms.polymer_flag 
_pdbx_unobs_or_zero_occ_atoms.occupancy_flag 
_pdbx_unobs_or_zero_occ_atoms.auth_asym_id 
_pdbx_unobs_or_zero_occ_atoms.auth_comp_id 
_pdbx_unobs_or_zero_occ_atoms.auth_seq_id 
_pdbx_unobs_or_zero_occ_atoms.PDB_ins_code 
_pdbx_unobs_or_zero_occ_atoms.auth_atom_id 
_pdbx_unobs_or_zero_occ_atoms.label_alt_id 
_pdbx_unobs_or_zero_occ_atoms.label_asym_id 
_pdbx_unobs_or_zero_occ_atoms.label_comp_id 
_pdbx_unobs_or_zero_occ_atoms.label_seq_id 
_pdbx_unobs_or_zero_occ_atoms.label_atom_id 
1   1 Y 1 A C 24 ? N1    ? A C 16 N1    
2   1 Y 1 A C 24 ? C2    ? A C 16 C2    
3   1 Y 1 A C 24 ? O2    ? A C 16 O2    
4   1 Y 1 A C 24 ? N3    ? A C 16 N3    
5   1 Y 1 A C 24 ? C4    ? A C 16 C4    
6   1 Y 1 A C 24 ? N4    ? A C 16 N4    
7   1 Y 1 A C 24 ? C5    ? A C 16 C5    
8   1 Y 1 A C 24 ? C6    ? A C 16 C6    
9   1 Y 1 A G 33 ? N9    ? A G 25 N9    
10  1 Y 1 A G 33 ? C8    ? A G 25 C8    
11  1 Y 1 A G 33 ? N7    ? A G 25 N7    
12  1 Y 1 A G 33 ? C5    ? A G 25 C5    
13  1 Y 1 A G 33 ? C6    ? A G 25 C6    
14  1 Y 1 A G 33 ? O6    ? A G 25 O6    
15  1 Y 1 A G 33 ? N1    ? A G 25 N1    
16  1 Y 1 A G 33 ? C2    ? A G 25 C2    
17  1 Y 1 A G 33 ? N2    ? A G 25 N2    
18  1 Y 1 A G 33 ? N3    ? A G 25 N3    
19  1 Y 1 A G 33 ? C4    ? A G 25 C4    
20  1 Y 1 A A 44 ? N9    ? A A 36 N9    
21  1 Y 1 A A 44 ? C8    ? A A 36 C8    
22  1 Y 1 A A 44 ? N7    ? A A 36 N7    
23  1 Y 1 A A 44 ? C5    ? A A 36 C5    
24  1 Y 1 A A 44 ? C6    ? A A 36 C6    
25  1 Y 1 A A 44 ? N6    ? A A 36 N6    
26  1 Y 1 A A 44 ? N1    ? A A 36 N1    
27  1 Y 1 A A 44 ? C2    ? A A 36 C2    
28  1 Y 1 A A 44 ? N3    ? A A 36 N3    
29  1 Y 1 A A 44 ? C4    ? A A 36 C4    
30  1 Y 1 A U 46 ? "O5'" ? A U 38 "O5'" 
31  1 Y 1 A U 46 ? "C5'" ? A U 38 "C5'" 
32  1 Y 1 A U 46 ? "C4'" ? A U 38 "C4'" 
33  1 Y 1 A U 46 ? "O4'" ? A U 38 "O4'" 
34  1 Y 1 A U 46 ? "C3'" ? A U 38 "C3'" 
35  1 Y 1 A U 46 ? "O3'" ? A U 38 "O3'" 
36  1 Y 1 A U 46 ? "C2'" ? A U 38 "C2'" 
37  1 Y 1 A U 46 ? "O2'" ? A U 38 "O2'" 
38  1 Y 1 A U 46 ? "C1'" ? A U 38 "C1'" 
39  1 Y 1 A U 46 ? N1    ? A U 38 N1    
40  1 Y 1 A U 46 ? C2    ? A U 38 C2    
41  1 Y 1 A U 46 ? O2    ? A U 38 O2    
42  1 Y 1 A U 46 ? N3    ? A U 38 N3    
43  1 Y 1 A U 46 ? C4    ? A U 38 C4    
44  1 Y 1 A U 46 ? O4    ? A U 38 O4    
45  1 Y 1 A U 46 ? C5    ? A U 38 C5    
46  1 Y 1 A U 46 ? C6    ? A U 38 C6    
47  1 Y 1 A A 61 ? N9    ? A A 53 N9    
48  1 Y 1 A A 61 ? C8    ? A A 53 C8    
49  1 Y 1 A A 61 ? N7    ? A A 53 N7    
50  1 Y 1 A A 61 ? C5    ? A A 53 C5    
51  1 Y 1 A A 61 ? C6    ? A A 53 C6    
52  1 Y 1 A A 61 ? N6    ? A A 53 N6    
53  1 Y 1 A A 61 ? N1    ? A A 53 N1    
54  1 Y 1 A A 61 ? C2    ? A A 53 C2    
55  1 Y 1 A A 61 ? N3    ? A A 53 N3    
56  1 Y 1 A A 61 ? C4    ? A A 53 C4    
57  1 Y 1 A U 62 ? N1    ? A U 54 N1    
58  1 Y 1 A U 62 ? C2    ? A U 54 C2    
59  1 Y 1 A U 62 ? O2    ? A U 54 O2    
60  1 Y 1 A U 62 ? N3    ? A U 54 N3    
61  1 Y 1 A U 62 ? C4    ? A U 54 C4    
62  1 Y 1 A U 62 ? O4    ? A U 54 O4    
63  1 Y 1 A U 62 ? C5    ? A U 54 C5    
64  1 Y 1 A U 62 ? C6    ? A U 54 C6    
65  1 Y 1 A C 63 ? N1    ? A C 55 N1    
66  1 Y 1 A C 63 ? C2    ? A C 55 C2    
67  1 Y 1 A C 63 ? O2    ? A C 55 O2    
68  1 Y 1 A C 63 ? N3    ? A C 55 N3    
69  1 Y 1 A C 63 ? C4    ? A C 55 C4    
70  1 Y 1 A C 63 ? N4    ? A C 55 N4    
71  1 Y 1 A C 63 ? C5    ? A C 55 C5    
72  1 Y 1 A C 63 ? C6    ? A C 55 C6    
73  1 Y 1 A U 64 ? "O5'" ? A U 56 "O5'" 
74  1 Y 1 A U 64 ? "C5'" ? A U 56 "C5'" 
75  1 Y 1 A U 64 ? "C4'" ? A U 56 "C4'" 
76  1 Y 1 A U 64 ? "O4'" ? A U 56 "O4'" 
77  1 Y 1 A U 64 ? "C3'" ? A U 56 "C3'" 
78  1 Y 1 A U 64 ? "O3'" ? A U 56 "O3'" 
79  1 Y 1 A U 64 ? "C2'" ? A U 56 "C2'" 
80  1 Y 1 A U 64 ? "O2'" ? A U 56 "O2'" 
81  1 Y 1 A U 64 ? "C1'" ? A U 56 "C1'" 
82  1 Y 1 A U 64 ? N1    ? A U 56 N1    
83  1 Y 1 A U 64 ? C2    ? A U 56 C2    
84  1 Y 1 A U 64 ? O2    ? A U 56 O2    
85  1 Y 1 A U 64 ? N3    ? A U 56 N3    
86  1 Y 1 A U 64 ? C4    ? A U 56 C4    
87  1 Y 1 A U 64 ? O4    ? A U 56 O4    
88  1 Y 1 A U 64 ? C5    ? A U 56 C5    
89  1 Y 1 A U 64 ? C6    ? A U 56 C6    
90  1 Y 1 A G 65 ? P     ? A G 57 P     
91  1 Y 1 A G 65 ? OP1   ? A G 57 OP1   
92  1 Y 1 A G 65 ? OP2   ? A G 57 OP2   
93  1 Y 1 A G 78 ? N9    ? A G 70 N9    
94  1 Y 1 A G 78 ? C8    ? A G 70 C8    
95  1 Y 1 A G 78 ? N7    ? A G 70 N7    
96  1 Y 1 A G 78 ? C5    ? A G 70 C5    
97  1 Y 1 A G 78 ? C6    ? A G 70 C6    
98  1 Y 1 A G 78 ? O6    ? A G 70 O6    
99  1 Y 1 A G 78 ? N1    ? A G 70 N1    
100 1 Y 1 A G 78 ? C2    ? A G 70 C2    
101 1 Y 1 A G 78 ? N2    ? A G 70 N2    
102 1 Y 1 A G 78 ? N3    ? A G 70 N3    
103 1 Y 1 A G 78 ? C4    ? A G 70 C4    
104 1 Y 1 A U 79 ? N1    ? A U 71 N1    
105 1 Y 1 A U 79 ? C2    ? A U 71 C2    
106 1 Y 1 A U 79 ? O2    ? A U 71 O2    
107 1 Y 1 A U 79 ? N3    ? A U 71 N3    
108 1 Y 1 A U 79 ? C4    ? A U 71 C4    
109 1 Y 1 A U 79 ? O4    ? A U 71 O4    
110 1 Y 1 A U 79 ? C5    ? A U 71 C5    
111 1 Y 1 A U 79 ? C6    ? A U 71 C6    
# 
loop_
_pdbx_unobs_or_zero_occ_residues.id 
_pdbx_unobs_or_zero_occ_residues.PDB_model_num 
_pdbx_unobs_or_zero_occ_residues.polymer_flag 
_pdbx_unobs_or_zero_occ_residues.occupancy_flag 
_pdbx_unobs_or_zero_occ_residues.auth_asym_id 
_pdbx_unobs_or_zero_occ_residues.auth_comp_id 
_pdbx_unobs_or_zero_occ_residues.auth_seq_id 
_pdbx_unobs_or_zero_occ_residues.PDB_ins_code 
_pdbx_unobs_or_zero_occ_residues.label_asym_id 
_pdbx_unobs_or_zero_occ_residues.label_comp_id 
_pdbx_unobs_or_zero_occ_residues.label_seq_id 
1 1 Y 1 A U 26 ? A U 18 
2 1 Y 1 A C 27 ? A C 19 
3 1 Y 1 A U 28 ? A U 20 
4 1 Y 1 A G 29 ? A G 21 
# 
loop_
_chem_comp_atom.comp_id 
_chem_comp_atom.atom_id 
_chem_comp_atom.type_symbol 
_chem_comp_atom.pdbx_aromatic_flag 
_chem_comp_atom.pdbx_stereo_config 
_chem_comp_atom.pdbx_ordinal 
A   OP3    O  N N 1   
A   P      P  N N 2   
A   OP1    O  N N 3   
A   OP2    O  N N 4   
A   "O5'"  O  N N 5   
A   "C5'"  C  N N 6   
A   "C4'"  C  N R 7   
A   "O4'"  O  N N 8   
A   "C3'"  C  N S 9   
A   "O3'"  O  N N 10  
A   "C2'"  C  N R 11  
A   "O2'"  O  N N 12  
A   "C1'"  C  N R 13  
A   N9     N  Y N 14  
A   C8     C  Y N 15  
A   N7     N  Y N 16  
A   C5     C  Y N 17  
A   C6     C  Y N 18  
A   N6     N  N N 19  
A   N1     N  Y N 20  
A   C2     C  Y N 21  
A   N3     N  Y N 22  
A   C4     C  Y N 23  
A   HOP3   H  N N 24  
A   HOP2   H  N N 25  
A   "H5'"  H  N N 26  
A   "H5''" H  N N 27  
A   "H4'"  H  N N 28  
A   "H3'"  H  N N 29  
A   "HO3'" H  N N 30  
A   "H2'"  H  N N 31  
A   "HO2'" H  N N 32  
A   "H1'"  H  N N 33  
A   H8     H  N N 34  
A   H61    H  N N 35  
A   H62    H  N N 36  
A   H2     H  N N 37  
A23 PC     P  N S 38  
A23 O1C    O  N N 39  
A23 O2C    O  N N 40  
A23 P      P  N N 41  
A23 OP1    O  N N 42  
A23 OP2    O  N N 43  
A23 OP3    O  N N 44  
A23 "O5'"  O  N N 45  
A23 "C5'"  C  N N 46  
A23 "C4'"  C  N R 47  
A23 "O4'"  O  N N 48  
A23 "C3'"  C  N R 49  
A23 "O3'"  O  N N 50  
A23 "C2'"  C  N R 51  
A23 "O2'"  O  N N 52  
A23 "C1'"  C  N R 53  
A23 N9     N  Y N 54  
A23 C8     C  Y N 55  
A23 N7     N  Y N 56  
A23 C5     C  Y N 57  
A23 C6     C  Y N 58  
A23 N6     N  N N 59  
A23 N1     N  Y N 60  
A23 C2     C  Y N 61  
A23 N3     N  Y N 62  
A23 C4     C  Y N 63  
A23 HOC2   H  N N 64  
A23 HOP2   H  N N 65  
A23 HOP3   H  N N 66  
A23 "H5'"  H  N N 67  
A23 "H5''" H  N N 68  
A23 "H4'"  H  N N 69  
A23 "H3'"  H  N N 70  
A23 "H2'"  H  N N 71  
A23 "H1'"  H  N N 72  
A23 H8     H  N N 73  
A23 HN61   H  N N 74  
A23 HN62   H  N N 75  
A23 H2     H  N N 76  
C   OP3    O  N N 77  
C   P      P  N N 78  
C   OP1    O  N N 79  
C   OP2    O  N N 80  
C   "O5'"  O  N N 81  
C   "C5'"  C  N N 82  
C   "C4'"  C  N R 83  
C   "O4'"  O  N N 84  
C   "C3'"  C  N S 85  
C   "O3'"  O  N N 86  
C   "C2'"  C  N R 87  
C   "O2'"  O  N N 88  
C   "C1'"  C  N R 89  
C   N1     N  N N 90  
C   C2     C  N N 91  
C   O2     O  N N 92  
C   N3     N  N N 93  
C   C4     C  N N 94  
C   N4     N  N N 95  
C   C5     C  N N 96  
C   C6     C  N N 97  
C   HOP3   H  N N 98  
C   HOP2   H  N N 99  
C   "H5'"  H  N N 100 
C   "H5''" H  N N 101 
C   "H4'"  H  N N 102 
C   "H3'"  H  N N 103 
C   "HO3'" H  N N 104 
C   "H2'"  H  N N 105 
C   "HO2'" H  N N 106 
C   "H1'"  H  N N 107 
C   H41    H  N N 108 
C   H42    H  N N 109 
C   H5     H  N N 110 
C   H6     H  N N 111 
G   OP3    O  N N 112 
G   P      P  N N 113 
G   OP1    O  N N 114 
G   OP2    O  N N 115 
G   "O5'"  O  N N 116 
G   "C5'"  C  N N 117 
G   "C4'"  C  N R 118 
G   "O4'"  O  N N 119 
G   "C3'"  C  N S 120 
G   "O3'"  O  N N 121 
G   "C2'"  C  N R 122 
G   "O2'"  O  N N 123 
G   "C1'"  C  N R 124 
G   N9     N  Y N 125 
G   C8     C  Y N 126 
G   N7     N  Y N 127 
G   C5     C  Y N 128 
G   C6     C  N N 129 
G   O6     O  N N 130 
G   N1     N  N N 131 
G   C2     C  N N 132 
G   N2     N  N N 133 
G   N3     N  N N 134 
G   C4     C  Y N 135 
G   HOP3   H  N N 136 
G   HOP2   H  N N 137 
G   "H5'"  H  N N 138 
G   "H5''" H  N N 139 
G   "H4'"  H  N N 140 
G   "H3'"  H  N N 141 
G   "HO3'" H  N N 142 
G   "H2'"  H  N N 143 
G   "HO2'" H  N N 144 
G   "H1'"  H  N N 145 
G   H8     H  N N 146 
G   H1     H  N N 147 
G   H21    H  N N 148 
G   H22    H  N N 149 
HOH O      O  N N 150 
HOH H1     H  N N 151 
HOH H2     H  N N 152 
MG  MG     MG N N 153 
U   OP3    O  N N 154 
U   P      P  N N 155 
U   OP1    O  N N 156 
U   OP2    O  N N 157 
U   "O5'"  O  N N 158 
U   "C5'"  C  N N 159 
U   "C4'"  C  N R 160 
U   "O4'"  O  N N 161 
U   "C3'"  C  N S 162 
U   "O3'"  O  N N 163 
U   "C2'"  C  N R 164 
U   "O2'"  O  N N 165 
U   "C1'"  C  N R 166 
U   N1     N  N N 167 
U   C2     C  N N 168 
U   O2     O  N N 169 
U   N3     N  N N 170 
U   C4     C  N N 171 
U   O4     O  N N 172 
U   C5     C  N N 173 
U   C6     C  N N 174 
U   HOP3   H  N N 175 
U   HOP2   H  N N 176 
U   "H5'"  H  N N 177 
U   "H5''" H  N N 178 
U   "H4'"  H  N N 179 
U   "H3'"  H  N N 180 
U   "HO3'" H  N N 181 
U   "H2'"  H  N N 182 
U   "HO2'" H  N N 183 
U   "H1'"  H  N N 184 
U   H3     H  N N 185 
U   H5     H  N N 186 
U   H6     H  N N 187 
VIB CM2    C  N N 188 
VIB N4A    N  N N 189 
VIB CM4    C  N N 190 
VIB O1     O  N N 191 
VIB C7     C  N N 192 
VIB C6     C  N N 193 
VIB C2     C  Y N 194 
VIB S1     S  Y N 195 
VIB C5     C  Y N 196 
VIB C4     C  Y N 197 
VIB N3     N  Y N 198 
VIB C7A    C  N N 199 
VIB C4A    C  Y N 200 
VIB N3A    N  Y N 201 
VIB C2A    C  Y N 202 
VIB N1A    N  Y N 203 
VIB C6A    C  Y N 204 
VIB C5A    C  Y N 205 
VIB HM21   H  N N 206 
VIB HM22   H  N N 207 
VIB HM23   H  N N 208 
VIB H4A1   H  N N 209 
VIB H4A2   H  N N 210 
VIB HM41   H  N N 211 
VIB HM42   H  N N 212 
VIB HM43   H  N N 213 
VIB HO1    H  N N 214 
VIB HC71   H  N N 215 
VIB HC72   H  N N 216 
VIB HC61   H  N N 217 
VIB HC62   H  N N 218 
VIB HC2    H  N N 219 
VIB H7A1   H  N N 220 
VIB H7A2   H  N N 221 
VIB H6AC   H  N N 222 
# 
loop_
_chem_comp_bond.comp_id 
_chem_comp_bond.atom_id_1 
_chem_comp_bond.atom_id_2 
_chem_comp_bond.value_order 
_chem_comp_bond.pdbx_aromatic_flag 
_chem_comp_bond.pdbx_stereo_config 
_chem_comp_bond.pdbx_ordinal 
A   OP3   P      sing N N 1   
A   OP3   HOP3   sing N N 2   
A   P     OP1    doub N N 3   
A   P     OP2    sing N N 4   
A   P     "O5'"  sing N N 5   
A   OP2   HOP2   sing N N 6   
A   "O5'" "C5'"  sing N N 7   
A   "C5'" "C4'"  sing N N 8   
A   "C5'" "H5'"  sing N N 9   
A   "C5'" "H5''" sing N N 10  
A   "C4'" "O4'"  sing N N 11  
A   "C4'" "C3'"  sing N N 12  
A   "C4'" "H4'"  sing N N 13  
A   "O4'" "C1'"  sing N N 14  
A   "C3'" "O3'"  sing N N 15  
A   "C3'" "C2'"  sing N N 16  
A   "C3'" "H3'"  sing N N 17  
A   "O3'" "HO3'" sing N N 18  
A   "C2'" "O2'"  sing N N 19  
A   "C2'" "C1'"  sing N N 20  
A   "C2'" "H2'"  sing N N 21  
A   "O2'" "HO2'" sing N N 22  
A   "C1'" N9     sing N N 23  
A   "C1'" "H1'"  sing N N 24  
A   N9    C8     sing Y N 25  
A   N9    C4     sing Y N 26  
A   C8    N7     doub Y N 27  
A   C8    H8     sing N N 28  
A   N7    C5     sing Y N 29  
A   C5    C6     sing Y N 30  
A   C5    C4     doub Y N 31  
A   C6    N6     sing N N 32  
A   C6    N1     doub Y N 33  
A   N6    H61    sing N N 34  
A   N6    H62    sing N N 35  
A   N1    C2     sing Y N 36  
A   C2    N3     doub Y N 37  
A   C2    H2     sing N N 38  
A   N3    C4     sing Y N 39  
A23 PC    O1C    doub N N 40  
A23 PC    O2C    sing N N 41  
A23 PC    "O3'"  sing N N 42  
A23 PC    "O2'"  sing N N 43  
A23 O2C   HOC2   sing N N 44  
A23 P     OP1    doub N N 45  
A23 P     OP2    sing N N 46  
A23 P     OP3    sing N N 47  
A23 P     "O5'"  sing N N 48  
A23 OP2   HOP2   sing N N 49  
A23 OP3   HOP3   sing N N 50  
A23 "O5'" "C5'"  sing N N 51  
A23 "C5'" "C4'"  sing N N 52  
A23 "C5'" "H5'"  sing N N 53  
A23 "C5'" "H5''" sing N N 54  
A23 "C4'" "O4'"  sing N N 55  
A23 "C4'" "C3'"  sing N N 56  
A23 "C4'" "H4'"  sing N N 57  
A23 "O4'" "C1'"  sing N N 58  
A23 "C3'" "O3'"  sing N N 59  
A23 "C3'" "C2'"  sing N N 60  
A23 "C3'" "H3'"  sing N N 61  
A23 "C2'" "O2'"  sing N N 62  
A23 "C2'" "C1'"  sing N N 63  
A23 "C2'" "H2'"  sing N N 64  
A23 "C1'" N9     sing N N 65  
A23 "C1'" "H1'"  sing N N 66  
A23 N9    C8     sing Y N 67  
A23 N9    C4     sing Y N 68  
A23 C8    N7     doub Y N 69  
A23 C8    H8     sing N N 70  
A23 N7    C5     sing Y N 71  
A23 C5    C6     sing Y N 72  
A23 C5    C4     doub Y N 73  
A23 C6    N6     sing N N 74  
A23 C6    N1     doub Y N 75  
A23 N6    HN61   sing N N 76  
A23 N6    HN62   sing N N 77  
A23 N1    C2     sing Y N 78  
A23 C2    N3     doub Y N 79  
A23 C2    H2     sing N N 80  
A23 N3    C4     sing Y N 81  
C   OP3   P      sing N N 82  
C   OP3   HOP3   sing N N 83  
C   P     OP1    doub N N 84  
C   P     OP2    sing N N 85  
C   P     "O5'"  sing N N 86  
C   OP2   HOP2   sing N N 87  
C   "O5'" "C5'"  sing N N 88  
C   "C5'" "C4'"  sing N N 89  
C   "C5'" "H5'"  sing N N 90  
C   "C5'" "H5''" sing N N 91  
C   "C4'" "O4'"  sing N N 92  
C   "C4'" "C3'"  sing N N 93  
C   "C4'" "H4'"  sing N N 94  
C   "O4'" "C1'"  sing N N 95  
C   "C3'" "O3'"  sing N N 96  
C   "C3'" "C2'"  sing N N 97  
C   "C3'" "H3'"  sing N N 98  
C   "O3'" "HO3'" sing N N 99  
C   "C2'" "O2'"  sing N N 100 
C   "C2'" "C1'"  sing N N 101 
C   "C2'" "H2'"  sing N N 102 
C   "O2'" "HO2'" sing N N 103 
C   "C1'" N1     sing N N 104 
C   "C1'" "H1'"  sing N N 105 
C   N1    C2     sing N N 106 
C   N1    C6     sing N N 107 
C   C2    O2     doub N N 108 
C   C2    N3     sing N N 109 
C   N3    C4     doub N N 110 
C   C4    N4     sing N N 111 
C   C4    C5     sing N N 112 
C   N4    H41    sing N N 113 
C   N4    H42    sing N N 114 
C   C5    C6     doub N N 115 
C   C5    H5     sing N N 116 
C   C6    H6     sing N N 117 
G   OP3   P      sing N N 118 
G   OP3   HOP3   sing N N 119 
G   P     OP1    doub N N 120 
G   P     OP2    sing N N 121 
G   P     "O5'"  sing N N 122 
G   OP2   HOP2   sing N N 123 
G   "O5'" "C5'"  sing N N 124 
G   "C5'" "C4'"  sing N N 125 
G   "C5'" "H5'"  sing N N 126 
G   "C5'" "H5''" sing N N 127 
G   "C4'" "O4'"  sing N N 128 
G   "C4'" "C3'"  sing N N 129 
G   "C4'" "H4'"  sing N N 130 
G   "O4'" "C1'"  sing N N 131 
G   "C3'" "O3'"  sing N N 132 
G   "C3'" "C2'"  sing N N 133 
G   "C3'" "H3'"  sing N N 134 
G   "O3'" "HO3'" sing N N 135 
G   "C2'" "O2'"  sing N N 136 
G   "C2'" "C1'"  sing N N 137 
G   "C2'" "H2'"  sing N N 138 
G   "O2'" "HO2'" sing N N 139 
G   "C1'" N9     sing N N 140 
G   "C1'" "H1'"  sing N N 141 
G   N9    C8     sing Y N 142 
G   N9    C4     sing Y N 143 
G   C8    N7     doub Y N 144 
G   C8    H8     sing N N 145 
G   N7    C5     sing Y N 146 
G   C5    C6     sing N N 147 
G   C5    C4     doub Y N 148 
G   C6    O6     doub N N 149 
G   C6    N1     sing N N 150 
G   N1    C2     sing N N 151 
G   N1    H1     sing N N 152 
G   C2    N2     sing N N 153 
G   C2    N3     doub N N 154 
G   N2    H21    sing N N 155 
G   N2    H22    sing N N 156 
G   N3    C4     sing N N 157 
HOH O     H1     sing N N 158 
HOH O     H2     sing N N 159 
U   OP3   P      sing N N 160 
U   OP3   HOP3   sing N N 161 
U   P     OP1    doub N N 162 
U   P     OP2    sing N N 163 
U   P     "O5'"  sing N N 164 
U   OP2   HOP2   sing N N 165 
U   "O5'" "C5'"  sing N N 166 
U   "C5'" "C4'"  sing N N 167 
U   "C5'" "H5'"  sing N N 168 
U   "C5'" "H5''" sing N N 169 
U   "C4'" "O4'"  sing N N 170 
U   "C4'" "C3'"  sing N N 171 
U   "C4'" "H4'"  sing N N 172 
U   "O4'" "C1'"  sing N N 173 
U   "C3'" "O3'"  sing N N 174 
U   "C3'" "C2'"  sing N N 175 
U   "C3'" "H3'"  sing N N 176 
U   "O3'" "HO3'" sing N N 177 
U   "C2'" "O2'"  sing N N 178 
U   "C2'" "C1'"  sing N N 179 
U   "C2'" "H2'"  sing N N 180 
U   "O2'" "HO2'" sing N N 181 
U   "C1'" N1     sing N N 182 
U   "C1'" "H1'"  sing N N 183 
U   N1    C2     sing N N 184 
U   N1    C6     sing N N 185 
U   C2    O2     doub N N 186 
U   C2    N3     sing N N 187 
U   N3    C4     sing N N 188 
U   N3    H3     sing N N 189 
U   C4    O4     doub N N 190 
U   C4    C5     sing N N 191 
U   C5    C6     doub N N 192 
U   C5    H5     sing N N 193 
U   C6    H6     sing N N 194 
VIB CM2   C2A    sing N N 195 
VIB CM2   HM21   sing N N 196 
VIB CM2   HM22   sing N N 197 
VIB CM2   HM23   sing N N 198 
VIB N4A   C4A    sing N N 199 
VIB N4A   H4A1   sing N N 200 
VIB N4A   H4A2   sing N N 201 
VIB CM4   C4     sing N N 202 
VIB CM4   HM41   sing N N 203 
VIB CM4   HM42   sing N N 204 
VIB CM4   HM43   sing N N 205 
VIB O1    C7     sing N N 206 
VIB O1    HO1    sing N N 207 
VIB C7    C6     sing N N 208 
VIB C7    HC71   sing N N 209 
VIB C7    HC72   sing N N 210 
VIB C6    C5     sing N N 211 
VIB C6    HC61   sing N N 212 
VIB C6    HC62   sing N N 213 
VIB C2    S1     sing Y N 214 
VIB C2    N3     doub Y N 215 
VIB C2    HC2    sing N N 216 
VIB S1    C5     sing Y N 217 
VIB C5    C4     doub Y N 218 
VIB C4    N3     sing Y N 219 
VIB N3    C7A    sing N N 220 
VIB C7A   C5A    sing N N 221 
VIB C7A   H7A1   sing N N 222 
VIB C7A   H7A2   sing N N 223 
VIB C4A   N3A    sing Y N 224 
VIB C4A   C5A    doub Y N 225 
VIB N3A   C2A    doub Y N 226 
VIB C2A   N1A    sing Y N 227 
VIB N1A   C6A    doub Y N 228 
VIB C6A   C5A    sing Y N 229 
VIB C6A   H6AC   sing N N 230 
# 
loop_
_ndb_struct_conf_na.entry_id 
_ndb_struct_conf_na.feature 
4NYG 'double helix'         
4NYG 'a-form double helix'  
4NYG 'hairpin loop'         
4NYG 'mismatched base pair' 
4NYG 'internal loop'        
4NYG 'three-way junction'   
# 
loop_
_ndb_struct_na_base_pair.model_number 
_ndb_struct_na_base_pair.i_label_asym_id 
_ndb_struct_na_base_pair.i_label_comp_id 
_ndb_struct_na_base_pair.i_label_seq_id 
_ndb_struct_na_base_pair.i_symmetry 
_ndb_struct_na_base_pair.j_label_asym_id 
_ndb_struct_na_base_pair.j_label_comp_id 
_ndb_struct_na_base_pair.j_label_seq_id 
_ndb_struct_na_base_pair.j_symmetry 
_ndb_struct_na_base_pair.shear 
_ndb_struct_na_base_pair.stretch 
_ndb_struct_na_base_pair.stagger 
_ndb_struct_na_base_pair.buckle 
_ndb_struct_na_base_pair.propeller 
_ndb_struct_na_base_pair.opening 
_ndb_struct_na_base_pair.pair_number 
_ndb_struct_na_base_pair.pair_name 
_ndb_struct_na_base_pair.i_auth_asym_id 
_ndb_struct_na_base_pair.i_auth_seq_id 
_ndb_struct_na_base_pair.i_PDB_ins_code 
_ndb_struct_na_base_pair.j_auth_asym_id 
_ndb_struct_na_base_pair.j_auth_seq_id 
_ndb_struct_na_base_pair.j_PDB_ins_code 
_ndb_struct_na_base_pair.hbond_type_28 
_ndb_struct_na_base_pair.hbond_type_12 
1 A G 1  1_555 A C 82 1_555 -0.778 -0.121 -0.034 -0.075  -6.614  2.746   1  A_G9:C90_A  A 9  ? A 90 ? 19 1  
1 A C 2  1_555 A G 81 1_555 -0.405 -0.348 0.671  -10.170 -11.145 -1.971  2  A_C10:G89_A A 10 ? A 89 ? 19 1  
1 A G 3  1_555 A C 80 1_555 -0.500 0.013  0.848  7.895   -1.814  6.143   3  A_G11:C88_A A 11 ? A 88 ? 19 1  
1 A A 4  1_555 A U 79 1_555 -0.185 0.092  0.114  6.388   -18.119 -0.502  4  A_A12:U87_A A 12 ? A 87 ? 20 1  
1 A C 5  1_555 A G 78 1_555 0.208  0.283  1.089  -11.808 -10.825 -0.681  5  A_C13:G86_A A 13 ? A 86 ? ?  1  
1 A C 7  1_555 A G 43 1_555 -0.811 -0.395 0.444  -4.826  -7.780  -9.655  6  A_C15:G51_A A 15 ? A 51 ? 19 1  
1 A G 8  1_555 A C 42 1_555 -0.958 -0.110 -0.245 -5.636  -15.737 7.585   7  A_G16:C50_A A 16 ? A 50 ? 19 1  
1 A G 9  1_555 A C 41 1_555 -0.009 -0.113 0.353  -12.988 -13.141 1.646   8  A_G17:C49_A A 17 ? A 49 ? 19 1  
1 A G 10 1_555 A C 40 1_555 -1.314 -0.448 -0.056 -4.272  -17.512 -10.653 9  A_G18:C48_A A 18 ? A 48 ? ?  1  
1 A G 11 1_555 A A 39 1_555 -0.099 1.412  -0.086 1.198   -18.494 -26.083 10 A_G19:A47_A A 19 ? A 47 ? 8  1  
1 A U 12 1_555 A A 37 1_555 -0.570 -0.176 -0.410 11.771  9.840   2.516   11 A_U20:A45_A A 20 ? A 45 ? 20 1  
1 A G 28 1_555 A C 15 1_555 -0.654 -0.450 0.011  1.429   -18.590 -4.258  12 A_G36:C23_A A 36 ? A 23 ? 19 1  
1 A G 29 1_555 A C 14 1_555 -0.324 0.251  0.232  -2.505  -9.770  9.415   13 A_G37:C22_A A 37 ? A 22 ? ?  1  
1 A C 30 1_555 A G 13 1_555 0.909  0.169  0.655  -16.284 0.764   -5.123  14 A_C38:G21_A A 38 ? A 21 ? 19 1  
1 A U 31 1_555 A A 35 1_555 4.323  -2.160 0.327  3.927   5.830   -95.361 15 A_U39:A43_A A 39 ? A 43 ? 24 4  
1 A A 45 1_555 A A 76 1_555 6.689  -5.190 -0.184 -17.078 18.868  158.127 16 A_A53:A84_A A 53 ? A 84 ? ?  ?  
1 A A 48 1_555 A G 75 1_555 -6.633 -4.360 0.588  14.496  -24.602 -20.098 17 A_A56:G83_A A 56 ? A 83 ? 11 10 
1 A C 49 1_555 A G 74 1_555 0.750  0.137  0.260  15.417  -13.890 -2.770  18 A_C57:G82_A A 57 ? A 82 ? 19 1  
1 A C 50 1_555 A G 73 1_555 0.315  -0.313 0.503  -5.449  -3.703  -4.193  19 A_C58:G81_A A 58 ? A 81 ? 19 1  
1 A U 51 1_555 A A 72 1_555 1.456  -0.630 1.128  -9.878  -8.302  0.336   20 A_U59:A80_A A 59 ? A 80 ? 20 1  
1 A G 52 1_555 A C 69 1_555 -0.064 -0.642 -2.311 27.008  -7.084  41.533  21 A_G60:C77_A A 60 ? A 77 ? ?  1  
1 A G 58 1_555 A C 66 1_555 0.959  -0.089 1.085  -13.676 28.136  53.809  22 A_G66:C74_A A 66 ? A 74 ? ?  1  
# 
loop_
_ndb_struct_na_base_pair_step.model_number 
_ndb_struct_na_base_pair_step.i_label_asym_id_1 
_ndb_struct_na_base_pair_step.i_label_comp_id_1 
_ndb_struct_na_base_pair_step.i_label_seq_id_1 
_ndb_struct_na_base_pair_step.i_symmetry_1 
_ndb_struct_na_base_pair_step.j_label_asym_id_1 
_ndb_struct_na_base_pair_step.j_label_comp_id_1 
_ndb_struct_na_base_pair_step.j_label_seq_id_1 
_ndb_struct_na_base_pair_step.j_symmetry_1 
_ndb_struct_na_base_pair_step.i_label_asym_id_2 
_ndb_struct_na_base_pair_step.i_label_comp_id_2 
_ndb_struct_na_base_pair_step.i_label_seq_id_2 
_ndb_struct_na_base_pair_step.i_symmetry_2 
_ndb_struct_na_base_pair_step.j_label_asym_id_2 
_ndb_struct_na_base_pair_step.j_label_comp_id_2 
_ndb_struct_na_base_pair_step.j_label_seq_id_2 
_ndb_struct_na_base_pair_step.j_symmetry_2 
_ndb_struct_na_base_pair_step.shift 
_ndb_struct_na_base_pair_step.slide 
_ndb_struct_na_base_pair_step.rise 
_ndb_struct_na_base_pair_step.tilt 
_ndb_struct_na_base_pair_step.roll 
_ndb_struct_na_base_pair_step.twist 
_ndb_struct_na_base_pair_step.x_displacement 
_ndb_struct_na_base_pair_step.y_displacement 
_ndb_struct_na_base_pair_step.helical_rise 
_ndb_struct_na_base_pair_step.inclination 
_ndb_struct_na_base_pair_step.tip 
_ndb_struct_na_base_pair_step.helical_twist 
_ndb_struct_na_base_pair_step.step_number 
_ndb_struct_na_base_pair_step.step_name 
_ndb_struct_na_base_pair_step.i_auth_asym_id_1 
_ndb_struct_na_base_pair_step.i_auth_seq_id_1 
_ndb_struct_na_base_pair_step.i_PDB_ins_code_1 
_ndb_struct_na_base_pair_step.j_auth_asym_id_1 
_ndb_struct_na_base_pair_step.j_auth_seq_id_1 
_ndb_struct_na_base_pair_step.j_PDB_ins_code_1 
_ndb_struct_na_base_pair_step.i_auth_asym_id_2 
_ndb_struct_na_base_pair_step.i_auth_seq_id_2 
_ndb_struct_na_base_pair_step.i_PDB_ins_code_2 
_ndb_struct_na_base_pair_step.j_auth_asym_id_2 
_ndb_struct_na_base_pair_step.j_auth_seq_id_2 
_ndb_struct_na_base_pair_step.j_PDB_ins_code_2 
1 A G 1  1_555 A C 82 1_555 A C 2  1_555 A G 81 1_555 0.046  -1.313 3.427 -4.148  2.925   34.096   -2.686  -0.741 3.279 4.954   
7.025   34.460   1  AA_G9C10:G89C90_AA  A 9  ? A 90 ? A 10 ? A 89 ? 
1 A C 2  1_555 A G 81 1_555 A G 3  1_555 A C 80 1_555 0.389  -1.547 2.481 0.494   -1.210  34.111   -2.489  -0.603 2.538 -2.061  
-0.841  34.136   2  AA_C10G11:C88G89_AA A 10 ? A 89 ? A 11 ? A 88 ? 
1 A G 3  1_555 A C 80 1_555 A A 4  1_555 A U 79 1_555 -0.315 -1.459 3.100 7.272   7.406   34.311   -3.326  1.447  2.620 12.211  
-11.991 35.801   3  AA_G11A12:U87C88_AA A 11 ? A 88 ? A 12 ? A 87 ? 
1 A A 4  1_555 A U 79 1_555 A C 5  1_555 A G 78 1_555 -0.153 -1.477 3.488 -7.746  12.079  38.735   -3.415  -0.627 2.898 17.497  
11.220  41.212   4  AA_A12C13:G86U87_AA A 12 ? A 87 ? A 13 ? A 86 ? 
1 A C 5  1_555 A G 78 1_555 A C 7  1_555 A G 43 1_555 0.229  -2.643 6.205 3.167   -1.149  65.298   -2.357  0.036  6.250 -1.064  
-2.933  65.376   5  AA_C13C15:G51G86_AA A 13 ? A 86 ? A 15 ? A 51 ? 
1 A C 7  1_555 A G 43 1_555 A G 8  1_555 A C 42 1_555 1.740  -1.610 3.267 4.894   4.690   31.210   -3.784  -2.272 3.226 8.590   
-8.964  31.920   6  AA_C15G16:C50G51_AA A 15 ? A 51 ? A 16 ? A 50 ? 
1 A G 8  1_555 A C 42 1_555 A G 9  1_555 A C 41 1_555 -0.777 -1.377 3.265 -5.165  6.916   41.945   -2.565  0.560  3.081 9.540   
7.124   42.785   7  AA_G16G17:C49C50_AA A 16 ? A 50 ? A 17 ? A 49 ? 
1 A G 9  1_555 A C 41 1_555 A G 10 1_555 A C 40 1_555 -0.440 -2.067 2.970 3.918   8.619   22.743   -6.928  1.977  1.964 20.739  
-9.427  24.611   8  AA_G17G18:C48C49_AA A 17 ? A 49 ? A 18 ? A 48 ? 
1 A G 10 1_555 A C 40 1_555 A G 11 1_555 A A 39 1_555 -0.560 -0.640 3.182 1.760   3.867   42.369   -1.256  0.942  3.090 5.334   
-2.428  42.572   9  AA_G18G19:A47C48_AA A 18 ? A 48 ? A 19 ? A 47 ? 
1 A G 11 1_555 A A 39 1_555 A U 12 1_555 A A 37 1_555 -0.197 -0.347 3.260 6.167   10.594  -4.461   -11.123 6.496  1.492 -60.566 
35.253  -13.042  10 AA_G19U20:A45A47_AA A 19 ? A 47 ? A 20 ? A 45 ? 
1 A G 28 1_555 A C 15 1_555 A G 29 1_555 A C 14 1_555 -0.169 -1.890 3.351 -6.822  3.499   32.971   -3.813  -0.812 3.112 6.063   
11.822  33.827   11 AA_G36G37:C22C23_AA A 36 ? A 23 ? A 37 ? A 22 ? 
1 A G 29 1_555 A C 14 1_555 A C 30 1_555 A G 13 1_555 -0.975 -1.829 3.609 -0.790  8.682   44.013   -3.231  1.203  3.226 11.452  
1.042   44.826   12 AA_G37C38:G21C22_AA A 37 ? A 22 ? A 38 ? A 21 ? 
1 A C 30 1_555 A G 13 1_555 A U 31 1_555 A A 35 1_555 -2.915 -1.186 2.723 12.721  5.291   68.051   -1.188  2.913  2.131 4.679   
-11.249 69.267   13 AA_C38U39:A43G21_AA A 38 ? A 21 ? A 39 ? A 43 ? 
1 A A 45 1_555 A A 76 1_555 A A 48 1_555 A G 75 1_555 -1.809 -2.351 2.026 148.275 -87.588 -165.266 1.242   -0.792 2.056 43.810  
74.165  -179.002 14 AA_A53A56:G83A84_AA A 53 ? A 84 ? A 56 ? A 83 ? 
1 A A 48 1_555 A G 75 1_555 A C 49 1_555 A G 74 1_555 1.579  -1.563 3.376 -3.947  10.920  63.813   -1.912  -1.638 3.010 10.241  
3.702   64.751   15 AA_A56C57:G82G83_AA A 56 ? A 83 ? A 57 ? A 82 ? 
1 A C 49 1_555 A G 74 1_555 A C 50 1_555 A G 73 1_555 -0.759 -1.610 3.840 -2.205  4.361   32.783   -3.667  0.904  3.643 7.674   
3.879   33.135   16 AA_C57C58:G81G82_AA A 57 ? A 82 ? A 58 ? A 81 ? 
1 A C 50 1_555 A G 73 1_555 A U 51 1_555 A A 72 1_555 0.642  -1.613 3.259 1.790   4.867   41.980   -2.721  -0.711 3.085 6.763   
-2.487  42.284   17 AA_C58U59:A80G81_AA A 58 ? A 81 ? A 59 ? A 80 ? 
1 A U 51 1_555 A A 72 1_555 A G 52 1_555 A C 69 1_555 2.236  -0.252 4.132 3.949   9.488   15.568   -7.527  -4.097 3.799 31.004  
-12.903 18.636   18 AA_U59G60:C77A80_AA A 59 ? A 80 ? A 60 ? A 77 ? 
# 
loop_
_pdbx_entity_nonpoly.entity_id 
_pdbx_entity_nonpoly.name 
_pdbx_entity_nonpoly.comp_id 
2 '3-(4-AMINO-2-METHYL-PYRIMIDIN-5-YLMETHYL)-5-(2-HYDROXY-ETHYL)-4-METHYL-THIAZOL-3-IUM' VIB 
3 'MAGNESIUM ION'                                                                        MG  
4 water                                                                                  HOH 
# 
_pdbx_initial_refinement_model.id               1 
_pdbx_initial_refinement_model.entity_id_list   ? 
_pdbx_initial_refinement_model.type             'experimental model' 
_pdbx_initial_refinement_model.source_name      PDB 
_pdbx_initial_refinement_model.accession_code   2HOJ 
_pdbx_initial_refinement_model.details          'PDB ENTRY 2HOJ' 
# 
